data_8VRT
#
_entry.id   8VRT
#
_cell.length_a   1.00
_cell.length_b   1.00
_cell.length_c   1.00
_cell.angle_alpha   90.00
_cell.angle_beta   90.00
_cell.angle_gamma   90.00
#
_symmetry.space_group_name_H-M   'P 1'
#
loop_
_entity.id
_entity.type
_entity.pdbx_description
1 polymer 'Kelch repeat and BTB domain-containing protein 4'
2 polymer 'Histone deacetylase 1'
3 polymer 'REST corepressor 1'
4 non-polymer 'ZINC ION'
5 non-polymer 'INOSITOL HEXAKISPHOSPHATE'
#
loop_
_entity_poly.entity_id
_entity_poly.type
_entity_poly.pdbx_seq_one_letter_code
_entity_poly.pdbx_strand_id
1 'polypeptide(L)'
;MESPEEPGASMDENYFVNYTFKDRSHSGRVAQGIMKLCLEEELFADVTISVEGREFQLHRLVLSAQSCFFRSMFTSNLKE
AHNRVIVLQDVSESVFQLLVDYIYHGTVKLRAEELQEIYEVSDMYQLTSLFEECSRFLARTVQVGNCLQVMWLADRHSDP
ELYTAAKHCAKTHLAQLQNTEEFLHLPHRLLTDIISDGVPCSQNPTEAIEAWINFNKEEREAFAESLRTSLKEIGENVHI
YLIGKESSRTHSLAVSLHCAEDDSISVSGQNSLCHQITAACKHGGDLYVVGGSIPRPRRMWKCNNATVDWEWCAPLPRDR
LQHTLVSVPGKDAIYSLGGKTLQDTLSNAVIYYRVGDNVWTETTQLEVAVSGAAGANLNGIIYLLGGEENDLDFFTKPSR
LIQCFDTETDKCHVKPYVLPFAGRMHAAVHKDLVFIVAEGDSLVCYNPLLDSFTRLCLPEAWSSAPSLWKIASCNGSIYV
FRDRYKKGDANTYKLDPATSAVTVTRGIKVLLTNLQFVLA
;
A,B
2 'polypeptide(L)'
;MAQTQGTRRKVCYYYDGDVGNYYYGQGHPMKPHRIRMTHNLLLNYGLYRKMEIYRPHKANAEEMTKYHSDDYIKFLRSIR
PDNMSEYSKQMQRFNVGEDCPVFDGLFEFCQLSTGGSVASAVKLNKQQTDIAVNWAGGLHHAKKSEASGFCYVNDIVLAI
LELLKYHQRVLYIDIDIHHGDGVEEAFYTTDRVMTVSFHKYGEYFPGTGDLRDIGAGKGKYYAVNYPLRDGIDDESYEAI
FKPVMSKVMEMFQPSAVVLQCGSDSLSGDRLGCFNLTIKGHAKCVEFVKSFNLPMLMLGGGGYTIRNVARCWTYETAVAL
DTEIPNELPYNDYFEYFGPDFKLHISPSNMTNQNTNEYLEKIKQRLFENLRMLPHAPGVQMQAIPEDAIPEESGDEDEDD
PDKRISICSSDKRIACEEEFSDSEEEGEGGRKNSSNFKKAKRVKTEDEKEKDPEEKKEVTEEEKTKEEKPEAKGVKEEVK
LA
;
C
3 'polypeptide(L)'
;MSWEEGSSGSSSDEEHGGGGMRVGPQYQAVVPDFDPAKLARRSQERDNLGMLVWSPNQNLSEAKLDEYIAIAKEKHGYNM
EQALGMLFWHKHNIEKSLADLPNFTPFPDEWTVEDKVLFEQAFSFHGKTFHRIQQMLPDKSIASLVKFYYSWKKTRTKTS
VMDRHARKQKREREESEDELEEANGNNPIDIEVDQNKESKKEVPPTETVPQVKKEKHSTQAKNRAKRKPPKGMFLSQEDV
EAVSANATAATTVLRQLDMELVSVKRQIQNIKQTNSALKEKLDGGIEPYRLPEVIQKCNARWTTEEQLLAVQAIRKYGRD
FQAISDVIGNKSVVQVKNFFVNYRRRFNIDEVLQEWEAEHGKEETNGPSNQKPVKSPDNSIKMPEEEDEAPVLDVRYASA
S
;
D
#
loop_
_chem_comp.id
_chem_comp.type
_chem_comp.name
_chem_comp.formula
IHP non-polymer 'INOSITOL HEXAKISPHOSPHATE' 'C6 H18 O24 P6'
ZN non-polymer 'ZINC ION' 'Zn 2'
#
# COMPACT_ATOMS: atom_id res chain seq x y z
N PRO A 7 18.77 -17.25 1.10
CA PRO A 7 18.78 -18.43 1.95
C PRO A 7 18.37 -19.70 1.21
N GLY A 8 19.33 -20.59 0.97
CA GLY A 8 19.04 -21.83 0.28
C GLY A 8 18.18 -22.76 1.13
N ALA A 9 17.43 -23.63 0.44
CA ALA A 9 16.58 -24.62 1.10
C ALA A 9 17.42 -25.86 1.37
N SER A 10 17.97 -25.95 2.57
CA SER A 10 18.83 -27.07 2.95
C SER A 10 17.98 -28.33 3.12
N MET A 11 18.43 -29.42 2.50
CA MET A 11 17.69 -30.68 2.58
C MET A 11 17.84 -31.35 3.94
N ASP A 12 19.05 -31.34 4.50
CA ASP A 12 19.36 -32.11 5.70
C ASP A 12 19.05 -31.37 6.99
N GLU A 13 18.53 -30.16 6.90
CA GLU A 13 18.20 -29.34 8.07
C GLU A 13 16.69 -29.25 8.20
N ASN A 14 16.17 -29.55 9.39
CA ASN A 14 14.77 -29.31 9.71
C ASN A 14 14.67 -28.79 11.13
N TYR A 15 13.61 -28.03 11.39
CA TYR A 15 13.48 -27.28 12.63
C TYR A 15 12.87 -28.10 13.75
N PHE A 16 12.78 -29.42 13.61
CA PHE A 16 12.25 -30.28 14.65
C PHE A 16 13.22 -31.36 15.10
N VAL A 17 14.32 -31.57 14.38
CA VAL A 17 15.31 -32.58 14.75
C VAL A 17 16.68 -31.93 14.87
N ASN A 18 17.15 -31.29 13.81
CA ASN A 18 18.51 -30.78 13.75
C ASN A 18 18.58 -29.63 12.76
N TYR A 19 19.12 -28.51 13.20
CA TYR A 19 19.30 -27.37 12.30
C TYR A 19 20.38 -26.45 12.86
N THR A 20 20.87 -25.56 11.99
CA THR A 20 21.95 -24.65 12.32
C THR A 20 21.38 -23.28 12.68
N PHE A 21 21.71 -22.81 13.88
CA PHE A 21 21.23 -21.53 14.37
C PHE A 21 22.31 -20.48 14.16
N LYS A 22 22.02 -19.49 13.32
CA LYS A 22 22.95 -18.43 13.00
C LYS A 22 22.44 -17.13 13.61
N ASP A 23 23.28 -16.49 14.42
CA ASP A 23 22.89 -15.30 15.16
C ASP A 23 23.44 -14.06 14.45
N ARG A 24 22.54 -13.11 14.16
CA ARG A 24 22.90 -11.93 13.41
C ARG A 24 23.10 -10.70 14.28
N SER A 25 22.77 -10.78 15.57
CA SER A 25 23.08 -9.72 16.52
C SER A 25 24.38 -9.97 17.25
N HIS A 26 25.11 -11.03 16.90
CA HIS A 26 26.30 -11.41 17.66
C HIS A 26 27.44 -10.42 17.44
N SER A 27 27.62 -9.95 16.20
CA SER A 27 28.71 -9.04 15.90
C SER A 27 28.55 -7.72 16.63
N GLY A 28 27.34 -7.15 16.60
CA GLY A 28 27.09 -5.91 17.29
C GLY A 28 27.23 -6.04 18.80
N ARG A 29 26.72 -7.15 19.34
CA ARG A 29 26.84 -7.39 20.78
C ARG A 29 28.30 -7.52 21.19
N VAL A 30 29.11 -8.25 20.42
CA VAL A 30 30.52 -8.41 20.74
C VAL A 30 31.23 -7.07 20.67
N ALA A 31 30.96 -6.29 19.62
CA ALA A 31 31.62 -5.00 19.47
C ALA A 31 31.26 -4.06 20.62
N GLN A 32 29.97 -3.97 20.95
CA GLN A 32 29.54 -3.08 22.02
C GLN A 32 30.13 -3.52 23.36
N GLY A 33 30.08 -4.82 23.66
CA GLY A 33 30.63 -5.30 24.91
C GLY A 33 32.13 -5.06 25.02
N ILE A 34 32.86 -5.29 23.93
CA ILE A 34 34.30 -5.10 23.99
C ILE A 34 34.65 -3.63 24.13
N MET A 35 33.91 -2.75 23.46
CA MET A 35 34.14 -1.32 23.62
C MET A 35 33.89 -0.88 25.06
N LYS A 36 32.75 -1.31 25.61
CA LYS A 36 32.40 -0.92 26.98
C LYS A 36 33.45 -1.42 27.97
N LEU A 37 33.80 -2.71 27.89
CA LEU A 37 34.78 -3.27 28.82
C LEU A 37 36.13 -2.60 28.68
N CYS A 38 36.57 -2.34 27.44
CA CYS A 38 37.93 -1.83 27.25
C CYS A 38 38.04 -0.36 27.63
N LEU A 39 36.96 0.41 27.52
CA LEU A 39 37.05 1.84 27.82
C LEU A 39 36.40 2.24 29.13
N GLU A 40 35.11 1.95 29.33
CA GLU A 40 34.41 2.47 30.50
C GLU A 40 34.94 1.84 31.79
N GLU A 41 35.21 0.54 31.77
CA GLU A 41 35.71 -0.15 32.96
C GLU A 41 37.22 -0.33 32.95
N GLU A 42 37.85 -0.41 31.78
CA GLU A 42 39.29 -0.64 31.67
C GLU A 42 39.71 -1.93 32.37
N LEU A 43 39.22 -3.06 31.87
CA LEU A 43 39.59 -4.35 32.42
C LEU A 43 40.36 -5.17 31.39
N PHE A 44 41.07 -6.18 31.89
CA PHE A 44 41.81 -7.13 31.06
C PHE A 44 42.84 -6.45 30.17
N ALA A 45 43.47 -5.40 30.68
CA ALA A 45 44.57 -4.78 29.94
C ALA A 45 45.74 -5.75 29.84
N ASP A 46 46.25 -5.95 28.63
CA ASP A 46 47.26 -6.96 28.38
C ASP A 46 48.60 -6.38 27.94
N VAL A 47 48.62 -5.49 26.96
CA VAL A 47 49.86 -4.90 26.47
C VAL A 47 49.83 -3.41 26.76
N THR A 48 51.01 -2.84 26.96
CA THR A 48 51.16 -1.43 27.30
C THR A 48 51.94 -0.72 26.21
N ILE A 49 51.39 0.37 25.70
CA ILE A 49 52.01 1.17 24.65
C ILE A 49 52.33 2.54 25.21
N SER A 50 53.57 2.99 25.03
CA SER A 50 54.03 4.29 25.50
C SER A 50 54.39 5.14 24.28
N VAL A 51 53.80 6.33 24.20
CA VAL A 51 54.08 7.28 23.12
C VAL A 51 54.40 8.62 23.76
N GLU A 52 55.63 9.10 23.55
CA GLU A 52 56.07 10.41 24.05
C GLU A 52 55.86 10.54 25.56
N GLY A 53 56.08 9.44 26.28
CA GLY A 53 55.95 9.45 27.73
C GLY A 53 54.56 9.20 28.25
N ARG A 54 53.53 9.29 27.41
CA ARG A 54 52.17 9.00 27.82
C ARG A 54 51.91 7.51 27.69
N GLU A 55 51.25 6.94 28.69
CA GLU A 55 51.09 5.50 28.81
C GLU A 55 49.66 5.10 28.48
N PHE A 56 49.50 4.21 27.52
CA PHE A 56 48.20 3.67 27.15
C PHE A 56 48.15 2.19 27.46
N GLN A 57 46.97 1.72 27.89
CA GLN A 57 46.71 0.31 28.12
C GLN A 57 45.83 -0.20 26.99
N LEU A 58 46.31 -1.21 26.26
CA LEU A 58 45.58 -1.73 25.12
C LEU A 58 45.53 -3.25 25.18
N HIS A 59 44.61 -3.82 24.40
CA HIS A 59 44.41 -5.25 24.32
C HIS A 59 44.95 -5.76 23.00
N ARG A 60 45.81 -6.78 23.07
CA ARG A 60 46.43 -7.29 21.85
C ARG A 60 45.41 -7.94 20.92
N LEU A 61 44.31 -8.44 21.48
CA LEU A 61 43.31 -9.11 20.64
C LEU A 61 42.65 -8.13 19.68
N VAL A 62 42.18 -7.00 20.18
CA VAL A 62 41.48 -6.03 19.33
C VAL A 62 42.45 -5.45 18.29
N LEU A 63 43.66 -5.09 18.74
CA LEU A 63 44.65 -4.51 17.84
C LEU A 63 45.01 -5.48 16.73
N SER A 64 45.24 -6.76 17.07
CA SER A 64 45.56 -7.74 16.06
C SER A 64 44.34 -8.07 15.19
N ALA A 65 43.14 -7.83 15.70
CA ALA A 65 41.94 -8.08 14.91
C ALA A 65 41.72 -7.00 13.85
N GLN A 66 42.08 -5.76 14.16
CA GLN A 66 41.79 -4.68 13.22
C GLN A 66 42.97 -4.30 12.33
N SER A 67 44.20 -4.43 12.82
CA SER A 67 45.38 -4.03 12.05
C SER A 67 46.34 -5.20 11.91
N CYS A 68 46.87 -5.38 10.71
CA CYS A 68 47.83 -6.45 10.46
C CYS A 68 49.22 -6.11 11.00
N PHE A 69 49.57 -4.82 11.00
CA PHE A 69 50.88 -4.42 11.53
C PHE A 69 51.00 -4.79 13.00
N PHE A 70 49.97 -4.51 13.78
CA PHE A 70 50.02 -4.83 15.21
C PHE A 70 50.00 -6.33 15.42
N ARG A 71 49.30 -7.08 14.56
CA ARG A 71 49.30 -8.53 14.66
C ARG A 71 50.69 -9.10 14.42
N SER A 72 51.39 -8.58 13.41
CA SER A 72 52.76 -9.03 13.15
C SER A 72 53.70 -8.60 14.27
N MET A 73 53.48 -7.41 14.81
CA MET A 73 54.34 -6.91 15.88
C MET A 73 54.18 -7.72 17.17
N PHE A 74 52.95 -8.11 17.49
CA PHE A 74 52.67 -8.81 18.74
C PHE A 74 53.10 -10.28 18.70
N THR A 75 53.13 -10.89 17.52
CA THR A 75 53.47 -12.31 17.39
C THR A 75 54.95 -12.56 17.20
N SER A 76 55.78 -11.52 17.23
CA SER A 76 57.22 -11.70 17.08
C SER A 76 57.79 -12.45 18.28
N ASN A 77 58.88 -13.16 18.04
CA ASN A 77 59.54 -13.95 19.07
C ASN A 77 60.52 -13.12 19.91
N LEU A 78 60.72 -11.85 19.58
CA LEU A 78 61.66 -11.02 20.31
C LEU A 78 61.13 -10.72 21.72
N LYS A 79 62.06 -10.37 22.61
CA LYS A 79 61.68 -10.07 23.99
C LYS A 79 60.81 -8.82 24.07
N GLU A 80 60.95 -7.90 23.12
CA GLU A 80 60.13 -6.68 23.14
C GLU A 80 58.64 -7.00 23.04
N ALA A 81 58.28 -7.99 22.24
CA ALA A 81 56.88 -8.41 22.16
C ALA A 81 56.39 -8.92 23.51
N HIS A 82 57.21 -9.69 24.20
CA HIS A 82 56.87 -10.19 25.53
C HIS A 82 57.11 -9.16 26.63
N ASN A 83 57.80 -8.06 26.33
CA ASN A 83 57.96 -6.99 27.30
C ASN A 83 56.62 -6.32 27.56
N ARG A 84 56.43 -5.88 28.81
CA ARG A 84 55.15 -5.27 29.17
C ARG A 84 54.97 -3.91 28.49
N VAL A 85 56.04 -3.12 28.42
CA VAL A 85 55.99 -1.78 27.85
C VAL A 85 56.60 -1.83 26.45
N ILE A 86 56.00 -1.08 25.53
CA ILE A 86 56.50 -0.95 24.15
C ILE A 86 56.49 0.52 23.79
N VAL A 87 57.59 1.00 23.21
CA VAL A 87 57.80 2.41 22.95
C VAL A 87 57.59 2.67 21.46
N LEU A 88 56.72 3.62 21.14
CA LEU A 88 56.49 4.10 19.79
C LEU A 88 56.95 5.54 19.68
N GLN A 89 57.79 5.83 18.69
CA GLN A 89 58.38 7.16 18.55
C GLN A 89 58.03 7.86 17.25
N ASP A 90 57.25 7.24 16.38
CA ASP A 90 56.91 7.83 15.08
C ASP A 90 55.63 8.66 15.14
N VAL A 91 54.69 8.29 16.01
CA VAL A 91 53.35 8.88 16.02
C VAL A 91 53.25 9.87 17.15
N SER A 92 52.62 11.01 16.88
CA SER A 92 52.33 11.97 17.93
C SER A 92 51.28 11.41 18.88
N GLU A 93 51.26 11.94 20.11
CA GLU A 93 50.36 11.41 21.14
C GLU A 93 48.91 11.62 20.76
N SER A 94 48.56 12.80 20.24
CA SER A 94 47.16 13.08 19.91
C SER A 94 46.67 12.20 18.77
N VAL A 95 47.50 12.00 17.74
CA VAL A 95 47.09 11.17 16.61
C VAL A 95 46.95 9.72 17.05
N PHE A 96 47.83 9.25 17.94
CA PHE A 96 47.69 7.89 18.44
C PHE A 96 46.44 7.76 19.31
N GLN A 97 46.10 8.80 20.06
CA GLN A 97 44.84 8.79 20.81
C GLN A 97 43.65 8.68 19.86
N LEU A 98 43.69 9.42 18.75
CA LEU A 98 42.63 9.32 17.76
C LEU A 98 42.56 7.92 17.16
N LEU A 99 43.72 7.31 16.91
CA LEU A 99 43.73 5.96 16.33
C LEU A 99 43.18 4.93 17.32
N VAL A 100 43.53 5.06 18.60
CA VAL A 100 42.96 4.17 19.62
C VAL A 100 41.45 4.35 19.70
N ASP A 101 41.00 5.60 19.67
CA ASP A 101 39.56 5.88 19.67
C ASP A 101 38.88 5.23 18.48
N TYR A 102 39.48 5.31 17.31
CA TYR A 102 38.88 4.67 16.13
C TYR A 102 38.89 3.15 16.27
N ILE A 103 39.99 2.59 16.77
CA ILE A 103 40.13 1.14 16.84
C ILE A 103 39.10 0.56 17.80
N TYR A 104 38.89 1.20 18.96
CA TYR A 104 37.97 0.66 19.93
C TYR A 104 36.52 1.10 19.67
N HIS A 105 36.27 2.41 19.68
CA HIS A 105 34.91 2.90 19.50
C HIS A 105 34.41 2.70 18.08
N GLY A 106 35.21 3.07 17.08
CA GLY A 106 34.78 3.05 15.71
C GLY A 106 34.44 4.39 15.11
N THR A 107 34.49 5.47 15.88
CA THR A 107 34.29 6.81 15.38
C THR A 107 35.47 7.69 15.79
N VAL A 108 35.82 8.64 14.92
CA VAL A 108 36.97 9.50 15.15
C VAL A 108 36.63 10.87 14.58
N LYS A 109 37.09 11.91 15.27
CA LYS A 109 36.81 13.30 14.89
C LYS A 109 37.95 13.79 13.99
N LEU A 110 37.78 13.58 12.69
CA LEU A 110 38.79 14.02 11.73
C LEU A 110 38.79 15.54 11.61
N ARG A 111 39.99 16.09 11.39
CA ARG A 111 40.12 17.52 11.20
C ARG A 111 41.30 17.81 10.29
N ALA A 112 41.32 19.01 9.72
CA ALA A 112 42.26 19.32 8.65
C ALA A 112 43.68 19.51 9.19
N GLU A 113 43.81 19.91 10.45
CA GLU A 113 45.15 20.20 10.98
C GLU A 113 45.98 18.93 11.12
N GLU A 114 45.36 17.82 11.49
CA GLU A 114 46.06 16.56 11.71
C GLU A 114 45.86 15.56 10.58
N LEU A 115 45.28 15.98 9.46
CA LEU A 115 44.88 15.05 8.41
C LEU A 115 46.05 14.34 7.75
N GLN A 116 47.10 15.08 7.42
CA GLN A 116 48.24 14.46 6.75
C GLN A 116 48.93 13.45 7.65
N GLU A 117 49.10 13.80 8.93
CA GLU A 117 49.71 12.88 9.88
C GLU A 117 48.85 11.63 10.09
N ILE A 118 47.53 11.81 10.20
CA ILE A 118 46.65 10.67 10.36
C ILE A 118 46.71 9.78 9.12
N TYR A 119 46.76 10.39 7.94
CA TYR A 119 46.90 9.65 6.70
C TYR A 119 48.16 8.80 6.70
N GLU A 120 49.31 9.40 6.99
CA GLU A 120 50.57 8.67 6.96
C GLU A 120 50.59 7.55 7.99
N VAL A 121 50.12 7.83 9.21
CA VAL A 121 50.18 6.83 10.27
C VAL A 121 49.21 5.69 9.98
N SER A 122 47.98 6.01 9.55
CA SER A 122 47.04 4.96 9.18
C SER A 122 47.54 4.12 8.02
N ASP A 123 48.32 4.70 7.10
CA ASP A 123 49.02 3.89 6.13
C ASP A 123 50.06 2.98 6.77
N MET A 124 50.80 3.48 7.76
CA MET A 124 51.79 2.65 8.44
C MET A 124 51.15 1.49 9.20
N TYR A 125 50.04 1.74 9.89
CA TYR A 125 49.41 0.74 10.75
C TYR A 125 48.42 -0.15 10.01
N GLN A 126 48.25 0.05 8.70
CA GLN A 126 47.42 -0.80 7.86
C GLN A 126 45.96 -0.82 8.33
N LEU A 127 45.44 0.35 8.66
CA LEU A 127 44.02 0.55 8.93
C LEU A 127 43.39 1.00 7.61
N THR A 128 42.85 0.03 6.87
CA THR A 128 42.42 0.29 5.49
C THR A 128 41.26 1.28 5.43
N SER A 129 40.28 1.12 6.32
CA SER A 129 39.08 1.97 6.24
C SER A 129 39.40 3.41 6.60
N LEU A 130 40.12 3.62 7.70
CA LEU A 130 40.51 4.99 8.07
C LEU A 130 41.44 5.59 7.03
N PHE A 131 42.33 4.78 6.46
CA PHE A 131 43.22 5.28 5.41
C PHE A 131 42.43 5.73 4.20
N GLU A 132 41.43 4.95 3.77
CA GLU A 132 40.62 5.34 2.62
C GLU A 132 39.81 6.59 2.90
N GLU A 133 39.22 6.69 4.10
CA GLU A 133 38.47 7.89 4.43
C GLU A 133 39.37 9.12 4.50
N CYS A 134 40.58 8.96 5.03
CA CYS A 134 41.52 10.07 5.08
C CYS A 134 41.97 10.47 3.68
N SER A 135 42.15 9.49 2.80
CA SER A 135 42.47 9.80 1.41
C SER A 135 41.35 10.58 0.74
N ARG A 136 40.11 10.18 0.98
CA ARG A 136 38.98 10.91 0.41
C ARG A 136 38.92 12.33 0.96
N PHE A 137 39.09 12.49 2.27
CA PHE A 137 39.00 13.82 2.87
C PHE A 137 40.18 14.69 2.45
N LEU A 138 41.31 14.08 2.13
CA LEU A 138 42.45 14.84 1.64
C LEU A 138 42.26 15.23 0.18
N ALA A 139 41.59 14.40 -0.60
CA ALA A 139 41.27 14.75 -1.98
C ALA A 139 40.23 15.85 -2.03
N ARG A 140 39.32 15.89 -1.05
CA ARG A 140 38.31 16.95 -0.99
C ARG A 140 38.95 18.31 -0.76
N THR A 141 39.96 18.38 0.11
CA THR A 141 40.52 19.64 0.56
C THR A 141 41.74 20.08 -0.25
N VAL A 142 42.04 19.41 -1.36
CA VAL A 142 43.21 19.78 -2.16
C VAL A 142 42.96 21.12 -2.83
N GLN A 143 44.00 21.95 -2.89
CA GLN A 143 43.92 23.27 -3.50
C GLN A 143 45.16 23.49 -4.36
N VAL A 144 45.22 24.65 -5.02
CA VAL A 144 46.35 24.98 -5.88
C VAL A 144 47.61 25.20 -5.05
N GLY A 145 47.45 25.62 -3.79
CA GLY A 145 48.60 25.91 -2.95
C GLY A 145 49.35 24.69 -2.44
N ASN A 146 48.72 23.52 -2.43
CA ASN A 146 49.37 22.32 -1.92
C ASN A 146 49.09 21.11 -2.81
N CYS A 147 48.81 21.34 -4.10
CA CYS A 147 48.55 20.23 -5.00
C CYS A 147 49.81 19.40 -5.24
N LEU A 148 50.98 20.04 -5.26
CA LEU A 148 52.21 19.29 -5.49
C LEU A 148 52.64 18.51 -4.25
N GLN A 149 52.36 19.05 -3.06
CA GLN A 149 52.64 18.30 -1.84
C GLN A 149 51.78 17.05 -1.78
N VAL A 150 50.50 17.16 -2.19
CA VAL A 150 49.63 15.99 -2.25
C VAL A 150 50.09 15.03 -3.34
N MET A 151 50.57 15.58 -4.47
CA MET A 151 51.26 14.74 -5.46
C MET A 151 52.31 13.86 -4.79
N TRP A 152 53.24 14.48 -4.08
CA TRP A 152 54.36 13.74 -3.51
C TRP A 152 53.89 12.75 -2.45
N LEU A 153 52.93 13.17 -1.62
CA LEU A 153 52.42 12.28 -0.59
C LEU A 153 51.75 11.05 -1.18
N ALA A 154 50.80 11.25 -2.10
CA ALA A 154 50.09 10.12 -2.67
C ALA A 154 51.01 9.25 -3.52
N ASP A 155 52.07 9.84 -4.08
CA ASP A 155 53.05 9.04 -4.81
C ASP A 155 53.88 8.19 -3.86
N ARG A 156 54.26 8.74 -2.70
CA ARG A 156 55.00 7.95 -1.72
C ARG A 156 54.13 6.82 -1.17
N HIS A 157 52.84 7.08 -0.96
CA HIS A 157 51.97 6.12 -0.31
C HIS A 157 51.22 5.21 -1.27
N SER A 158 51.48 5.31 -2.57
CA SER A 158 50.88 4.44 -3.59
C SER A 158 49.35 4.47 -3.50
N ASP A 159 48.80 5.67 -3.62
CA ASP A 159 47.36 5.88 -3.59
C ASP A 159 46.92 6.44 -4.93
N PRO A 160 46.14 5.70 -5.73
CA PRO A 160 45.81 6.17 -7.08
C PRO A 160 44.75 7.26 -7.12
N GLU A 161 43.74 7.18 -6.25
CA GLU A 161 42.64 8.14 -6.31
C GLU A 161 43.11 9.55 -5.91
N LEU A 162 43.83 9.64 -4.79
CA LEU A 162 44.36 10.94 -4.37
C LEU A 162 45.34 11.48 -5.40
N TYR A 163 46.18 10.61 -5.97
CA TYR A 163 47.12 11.05 -6.99
C TYR A 163 46.40 11.60 -8.22
N THR A 164 45.33 10.93 -8.64
CA THR A 164 44.57 11.42 -9.79
C THR A 164 43.90 12.76 -9.49
N ALA A 165 43.31 12.90 -8.29
CA ALA A 165 42.69 14.17 -7.94
C ALA A 165 43.72 15.31 -7.89
N ALA A 166 44.87 15.05 -7.28
CA ALA A 166 45.92 16.06 -7.22
C ALA A 166 46.45 16.39 -8.62
N LYS A 167 46.57 15.38 -9.47
CA LYS A 167 47.01 15.62 -10.85
C LYS A 167 46.03 16.51 -11.59
N HIS A 168 44.73 16.23 -11.44
CA HIS A 168 43.72 17.07 -12.08
C HIS A 168 43.79 18.50 -11.57
N CYS A 169 43.89 18.68 -10.26
CA CYS A 169 43.93 20.02 -9.69
C CYS A 169 45.18 20.77 -10.14
N ALA A 170 46.31 20.06 -10.26
CA ALA A 170 47.55 20.72 -10.62
C ALA A 170 47.62 21.05 -12.11
N LYS A 171 47.11 20.16 -12.96
CA LYS A 171 47.15 20.44 -14.40
C LYS A 171 46.10 21.47 -14.80
N THR A 172 45.00 21.55 -14.06
CA THR A 172 44.00 22.57 -14.37
C THR A 172 44.41 23.94 -13.85
N HIS A 173 45.50 24.02 -13.09
CA HIS A 173 46.06 25.28 -12.61
C HIS A 173 47.57 25.32 -12.84
N LEU A 174 48.01 24.82 -14.00
CA LEU A 174 49.45 24.73 -14.26
C LEU A 174 50.08 26.11 -14.41
N ALA A 175 49.35 27.06 -14.99
CA ALA A 175 49.91 28.39 -15.21
C ALA A 175 50.20 29.10 -13.90
N GLN A 176 49.41 28.82 -12.86
CA GLN A 176 49.66 29.44 -11.56
C GLN A 176 50.87 28.81 -10.87
N LEU A 177 51.26 27.60 -11.27
CA LEU A 177 52.39 26.91 -10.68
C LEU A 177 53.70 27.18 -11.41
N GLN A 178 53.70 28.05 -12.42
CA GLN A 178 54.91 28.35 -13.17
C GLN A 178 56.02 28.91 -12.29
N ASN A 179 55.68 29.83 -11.38
CA ASN A 179 56.66 30.52 -10.57
C ASN A 179 56.84 29.89 -9.19
N THR A 180 56.11 28.82 -8.88
CA THR A 180 56.19 28.20 -7.57
C THR A 180 57.52 27.47 -7.40
N GLU A 181 58.08 27.56 -6.20
CA GLU A 181 59.36 26.93 -5.93
C GLU A 181 59.26 25.41 -5.96
N GLU A 182 58.11 24.86 -5.56
CA GLU A 182 57.93 23.42 -5.57
C GLU A 182 57.97 22.86 -6.99
N PHE A 183 57.42 23.61 -7.95
CA PHE A 183 57.41 23.15 -9.33
C PHE A 183 58.82 23.02 -9.89
N LEU A 184 59.73 23.91 -9.50
CA LEU A 184 61.09 23.85 -10.00
C LEU A 184 61.82 22.60 -9.52
N HIS A 185 61.49 22.13 -8.31
CA HIS A 185 62.12 20.94 -7.73
C HIS A 185 61.32 19.67 -8.02
N LEU A 186 60.30 19.75 -8.86
CA LEU A 186 59.45 18.60 -9.13
C LEU A 186 60.26 17.51 -9.85
N PRO A 187 60.19 16.26 -9.41
CA PRO A 187 60.86 15.18 -10.14
C PRO A 187 60.35 15.08 -11.56
N HIS A 188 61.23 14.62 -12.46
CA HIS A 188 60.90 14.57 -13.88
C HIS A 188 59.72 13.64 -14.15
N ARG A 189 59.61 12.53 -13.41
CA ARG A 189 58.50 11.61 -13.63
C ARG A 189 57.17 12.27 -13.31
N LEU A 190 57.11 13.05 -12.23
CA LEU A 190 55.87 13.75 -11.87
C LEU A 190 55.49 14.76 -12.94
N LEU A 191 56.47 15.51 -13.47
CA LEU A 191 56.18 16.47 -14.53
C LEU A 191 55.71 15.76 -15.80
N THR A 192 56.33 14.64 -16.14
CA THR A 192 55.89 13.86 -17.29
C THR A 192 54.44 13.43 -17.11
N ASP A 193 54.09 12.94 -15.92
CA ASP A 193 52.73 12.49 -15.67
C ASP A 193 51.74 13.65 -15.70
N ILE A 194 52.14 14.81 -15.16
CA ILE A 194 51.21 15.94 -15.09
C ILE A 194 50.98 16.53 -16.47
N ILE A 195 51.97 16.51 -17.36
CA ILE A 195 51.76 17.08 -18.69
C ILE A 195 51.20 16.05 -19.68
N SER A 196 51.43 14.76 -19.46
CA SER A 196 50.93 13.75 -20.38
C SER A 196 49.46 13.40 -20.15
N ASP A 197 48.90 13.82 -19.02
CA ASP A 197 47.49 13.53 -18.75
C ASP A 197 46.55 14.39 -19.57
N GLY A 198 47.05 15.50 -20.14
CA GLY A 198 46.23 16.40 -20.91
C GLY A 198 46.02 17.72 -20.20
N VAL A 199 46.79 18.73 -20.60
CA VAL A 199 46.77 20.05 -19.98
C VAL A 199 46.05 21.01 -20.93
N PRO A 200 45.12 21.83 -20.44
CA PRO A 200 44.49 22.81 -21.32
C PRO A 200 45.50 23.78 -21.91
N CYS A 201 45.28 24.15 -23.17
CA CYS A 201 46.24 24.99 -23.88
C CYS A 201 46.35 26.39 -23.29
N SER A 202 45.36 26.82 -22.51
CA SER A 202 45.42 28.16 -21.92
C SER A 202 46.46 28.26 -20.82
N GLN A 203 46.91 27.13 -20.27
CA GLN A 203 47.87 27.16 -19.18
C GLN A 203 49.31 27.35 -19.65
N ASN A 204 49.55 27.32 -20.96
CA ASN A 204 50.88 27.39 -21.56
C ASN A 204 51.81 26.35 -20.95
N PRO A 205 51.61 25.06 -21.22
CA PRO A 205 52.53 24.05 -20.68
C PRO A 205 53.96 24.19 -21.17
N THR A 206 54.15 24.67 -22.40
CA THR A 206 55.50 24.82 -22.93
C THR A 206 56.31 25.82 -22.09
N GLU A 207 55.66 26.85 -21.56
CA GLU A 207 56.33 27.76 -20.65
C GLU A 207 56.76 27.04 -19.38
N ALA A 208 55.92 26.13 -18.88
CA ALA A 208 56.27 25.36 -17.69
C ALA A 208 57.49 24.49 -17.94
N ILE A 209 57.52 23.81 -19.08
CA ILE A 209 58.68 22.98 -19.41
C ILE A 209 59.92 23.85 -19.56
N GLU A 210 59.79 25.00 -20.22
CA GLU A 210 60.95 25.89 -20.39
C GLU A 210 61.49 26.37 -19.05
N ALA A 211 60.60 26.76 -18.14
CA ALA A 211 61.04 27.21 -16.82
C ALA A 211 61.69 26.08 -16.04
N TRP A 212 61.12 24.87 -16.10
CA TRP A 212 61.69 23.73 -15.38
C TRP A 212 63.08 23.41 -15.89
N ILE A 213 63.28 23.45 -17.21
CA ILE A 213 64.61 23.22 -17.76
C ILE A 213 65.56 24.35 -17.37
N ASN A 214 65.08 25.59 -17.44
CA ASN A 214 65.93 26.74 -17.13
C ASN A 214 66.33 26.79 -15.67
N PHE A 215 65.60 26.10 -14.78
CA PHE A 215 65.99 26.06 -13.38
C PHE A 215 67.36 25.41 -13.23
N ASN A 216 67.55 24.22 -13.80
CA ASN A 216 68.83 23.50 -13.80
C ASN A 216 69.03 22.89 -15.18
N LYS A 217 69.69 23.64 -16.06
CA LYS A 217 69.89 23.19 -17.43
C LYS A 217 70.92 22.08 -17.52
N GLU A 218 71.97 22.16 -16.68
CA GLU A 218 73.08 21.22 -16.77
C GLU A 218 72.68 19.77 -16.49
N GLU A 219 71.53 19.55 -15.85
CA GLU A 219 71.08 18.21 -15.54
C GLU A 219 69.75 17.83 -16.20
N ARG A 220 68.92 18.80 -16.56
CA ARG A 220 67.60 18.54 -17.11
C ARG A 220 67.54 18.71 -18.62
N GLU A 221 68.69 18.92 -19.28
CA GLU A 221 68.69 19.09 -20.73
C GLU A 221 68.34 17.79 -21.44
N ALA A 222 68.81 16.65 -20.91
CA ALA A 222 68.59 15.37 -21.57
C ALA A 222 67.13 14.96 -21.61
N PHE A 223 66.30 15.53 -20.72
CA PHE A 223 64.88 15.18 -20.66
C PHE A 223 64.01 16.06 -21.55
N ALA A 224 64.61 17.00 -22.28
CA ALA A 224 63.82 17.94 -23.08
C ALA A 224 63.04 17.22 -24.17
N GLU A 225 63.71 16.36 -24.93
CA GLU A 225 63.05 15.66 -26.03
C GLU A 225 61.95 14.73 -25.52
N SER A 226 62.21 14.01 -24.44
CA SER A 226 61.21 13.12 -23.87
C SER A 226 60.01 13.91 -23.37
N LEU A 227 60.26 15.05 -22.72
CA LEU A 227 59.18 15.87 -22.21
C LEU A 227 58.32 16.43 -23.35
N ARG A 228 58.97 16.89 -24.42
CA ARG A 228 58.22 17.44 -25.55
C ARG A 228 57.43 16.36 -26.28
N THR A 229 58.03 15.19 -26.49
CA THR A 229 57.35 14.12 -27.21
C THR A 229 56.12 13.61 -26.45
N SER A 230 56.22 13.51 -25.13
CA SER A 230 55.13 12.99 -24.31
C SER A 230 54.10 14.05 -23.94
N LEU A 231 54.31 15.30 -24.36
CA LEU A 231 53.36 16.37 -24.04
C LEU A 231 52.06 16.16 -24.80
N LYS A 232 50.95 16.15 -24.07
CA LYS A 232 49.62 15.99 -24.65
C LYS A 232 48.77 17.19 -24.23
N GLU A 233 48.14 17.83 -25.20
CA GLU A 233 47.33 19.00 -24.97
C GLU A 233 45.90 18.79 -25.47
N ILE A 234 44.97 19.47 -24.79
CA ILE A 234 43.54 19.45 -25.16
C ILE A 234 43.14 20.92 -25.28
N GLY A 235 41.91 21.23 -25.69
CA GLY A 235 41.51 22.63 -25.92
C GLY A 235 41.09 23.33 -24.66
N GLU A 236 39.97 24.05 -24.71
CA GLU A 236 39.57 24.94 -23.59
C GLU A 236 38.04 25.12 -23.58
N ASN A 237 37.40 24.86 -22.43
CA ASN A 237 35.92 25.00 -22.34
C ASN A 237 35.46 25.07 -20.88
N VAL A 238 36.24 25.66 -19.96
CA VAL A 238 35.76 25.86 -18.55
C VAL A 238 34.43 26.62 -18.65
N HIS A 239 33.29 25.97 -18.41
CA HIS A 239 32.04 26.71 -18.71
C HIS A 239 30.90 26.54 -17.70
N ILE A 240 29.96 27.49 -17.71
CA ILE A 240 28.74 27.44 -16.85
C ILE A 240 27.63 28.06 -17.70
N TYR A 241 26.93 27.27 -18.51
CA TYR A 241 25.85 27.71 -19.38
C TYR A 241 24.72 28.29 -18.54
N LEU A 242 24.23 29.45 -18.95
CA LEU A 242 23.09 30.12 -18.33
C LEU A 242 21.97 30.21 -19.35
N ILE A 243 20.86 29.57 -19.08
CA ILE A 243 19.70 29.58 -19.97
C ILE A 243 18.60 30.39 -19.30
N GLY A 244 18.03 31.33 -20.04
CA GLY A 244 16.99 32.16 -19.49
C GLY A 244 16.20 32.85 -20.57
N LYS A 245 15.24 33.68 -20.13
CA LYS A 245 14.38 34.42 -21.03
C LYS A 245 14.51 35.91 -20.72
N GLU A 246 14.49 36.72 -21.78
CA GLU A 246 14.46 38.17 -21.59
C GLU A 246 13.02 38.65 -21.44
N SER A 247 12.87 39.79 -20.77
CA SER A 247 11.53 40.34 -20.53
C SER A 247 10.86 40.74 -21.84
N SER A 248 11.60 41.35 -22.76
CA SER A 248 11.03 41.91 -23.97
C SER A 248 10.90 40.89 -25.11
N ARG A 249 11.43 39.67 -24.94
CA ARG A 249 11.37 38.66 -25.98
C ARG A 249 10.79 37.38 -25.41
N THR A 250 10.15 36.60 -26.28
CA THR A 250 9.58 35.31 -25.93
C THR A 250 10.47 34.14 -26.30
N HIS A 251 11.70 34.42 -26.72
CA HIS A 251 12.64 33.38 -27.12
C HIS A 251 13.71 33.22 -26.06
N SER A 252 13.99 31.97 -25.70
CA SER A 252 15.00 31.67 -24.70
C SER A 252 16.39 32.01 -25.23
N LEU A 253 17.20 32.62 -24.36
CA LEU A 253 18.55 33.04 -24.71
C LEU A 253 19.53 32.29 -23.81
N ALA A 254 20.52 31.65 -24.42
CA ALA A 254 21.50 30.85 -23.70
C ALA A 254 22.85 31.56 -23.73
N VAL A 255 23.44 31.73 -22.56
CA VAL A 255 24.74 32.41 -22.42
C VAL A 255 25.74 31.40 -21.92
N SER A 256 26.91 31.34 -22.56
CA SER A 256 28.00 30.47 -22.15
C SER A 256 29.12 31.33 -21.59
N LEU A 257 29.34 31.24 -20.27
CA LEU A 257 30.33 32.06 -19.58
C LEU A 257 31.64 31.28 -19.43
N HIS A 258 32.75 32.01 -19.48
CA HIS A 258 34.06 31.42 -19.27
C HIS A 258 34.62 31.90 -17.94
N CYS A 259 35.04 30.96 -17.11
CA CYS A 259 35.57 31.26 -15.77
C CYS A 259 37.07 31.44 -15.87
N ALA A 260 37.55 32.65 -15.62
CA ALA A 260 38.98 32.93 -15.66
C ALA A 260 39.65 32.48 -14.37
N GLU A 261 40.98 32.41 -14.41
CA GLU A 261 41.75 31.97 -13.26
C GLU A 261 41.82 33.01 -12.15
N ASP A 262 41.47 34.27 -12.45
CA ASP A 262 41.52 35.35 -11.47
C ASP A 262 40.14 35.67 -10.89
N ASP A 263 39.28 34.67 -10.72
CA ASP A 263 37.96 34.82 -10.12
C ASP A 263 37.10 35.83 -10.88
N SER A 264 37.25 35.90 -12.20
CA SER A 264 36.42 36.74 -13.04
C SER A 264 35.72 35.85 -14.06
N ILE A 265 34.41 36.06 -14.21
CA ILE A 265 33.60 35.29 -15.15
C ILE A 265 33.31 36.19 -16.34
N SER A 266 33.72 35.74 -17.53
CA SER A 266 33.56 36.51 -18.76
C SER A 266 32.69 35.73 -19.74
N VAL A 267 31.88 36.47 -20.50
CA VAL A 267 31.02 35.84 -21.50
C VAL A 267 31.87 35.37 -22.66
N SER A 268 31.72 34.09 -23.01
CA SER A 268 32.41 33.53 -24.17
C SER A 268 31.55 33.56 -25.42
N GLY A 269 30.24 33.54 -25.28
CA GLY A 269 29.35 33.60 -26.41
C GLY A 269 27.92 33.51 -25.95
N GLN A 270 26.99 33.70 -26.89
CA GLN A 270 25.58 33.60 -26.60
C GLN A 270 24.87 33.00 -27.80
N ASN A 271 23.69 32.44 -27.55
CA ASN A 271 22.89 31.81 -28.58
C ASN A 271 21.42 31.95 -28.20
N SER A 272 20.56 31.95 -29.22
CA SER A 272 19.13 32.12 -29.03
C SER A 272 18.39 31.00 -29.74
N LEU A 273 17.31 30.52 -29.11
CA LEU A 273 16.48 29.46 -29.65
C LEU A 273 15.03 29.91 -29.65
N CYS A 274 14.30 29.54 -30.71
CA CYS A 274 12.97 30.06 -30.96
C CYS A 274 11.86 29.12 -30.49
N HIS A 275 12.12 28.34 -29.45
CA HIS A 275 11.11 27.45 -28.87
C HIS A 275 11.26 27.43 -27.36
N GLN A 276 10.18 27.06 -26.68
CA GLN A 276 10.22 26.90 -25.24
C GLN A 276 10.96 25.61 -24.89
N ILE A 277 11.77 25.65 -23.83
CA ILE A 277 12.55 24.50 -23.38
C ILE A 277 12.11 24.16 -21.96
N THR A 278 11.83 22.86 -21.74
CA THR A 278 11.37 22.39 -20.45
C THR A 278 12.47 21.73 -19.61
N ALA A 279 13.62 21.45 -20.21
CA ALA A 279 14.75 20.88 -19.47
C ALA A 279 16.03 21.13 -20.25
N ALA A 280 17.16 21.03 -19.56
CA ALA A 280 18.46 21.22 -20.18
C ALA A 280 19.53 20.53 -19.35
N CYS A 281 20.59 20.11 -20.02
CA CYS A 281 21.72 19.47 -19.34
C CYS A 281 22.98 19.77 -20.11
N LYS A 282 24.11 19.65 -19.41
CA LYS A 282 25.42 19.90 -20.00
C LYS A 282 26.20 18.60 -20.04
N HIS A 283 26.50 18.13 -21.25
CA HIS A 283 27.20 16.88 -21.47
C HIS A 283 28.57 17.18 -22.07
N GLY A 284 29.62 16.88 -21.33
CA GLY A 284 30.96 17.19 -21.81
C GLY A 284 31.10 18.68 -22.04
N GLY A 285 31.58 19.03 -23.23
CA GLY A 285 31.64 20.42 -23.65
C GLY A 285 30.46 20.90 -24.43
N ASP A 286 29.38 20.12 -24.52
CA ASP A 286 28.22 20.44 -25.31
C ASP A 286 26.99 20.61 -24.43
N LEU A 287 26.02 21.35 -24.96
CA LEU A 287 24.78 21.65 -24.26
C LEU A 287 23.62 20.95 -24.96
N TYR A 288 22.73 20.35 -24.17
CA TYR A 288 21.55 19.69 -24.68
C TYR A 288 20.32 20.26 -24.02
N VAL A 289 19.30 20.55 -24.83
CA VAL A 289 18.04 21.11 -24.34
C VAL A 289 16.89 20.28 -24.91
N VAL A 290 15.85 20.13 -24.12
CA VAL A 290 14.64 19.43 -24.54
C VAL A 290 13.51 20.44 -24.57
N GLY A 291 12.87 20.59 -25.73
CA GLY A 291 11.81 21.55 -25.87
C GLY A 291 10.76 21.15 -26.90
N GLY A 292 10.02 22.13 -27.40
CA GLY A 292 8.95 21.88 -28.35
C GLY A 292 7.69 22.60 -27.93
N SER A 293 6.90 23.00 -28.92
CA SER A 293 5.68 23.73 -28.65
C SER A 293 4.64 22.83 -28.00
N ILE A 294 3.78 23.45 -27.20
CA ILE A 294 2.66 22.72 -26.58
C ILE A 294 1.72 22.24 -27.66
N PRO A 295 1.26 20.98 -27.64
CA PRO A 295 1.54 19.93 -26.66
C PRO A 295 2.52 18.88 -27.17
N ARG A 296 3.63 19.26 -27.78
CA ARG A 296 4.65 18.31 -28.24
C ARG A 296 6.04 18.78 -27.83
N PRO A 297 6.36 18.71 -26.52
CA PRO A 297 7.71 19.07 -26.06
C PRO A 297 8.63 17.85 -26.00
N ARG A 298 8.97 17.30 -27.17
CA ARG A 298 9.76 16.09 -27.23
C ARG A 298 10.92 16.21 -28.21
N ARG A 299 11.39 17.43 -28.44
CA ARG A 299 12.47 17.70 -29.40
C ARG A 299 13.75 18.01 -28.64
N MET A 300 14.85 17.38 -29.07
CA MET A 300 16.18 17.68 -28.54
C MET A 300 16.88 18.66 -29.49
N TRP A 301 17.63 19.59 -28.91
CA TRP A 301 18.50 20.47 -29.67
C TRP A 301 19.89 20.47 -29.02
N LYS A 302 20.91 20.17 -29.81
CA LYS A 302 22.27 20.09 -29.33
C LYS A 302 23.05 21.30 -29.80
N CYS A 303 23.60 22.06 -28.87
CA CYS A 303 24.34 23.28 -29.17
C CYS A 303 25.84 23.03 -28.98
N ASN A 304 26.62 23.32 -30.01
CA ASN A 304 28.07 23.19 -29.97
C ASN A 304 28.68 24.56 -29.69
N ASN A 305 29.43 24.67 -28.60
CA ASN A 305 30.07 25.94 -28.29
C ASN A 305 31.13 26.31 -29.31
N ALA A 306 31.76 25.31 -29.93
CA ALA A 306 32.81 25.59 -30.92
C ALA A 306 32.25 26.33 -32.13
N THR A 307 31.06 25.92 -32.60
CA THR A 307 30.46 26.50 -33.79
C THR A 307 29.32 27.46 -33.49
N VAL A 308 28.80 27.46 -32.25
CA VAL A 308 27.64 28.25 -31.87
C VAL A 308 26.50 27.96 -32.84
N ASP A 309 26.14 26.67 -32.96
CA ASP A 309 25.11 26.23 -33.88
C ASP A 309 24.23 25.19 -33.22
N TRP A 310 23.00 25.08 -33.70
CA TRP A 310 22.04 24.11 -33.20
C TRP A 310 21.98 22.90 -34.13
N GLU A 311 21.76 21.73 -33.54
CA GLU A 311 21.63 20.49 -34.31
C GLU A 311 20.42 19.71 -33.82
N TRP A 312 19.79 18.96 -34.72
CA TRP A 312 18.65 18.14 -34.35
C TRP A 312 19.13 16.80 -33.81
N CYS A 313 18.42 16.26 -32.83
CA CYS A 313 18.73 14.98 -32.22
C CYS A 313 17.47 14.13 -32.16
N ALA A 314 17.62 12.92 -31.63
CA ALA A 314 16.51 11.97 -31.60
C ALA A 314 15.39 12.48 -30.69
N PRO A 315 14.15 12.48 -31.15
CA PRO A 315 13.03 12.95 -30.32
C PRO A 315 12.81 12.03 -29.12
N LEU A 316 12.21 12.61 -28.08
CA LEU A 316 11.90 11.85 -26.88
C LEU A 316 10.87 10.76 -27.18
N PRO A 317 11.01 9.59 -26.54
CA PRO A 317 10.02 8.52 -26.76
C PRO A 317 8.62 8.90 -26.34
N ARG A 318 8.46 9.71 -25.30
CA ARG A 318 7.12 10.06 -24.84
C ARG A 318 7.12 11.50 -24.34
N ASP A 319 5.91 12.07 -24.30
CA ASP A 319 5.72 13.46 -23.91
C ASP A 319 5.78 13.61 -22.39
N ARG A 320 6.56 14.59 -21.93
CA ARG A 320 6.75 14.82 -20.50
C ARG A 320 6.97 16.30 -20.24
N LEU A 321 6.68 16.72 -19.02
CA LEU A 321 6.89 18.09 -18.56
C LEU A 321 7.62 18.08 -17.24
N GLN A 322 8.52 19.05 -17.07
CA GLN A 322 9.28 19.24 -15.83
C GLN A 322 10.06 17.99 -15.43
N HIS A 323 10.64 17.30 -16.41
CA HIS A 323 11.47 16.14 -16.13
C HIS A 323 12.92 16.56 -15.89
N THR A 324 13.64 15.72 -15.18
CA THR A 324 15.03 16.00 -14.78
C THR A 324 15.99 15.35 -15.76
N LEU A 325 16.93 16.14 -16.26
CA LEU A 325 17.96 15.65 -17.18
C LEU A 325 19.31 15.71 -16.49
N VAL A 326 20.01 14.58 -16.44
CA VAL A 326 21.36 14.51 -15.90
C VAL A 326 22.26 13.87 -16.95
N SER A 327 23.55 14.16 -16.85
CA SER A 327 24.55 13.67 -17.79
C SER A 327 25.47 12.70 -17.07
N VAL A 328 25.62 11.50 -17.63
CA VAL A 328 26.49 10.47 -17.07
C VAL A 328 27.62 10.24 -18.05
N PRO A 329 28.80 10.84 -17.86
CA PRO A 329 29.90 10.63 -18.80
C PRO A 329 30.50 9.23 -18.74
N GLY A 330 30.22 8.46 -17.70
CA GLY A 330 30.79 7.13 -17.60
C GLY A 330 30.32 6.22 -18.73
N LYS A 331 29.03 6.22 -19.01
CA LYS A 331 28.47 5.47 -20.12
C LYS A 331 28.19 6.32 -21.34
N ASP A 332 28.55 7.61 -21.29
CA ASP A 332 28.33 8.54 -22.41
C ASP A 332 26.85 8.58 -22.77
N ALA A 333 26.04 8.96 -21.78
CA ALA A 333 24.59 8.93 -21.90
C ALA A 333 23.98 10.14 -21.21
N ILE A 334 22.72 10.42 -21.55
CA ILE A 334 21.93 11.47 -20.91
C ILE A 334 20.65 10.83 -20.40
N TYR A 335 20.38 10.98 -19.10
CA TYR A 335 19.26 10.32 -18.46
C TYR A 335 18.14 11.32 -18.21
N SER A 336 16.90 10.88 -18.46
CA SER A 336 15.71 11.66 -18.13
C SER A 336 14.95 10.95 -17.02
N LEU A 337 14.74 11.65 -15.91
CA LEU A 337 14.18 11.05 -14.70
C LEU A 337 12.87 11.74 -14.32
N GLY A 338 11.86 10.95 -14.01
CA GLY A 338 10.60 11.48 -13.52
C GLY A 338 9.91 12.37 -14.54
N GLY A 339 9.10 13.28 -14.04
CA GLY A 339 8.42 14.26 -14.88
C GLY A 339 6.90 14.12 -14.80
N LYS A 340 6.24 15.08 -15.42
CA LYS A 340 4.79 15.16 -15.47
C LYS A 340 4.28 14.88 -16.88
N THR A 341 3.11 14.25 -16.95
CA THR A 341 2.47 14.01 -18.24
C THR A 341 1.57 15.19 -18.60
N LEU A 342 1.16 15.23 -19.87
CA LEU A 342 0.30 16.31 -20.34
C LEU A 342 -1.10 16.25 -19.74
N GLN A 343 -1.49 15.12 -19.14
CA GLN A 343 -2.78 14.98 -18.50
C GLN A 343 -2.71 15.25 -17.00
N ASP A 344 -1.66 15.93 -16.54
CA ASP A 344 -1.47 16.25 -15.12
C ASP A 344 -1.45 14.96 -14.30
N THR A 345 -0.42 14.14 -14.53
CA THR A 345 -0.20 12.91 -13.79
C THR A 345 1.29 12.69 -13.66
N LEU A 346 1.76 12.45 -12.43
CA LEU A 346 3.18 12.27 -12.19
C LEU A 346 3.67 10.96 -12.81
N SER A 347 4.80 11.03 -13.49
CA SER A 347 5.36 9.90 -14.22
C SER A 347 6.65 9.43 -13.57
N ASN A 348 6.78 8.11 -13.46
CA ASN A 348 7.98 7.49 -12.91
C ASN A 348 8.85 6.84 -13.97
N ALA A 349 8.56 7.09 -15.25
CA ALA A 349 9.31 6.47 -16.32
C ALA A 349 10.70 7.07 -16.44
N VAL A 350 11.68 6.21 -16.73
CA VAL A 350 13.07 6.61 -16.87
C VAL A 350 13.55 6.16 -18.24
N ILE A 351 14.19 7.08 -18.98
CA ILE A 351 14.75 6.78 -20.30
C ILE A 351 16.14 7.41 -20.38
N TYR A 352 17.00 6.77 -21.16
CA TYR A 352 18.37 7.25 -21.29
C TYR A 352 18.76 7.28 -22.76
N TYR A 353 19.51 8.33 -23.13
CA TYR A 353 19.88 8.60 -24.50
C TYR A 353 21.39 8.40 -24.67
N ARG A 354 21.78 7.65 -25.68
CA ARG A 354 23.18 7.41 -25.99
C ARG A 354 23.62 8.35 -27.11
N VAL A 355 24.63 9.18 -26.81
CA VAL A 355 25.11 10.14 -27.80
C VAL A 355 25.72 9.42 -29.00
N GLY A 356 26.47 8.35 -28.73
CA GLY A 356 27.11 7.62 -29.82
C GLY A 356 26.11 6.97 -30.77
N ASP A 357 25.02 6.42 -30.22
CA ASP A 357 24.05 5.70 -31.04
C ASP A 357 22.83 6.54 -31.38
N ASN A 358 22.61 7.67 -30.71
CA ASN A 358 21.48 8.56 -30.99
C ASN A 358 20.15 7.84 -30.87
N VAL A 359 20.06 6.92 -29.91
CA VAL A 359 18.86 6.11 -29.71
C VAL A 359 18.49 6.15 -28.24
N TRP A 360 17.22 6.46 -27.97
CA TRP A 360 16.67 6.46 -26.62
C TRP A 360 16.27 5.04 -26.22
N THR A 361 16.41 4.73 -24.95
CA THR A 361 16.03 3.41 -24.42
C THR A 361 15.42 3.60 -23.04
N GLU A 362 14.40 2.79 -22.74
CA GLU A 362 13.72 2.87 -21.46
C GLU A 362 14.28 1.82 -20.49
N THR A 363 14.37 2.20 -19.23
CA THR A 363 14.90 1.32 -18.19
C THR A 363 13.87 1.26 -17.06
N THR A 364 14.28 0.69 -15.92
CA THR A 364 13.35 0.44 -14.83
C THR A 364 12.81 1.75 -14.26
N GLN A 365 11.62 1.67 -13.68
CA GLN A 365 10.92 2.83 -13.15
C GLN A 365 11.32 3.10 -11.71
N LEU A 366 10.99 4.32 -11.25
CA LEU A 366 11.29 4.74 -9.89
C LEU A 366 10.31 4.12 -8.90
N GLU A 367 10.69 4.14 -7.63
CA GLU A 367 9.77 3.73 -6.57
C GLU A 367 8.62 4.71 -6.43
N VAL A 368 8.93 6.00 -6.35
CA VAL A 368 7.93 7.05 -6.23
C VAL A 368 8.16 8.06 -7.33
N ALA A 369 7.12 8.35 -8.10
CA ALA A 369 7.24 9.31 -9.19
C ALA A 369 7.37 10.72 -8.65
N VAL A 370 8.27 11.50 -9.26
CA VAL A 370 8.48 12.90 -8.88
C VAL A 370 8.59 13.74 -10.15
N SER A 371 8.31 15.02 -9.99
CA SER A 371 8.36 15.96 -11.11
C SER A 371 9.10 17.22 -10.66
N GLY A 372 10.08 17.63 -11.46
CA GLY A 372 10.86 18.81 -11.12
C GLY A 372 11.91 18.62 -10.06
N ALA A 373 12.20 17.37 -9.68
CA ALA A 373 13.21 17.12 -8.67
C ALA A 373 14.61 17.41 -9.20
N ALA A 374 15.52 17.74 -8.30
CA ALA A 374 16.89 18.01 -8.66
C ALA A 374 17.64 16.71 -8.90
N GLY A 375 18.44 16.67 -9.96
CA GLY A 375 19.22 15.49 -10.32
C GLY A 375 20.71 15.78 -10.25
N ALA A 376 21.43 14.95 -9.51
CA ALA A 376 22.86 15.12 -9.34
C ALA A 376 23.56 13.81 -9.68
N ASN A 377 24.72 13.93 -10.30
CA ASN A 377 25.53 12.79 -10.72
C ASN A 377 26.64 12.55 -9.71
N LEU A 378 26.96 11.27 -9.48
CA LEU A 378 27.97 10.91 -8.49
C LEU A 378 28.57 9.56 -8.88
N ASN A 379 29.78 9.61 -9.45
CA ASN A 379 30.53 8.42 -9.87
C ASN A 379 29.63 7.39 -10.56
N GLY A 380 28.69 7.89 -11.37
CA GLY A 380 27.77 7.05 -12.08
C GLY A 380 26.43 6.83 -11.42
N ILE A 381 26.25 7.23 -10.16
CA ILE A 381 24.99 7.06 -9.45
C ILE A 381 24.23 8.37 -9.51
N ILE A 382 22.97 8.29 -9.94
CA ILE A 382 22.13 9.47 -10.15
C ILE A 382 21.22 9.63 -8.94
N TYR A 383 21.23 10.81 -8.34
CA TYR A 383 20.45 11.12 -7.16
C TYR A 383 19.31 12.06 -7.54
N LEU A 384 18.09 11.74 -7.12
CA LEU A 384 16.94 12.61 -7.29
C LEU A 384 16.57 13.20 -5.93
N LEU A 385 16.56 14.53 -5.86
CA LEU A 385 16.37 15.24 -4.61
C LEU A 385 15.16 16.15 -4.71
N GLY A 386 14.32 16.13 -3.68
CA GLY A 386 13.21 17.06 -3.63
C GLY A 386 12.18 16.78 -4.71
N GLY A 387 11.60 17.85 -5.24
CA GLY A 387 10.56 17.73 -6.24
C GLY A 387 9.17 17.74 -5.62
N GLU A 388 8.22 17.26 -6.42
CA GLU A 388 6.83 17.16 -5.98
C GLU A 388 6.37 15.72 -6.11
N GLU A 389 5.59 15.26 -5.12
CA GLU A 389 5.01 13.93 -5.12
C GLU A 389 3.50 14.05 -4.98
N ASN A 390 2.78 13.10 -5.59
CA ASN A 390 1.33 13.15 -5.61
C ASN A 390 0.75 12.47 -4.38
N ASP A 391 -0.15 13.16 -3.70
CA ASP A 391 -0.86 12.56 -2.57
C ASP A 391 -2.17 13.30 -2.32
N LEU A 392 -3.11 12.57 -1.72
CA LEU A 392 -4.38 13.08 -1.22
C LEU A 392 -5.08 14.01 -2.24
N ASP A 393 -5.50 13.42 -3.36
CA ASP A 393 -5.24 12.05 -3.77
C ASP A 393 -4.83 12.20 -5.23
N PHE A 394 -5.34 13.27 -5.85
CA PHE A 394 -5.01 13.61 -7.23
C PHE A 394 -4.06 14.80 -7.30
N PHE A 395 -3.69 15.38 -6.17
CA PHE A 395 -2.89 16.59 -6.12
C PHE A 395 -1.46 16.26 -5.72
N THR A 396 -0.59 17.27 -5.82
CA THR A 396 0.84 17.11 -5.58
C THR A 396 1.25 17.83 -4.31
N LYS A 397 2.22 17.27 -3.61
CA LYS A 397 2.74 17.79 -2.37
C LYS A 397 4.25 17.94 -2.49
N PRO A 398 4.83 18.99 -1.91
CA PRO A 398 6.28 19.11 -1.90
C PRO A 398 6.92 17.89 -1.26
N SER A 399 7.97 17.39 -1.89
CA SER A 399 8.59 16.13 -1.52
C SER A 399 10.01 16.37 -1.01
N ARG A 400 10.45 15.48 -0.11
CA ARG A 400 11.77 15.58 0.47
C ARG A 400 12.53 14.26 0.39
N LEU A 401 12.03 13.30 -0.39
CA LEU A 401 12.68 12.00 -0.51
C LEU A 401 13.94 12.10 -1.37
N ILE A 402 14.92 11.25 -1.06
CA ILE A 402 16.12 11.10 -1.87
C ILE A 402 16.05 9.73 -2.52
N GLN A 403 16.10 9.71 -3.86
CA GLN A 403 16.06 8.47 -4.62
C GLN A 403 17.40 8.29 -5.33
N CYS A 404 18.00 7.11 -5.16
CA CYS A 404 19.30 6.79 -5.72
C CYS A 404 19.10 5.86 -6.91
N PHE A 405 19.64 6.25 -8.06
CA PHE A 405 19.56 5.44 -9.28
C PHE A 405 20.96 4.99 -9.66
N ASP A 406 21.25 3.71 -9.46
CA ASP A 406 22.54 3.13 -9.79
C ASP A 406 22.50 2.68 -11.25
N THR A 407 23.26 3.38 -12.11
CA THR A 407 23.17 3.13 -13.53
C THR A 407 23.85 1.82 -13.95
N GLU A 408 24.76 1.29 -13.13
CA GLU A 408 25.42 0.04 -13.50
C GLU A 408 24.46 -1.14 -13.47
N THR A 409 23.71 -1.28 -12.37
CA THR A 409 22.75 -2.35 -12.23
C THR A 409 21.33 -1.94 -12.62
N ASP A 410 21.13 -0.67 -12.99
CA ASP A 410 19.81 -0.15 -13.34
C ASP A 410 18.79 -0.42 -12.24
N LYS A 411 19.24 -0.24 -11.00
CA LYS A 411 18.41 -0.45 -9.81
C LYS A 411 18.29 0.86 -9.06
N CYS A 412 17.07 1.18 -8.63
CA CYS A 412 16.78 2.41 -7.92
C CYS A 412 16.25 2.11 -6.53
N HIS A 413 16.59 2.97 -5.58
CA HIS A 413 16.21 2.78 -4.18
C HIS A 413 15.77 4.13 -3.61
N VAL A 414 15.21 4.07 -2.41
CA VAL A 414 14.83 5.26 -1.65
C VAL A 414 15.56 5.23 -0.32
N LYS A 415 16.29 6.30 -0.01
CA LYS A 415 17.03 6.35 1.24
C LYS A 415 16.06 6.53 2.41
N PRO A 416 16.29 5.84 3.53
CA PRO A 416 15.38 5.97 4.68
C PRO A 416 15.29 7.39 5.23
N TYR A 417 16.38 8.15 5.19
CA TYR A 417 16.34 9.52 5.67
C TYR A 417 15.69 10.45 4.65
N VAL A 418 15.41 11.68 5.09
CA VAL A 418 14.76 12.67 4.25
C VAL A 418 15.53 13.99 4.38
N LEU A 419 15.34 14.84 3.37
CA LEU A 419 16.03 16.12 3.33
C LEU A 419 15.53 17.04 4.43
N PRO A 420 16.36 18.00 4.87
CA PRO A 420 15.88 18.96 5.88
C PRO A 420 14.76 19.86 5.40
N PHE A 421 14.60 20.02 4.09
CA PHE A 421 13.51 20.81 3.53
C PHE A 421 12.90 20.03 2.37
N ALA A 422 12.04 20.69 1.60
CA ALA A 422 11.33 20.04 0.52
C ALA A 422 10.95 21.08 -0.53
N GLY A 423 10.45 20.60 -1.66
CA GLY A 423 10.05 21.47 -2.76
C GLY A 423 11.01 21.40 -3.92
N ARG A 424 10.96 22.44 -4.75
CA ARG A 424 11.90 22.55 -5.86
C ARG A 424 13.28 22.91 -5.32
N MET A 425 14.32 22.34 -5.92
CA MET A 425 15.68 22.64 -5.49
C MET A 425 16.64 22.42 -6.66
N HIS A 426 17.81 23.04 -6.55
CA HIS A 426 18.87 22.93 -7.53
C HIS A 426 20.13 22.39 -6.84
N ALA A 427 20.70 21.34 -7.43
CA ALA A 427 21.83 20.65 -6.85
C ALA A 427 22.99 20.62 -7.83
N ALA A 428 24.20 20.84 -7.31
CA ALA A 428 25.41 20.75 -8.12
C ALA A 428 26.45 19.95 -7.36
N VAL A 429 26.90 18.87 -7.97
CA VAL A 429 27.89 17.99 -7.36
C VAL A 429 29.24 18.68 -7.29
N HIS A 430 29.87 18.61 -6.13
CA HIS A 430 31.19 19.20 -5.90
C HIS A 430 32.08 18.15 -5.26
N LYS A 431 33.15 17.78 -5.95
CA LYS A 431 34.08 16.75 -5.49
C LYS A 431 33.35 15.45 -5.19
N ASP A 432 33.03 15.21 -3.92
CA ASP A 432 32.35 14.01 -3.46
C ASP A 432 31.02 14.34 -2.80
N LEU A 433 30.66 15.63 -2.80
CA LEU A 433 29.52 16.11 -2.05
C LEU A 433 28.48 16.70 -3.00
N VAL A 434 27.24 16.71 -2.55
CA VAL A 434 26.13 17.26 -3.32
C VAL A 434 25.62 18.48 -2.58
N PHE A 435 25.80 19.66 -3.17
CA PHE A 435 25.33 20.92 -2.59
C PHE A 435 23.93 21.19 -3.12
N ILE A 436 22.98 21.41 -2.21
CA ILE A 436 21.59 21.63 -2.57
C ILE A 436 21.18 23.01 -2.08
N VAL A 437 20.57 23.81 -2.95
CA VAL A 437 20.06 25.12 -2.61
C VAL A 437 18.56 25.15 -2.91
N ALA A 438 17.77 25.54 -1.91
CA ALA A 438 16.32 25.61 -2.10
C ALA A 438 15.80 26.98 -1.70
N GLU A 439 14.49 27.13 -1.60
CA GLU A 439 13.90 28.39 -1.18
C GLU A 439 14.26 28.69 0.27
N GLY A 440 14.29 29.98 0.61
CA GLY A 440 14.59 30.40 1.96
C GLY A 440 16.04 30.60 2.28
N ASP A 441 16.90 30.74 1.26
CA ASP A 441 18.33 30.99 1.47
C ASP A 441 18.98 29.90 2.32
N SER A 442 18.72 28.65 1.95
CA SER A 442 19.25 27.50 2.68
C SER A 442 20.16 26.70 1.75
N LEU A 443 21.38 26.43 2.23
CA LEU A 443 22.34 25.62 1.50
C LEU A 443 22.78 24.45 2.38
N VAL A 444 22.64 23.24 1.87
CA VAL A 444 22.94 22.03 2.62
C VAL A 444 23.97 21.21 1.85
N CYS A 445 25.01 20.77 2.54
CA CYS A 445 26.05 19.93 1.96
C CYS A 445 25.77 18.48 2.32
N TYR A 446 25.50 17.66 1.31
CA TYR A 446 25.01 16.30 1.51
C TYR A 446 26.09 15.31 1.12
N ASN A 447 26.46 14.44 2.06
CA ASN A 447 27.45 13.41 1.83
C ASN A 447 26.75 12.06 1.76
N PRO A 448 26.72 11.40 0.61
CA PRO A 448 26.01 10.12 0.51
C PRO A 448 26.74 8.98 1.19
N LEU A 449 28.07 9.06 1.26
CA LEU A 449 28.84 7.97 1.87
C LEU A 449 28.55 7.85 3.36
N LEU A 450 28.65 8.96 4.09
CA LEU A 450 28.34 8.95 5.52
C LEU A 450 26.86 9.17 5.81
N ASP A 451 26.08 9.53 4.80
CA ASP A 451 24.63 9.70 4.93
C ASP A 451 24.29 10.76 5.98
N SER A 452 24.82 11.96 5.76
CA SER A 452 24.59 13.05 6.69
C SER A 452 24.59 14.38 5.96
N PHE A 453 23.95 15.37 6.58
CA PHE A 453 23.79 16.71 6.02
C PHE A 453 24.45 17.73 6.92
N THR A 454 24.98 18.78 6.32
CA THR A 454 25.53 19.91 7.09
C THR A 454 25.00 21.20 6.50
N ARG A 455 24.15 21.90 7.25
CA ARG A 455 23.68 23.20 6.84
C ARG A 455 24.85 24.19 6.77
N LEU A 456 24.77 25.12 5.83
CA LEU A 456 25.83 26.09 5.60
C LEU A 456 25.28 27.49 5.89
N CYS A 457 25.87 28.16 6.89
CA CYS A 457 25.44 29.50 7.23
C CYS A 457 25.72 30.45 6.07
N LEU A 458 24.79 31.35 5.84
CA LEU A 458 24.84 32.23 4.67
C LEU A 458 24.52 33.65 5.10
N PRO A 459 25.24 34.64 4.56
CA PRO A 459 25.05 36.02 5.02
C PRO A 459 23.64 36.52 4.79
N GLU A 460 23.21 37.43 5.67
CA GLU A 460 21.85 37.97 5.64
C GLU A 460 21.57 38.84 4.42
N ALA A 461 22.56 39.06 3.56
CA ALA A 461 22.30 39.77 2.30
C ALA A 461 21.31 39.01 1.44
N TRP A 462 21.20 37.69 1.64
CA TRP A 462 20.20 36.91 0.91
C TRP A 462 18.79 37.18 1.39
N SER A 463 18.62 37.70 2.60
CA SER A 463 17.30 37.86 3.19
C SER A 463 16.61 39.15 2.74
N SER A 464 17.24 39.95 1.88
CA SER A 464 16.60 41.18 1.41
C SER A 464 15.32 40.86 0.64
N ALA A 465 15.35 39.85 -0.22
CA ALA A 465 14.20 39.41 -0.97
C ALA A 465 14.10 37.89 -0.92
N PRO A 466 12.87 37.34 -0.95
CA PRO A 466 12.70 35.88 -0.98
C PRO A 466 12.79 35.31 -2.39
N SER A 467 14.01 35.27 -2.91
CA SER A 467 14.27 34.83 -4.27
C SER A 467 15.02 33.50 -4.26
N LEU A 468 14.71 32.67 -5.25
CA LEU A 468 15.37 31.39 -5.39
C LEU A 468 16.80 31.57 -5.88
N TRP A 469 17.63 30.55 -5.67
CA TRP A 469 19.03 30.59 -6.07
C TRP A 469 19.39 29.35 -6.86
N LYS A 470 20.32 29.52 -7.79
CA LYS A 470 20.86 28.43 -8.59
C LYS A 470 22.34 28.28 -8.29
N ILE A 471 22.81 27.04 -8.27
CA ILE A 471 24.17 26.72 -7.88
C ILE A 471 24.86 25.99 -9.02
N ALA A 472 26.17 26.20 -9.14
CA ALA A 472 26.99 25.57 -10.17
C ALA A 472 28.41 25.37 -9.65
N SER A 473 29.12 24.44 -10.28
CA SER A 473 30.49 24.11 -9.90
C SER A 473 31.43 24.31 -11.07
N CYS A 474 32.59 24.92 -10.81
CA CYS A 474 33.56 25.19 -11.86
C CYS A 474 34.96 25.13 -11.25
N ASN A 475 35.75 24.14 -11.70
CA ASN A 475 37.13 23.97 -11.25
C ASN A 475 37.22 23.86 -9.73
N GLY A 476 36.23 23.21 -9.13
CA GLY A 476 36.19 23.09 -7.69
C GLY A 476 35.73 24.32 -6.96
N SER A 477 35.27 25.35 -7.67
CA SER A 477 34.76 26.57 -7.05
C SER A 477 33.24 26.60 -7.21
N ILE A 478 32.54 26.90 -6.13
CA ILE A 478 31.08 26.92 -6.11
C ILE A 478 30.60 28.34 -6.36
N TYR A 479 29.82 28.52 -7.42
CA TYR A 479 29.19 29.78 -7.75
C TYR A 479 27.68 29.64 -7.57
N VAL A 480 27.07 30.64 -6.95
CA VAL A 480 25.63 30.65 -6.71
C VAL A 480 25.05 31.90 -7.34
N PHE A 481 24.00 31.74 -8.14
CA PHE A 481 23.38 32.82 -8.88
C PHE A 481 21.99 33.11 -8.34
N ARG A 482 21.52 34.34 -8.57
CA ARG A 482 20.16 34.72 -8.24
C ARG A 482 19.25 34.45 -9.44
N ASP A 483 18.06 33.92 -9.16
CA ASP A 483 17.14 33.59 -10.24
C ASP A 483 16.58 34.83 -10.91
N ARG A 484 16.35 35.91 -10.15
CA ARG A 484 15.75 37.13 -10.68
C ARG A 484 16.79 38.25 -10.67
N TYR A 485 17.01 38.86 -11.83
CA TYR A 485 17.93 39.97 -11.97
C TYR A 485 17.13 41.27 -12.05
N LYS A 486 17.45 42.21 -11.17
CA LYS A 486 16.85 43.54 -11.27
C LYS A 486 17.50 44.32 -12.41
N LYS A 487 16.89 45.44 -12.76
CA LYS A 487 17.40 46.27 -13.85
C LYS A 487 18.79 46.79 -13.50
N GLY A 488 19.81 46.27 -14.19
CA GLY A 488 21.19 46.64 -13.91
C GLY A 488 21.82 45.89 -12.76
N ASP A 489 21.08 45.00 -12.09
CA ASP A 489 21.58 44.25 -10.95
C ASP A 489 21.69 42.78 -11.34
N ALA A 490 22.92 42.26 -11.35
CA ALA A 490 23.20 40.85 -11.66
C ALA A 490 24.20 40.36 -10.62
N ASN A 491 23.68 39.84 -9.50
CA ASN A 491 24.52 39.41 -8.38
C ASN A 491 24.91 37.95 -8.55
N THR A 492 26.20 37.69 -8.50
CA THR A 492 26.76 36.34 -8.55
C THR A 492 27.78 36.21 -7.43
N TYR A 493 27.61 35.21 -6.57
CA TYR A 493 28.48 35.01 -5.42
C TYR A 493 29.34 33.77 -5.62
N LYS A 494 30.64 33.90 -5.35
CA LYS A 494 31.50 32.75 -5.23
C LYS A 494 31.52 32.27 -3.80
N LEU A 495 31.14 31.02 -3.58
CA LEU A 495 31.04 30.44 -2.24
C LEU A 495 32.26 29.57 -1.99
N ASP A 496 32.95 29.85 -0.89
CA ASP A 496 34.08 29.03 -0.47
C ASP A 496 33.61 28.16 0.69
N PRO A 497 33.41 26.85 0.49
CA PRO A 497 32.80 26.03 1.54
C PRO A 497 33.72 25.75 2.72
N ALA A 498 35.02 25.99 2.59
CA ALA A 498 35.91 25.78 3.73
C ALA A 498 35.62 26.76 4.85
N THR A 499 35.36 28.02 4.51
CA THR A 499 35.11 29.06 5.51
C THR A 499 33.72 29.67 5.39
N SER A 500 32.90 29.17 4.46
CA SER A 500 31.55 29.70 4.23
C SER A 500 31.59 31.19 3.89
N ALA A 501 32.64 31.61 3.19
CA ALA A 501 32.81 33.01 2.81
C ALA A 501 32.18 33.26 1.45
N VAL A 502 31.52 34.41 1.32
CA VAL A 502 30.84 34.79 0.09
C VAL A 502 31.48 36.07 -0.42
N THR A 503 31.99 36.03 -1.65
CA THR A 503 32.66 37.17 -2.27
C THR A 503 31.93 37.55 -3.54
N VAL A 504 31.59 38.83 -3.68
CA VAL A 504 30.91 39.33 -4.86
C VAL A 504 31.88 39.29 -6.03
N THR A 505 31.48 38.68 -7.13
CA THR A 505 32.31 38.62 -8.32
C THR A 505 31.92 39.74 -9.30
N ARG A 506 32.83 40.03 -10.21
CA ARG A 506 32.66 41.11 -11.17
C ARG A 506 32.97 40.60 -12.57
N GLY A 507 32.82 41.48 -13.56
CA GLY A 507 33.10 41.16 -14.94
C GLY A 507 31.97 40.49 -15.69
N ILE A 508 30.78 40.41 -15.10
CA ILE A 508 29.63 39.76 -15.72
C ILE A 508 28.61 40.83 -16.09
N LYS A 509 28.25 40.87 -17.38
CA LYS A 509 27.12 41.66 -17.86
C LYS A 509 26.13 40.71 -18.52
N VAL A 510 24.88 40.75 -18.06
CA VAL A 510 23.88 39.77 -18.46
C VAL A 510 22.54 40.49 -18.57
N LEU A 511 21.95 40.47 -19.77
CA LEU A 511 20.62 41.04 -20.01
C LEU A 511 19.54 39.98 -19.90
N LEU A 512 19.51 39.26 -18.78
CA LEU A 512 18.51 38.24 -18.51
C LEU A 512 17.64 38.68 -17.34
N THR A 513 16.34 38.44 -17.44
CA THR A 513 15.43 38.74 -16.35
C THR A 513 15.08 37.51 -15.52
N ASN A 514 14.76 36.40 -16.19
CA ASN A 514 14.47 35.13 -15.52
C ASN A 514 15.53 34.11 -15.93
N LEU A 515 16.15 33.49 -14.94
CA LEU A 515 17.13 32.43 -15.17
C LEU A 515 16.41 31.09 -15.02
N GLN A 516 15.98 30.52 -16.15
CA GLN A 516 15.25 29.26 -16.10
C GLN A 516 16.15 28.13 -15.60
N PHE A 517 17.37 28.03 -16.10
CA PHE A 517 18.26 26.94 -15.75
C PHE A 517 19.69 27.45 -15.68
N VAL A 518 20.48 26.82 -14.80
CA VAL A 518 21.92 27.02 -14.74
C VAL A 518 22.58 25.65 -14.81
N LEU A 519 23.48 25.47 -15.77
CA LEU A 519 24.10 24.19 -16.04
C LEU A 519 25.59 24.24 -15.78
N ALA A 520 26.11 23.15 -15.22
CA ALA A 520 27.53 23.08 -14.91
C ALA A 520 28.08 21.68 -15.18
N SER B 10 24.35 17.37 11.11
CA SER B 10 24.98 18.22 12.13
C SER B 10 25.42 19.55 11.53
N MET B 11 24.94 20.64 12.12
CA MET B 11 25.20 21.97 11.60
C MET B 11 26.62 22.46 11.89
N ASP B 12 27.24 21.98 12.96
CA ASP B 12 28.55 22.47 13.39
C ASP B 12 29.71 21.74 12.72
N GLU B 13 29.44 20.79 11.85
CA GLU B 13 30.47 20.00 11.21
C GLU B 13 30.56 20.33 9.72
N ASN B 14 31.78 20.55 9.24
CA ASN B 14 32.04 20.89 7.85
C ASN B 14 32.95 19.85 7.24
N TYR B 15 32.56 19.32 6.09
CA TYR B 15 33.30 18.24 5.44
C TYR B 15 34.59 18.71 4.79
N PHE B 16 34.98 19.97 4.97
CA PHE B 16 36.24 20.47 4.44
C PHE B 16 37.23 20.88 5.52
N VAL B 17 36.81 21.01 6.78
CA VAL B 17 37.71 21.38 7.85
C VAL B 17 37.60 20.38 9.01
N ASN B 18 36.39 20.19 9.52
CA ASN B 18 36.20 19.46 10.77
C ASN B 18 34.87 18.72 10.71
N TYR B 19 34.92 17.40 10.83
CA TYR B 19 33.71 16.60 10.88
C TYR B 19 34.00 15.27 11.54
N THR B 20 32.95 14.59 11.97
CA THR B 20 33.06 13.29 12.62
C THR B 20 32.88 12.18 11.59
N PHE B 21 33.54 11.06 11.82
CA PHE B 21 33.54 9.94 10.89
C PHE B 21 33.10 8.68 11.61
N LYS B 22 31.98 8.11 11.18
CA LYS B 22 31.44 6.90 11.77
C LYS B 22 31.52 5.77 10.77
N ASP B 23 32.15 4.67 11.16
CA ASP B 23 32.40 3.53 10.29
C ASP B 23 31.30 2.49 10.51
N ARG B 24 30.54 2.18 9.46
CA ARG B 24 29.43 1.25 9.59
C ARG B 24 29.86 -0.20 9.53
N SER B 25 31.06 -0.49 9.04
CA SER B 25 31.56 -1.85 8.95
C SER B 25 32.53 -2.19 10.08
N HIS B 26 32.61 -1.35 11.11
CA HIS B 26 33.58 -1.58 12.17
C HIS B 26 33.21 -2.80 13.01
N SER B 27 31.93 -2.94 13.35
CA SER B 27 31.51 -4.05 14.20
C SER B 27 31.76 -5.40 13.53
N GLY B 28 31.39 -5.52 12.25
CA GLY B 28 31.63 -6.75 11.53
C GLY B 28 33.10 -7.07 11.39
N ARG B 29 33.92 -6.05 11.10
CA ARG B 29 35.36 -6.25 10.99
C ARG B 29 35.96 -6.71 12.31
N VAL B 30 35.54 -6.10 13.41
CA VAL B 30 36.04 -6.51 14.73
C VAL B 30 35.63 -7.94 15.04
N ALA B 31 34.37 -8.29 14.76
CA ALA B 31 33.91 -9.65 15.05
C ALA B 31 34.67 -10.68 14.23
N GLN B 32 34.86 -10.41 12.93
CA GLN B 32 35.57 -11.36 12.08
C GLN B 32 37.03 -11.48 12.51
N GLY B 33 37.67 -10.36 12.83
CA GLY B 33 39.05 -10.42 13.29
C GLY B 33 39.19 -11.20 14.58
N ILE B 34 38.26 -10.99 15.53
CA ILE B 34 38.30 -11.72 16.78
C ILE B 34 38.12 -13.22 16.53
N MET B 35 37.16 -13.59 15.69
CA MET B 35 36.95 -15.00 15.40
C MET B 35 38.20 -15.63 14.78
N LYS B 36 38.79 -14.95 13.79
CA LYS B 36 39.95 -15.49 13.10
C LYS B 36 41.15 -15.61 14.04
N LEU B 37 41.39 -14.60 14.87
CA LEU B 37 42.55 -14.62 15.74
C LEU B 37 42.37 -15.58 16.90
N CYS B 38 41.11 -15.84 17.30
CA CYS B 38 40.87 -16.71 18.45
C CYS B 38 40.79 -18.17 18.06
N LEU B 39 40.30 -18.50 16.87
CA LEU B 39 40.14 -19.90 16.48
C LEU B 39 41.31 -20.40 15.63
N GLU B 40 41.60 -19.70 14.53
CA GLU B 40 42.52 -20.26 13.53
C GLU B 40 43.93 -20.41 14.09
N GLU B 41 44.42 -19.42 14.84
CA GLU B 41 45.77 -19.51 15.40
C GLU B 41 45.79 -19.76 16.91
N GLU B 42 44.66 -19.57 17.60
CA GLU B 42 44.59 -19.73 19.05
C GLU B 42 45.59 -18.81 19.77
N LEU B 43 45.67 -17.56 19.32
CA LEU B 43 46.63 -16.61 19.86
C LEU B 43 46.01 -15.76 20.96
N PHE B 44 46.89 -15.17 21.79
CA PHE B 44 46.51 -14.23 22.84
C PHE B 44 45.58 -14.84 23.88
N ALA B 45 45.65 -16.16 24.05
CA ALA B 45 44.87 -16.82 25.10
C ALA B 45 45.44 -16.47 26.47
N ASP B 46 44.55 -16.19 27.42
CA ASP B 46 45.00 -15.77 28.74
C ASP B 46 44.28 -16.45 29.91
N VAL B 47 43.20 -17.18 29.68
CA VAL B 47 42.53 -17.92 30.74
C VAL B 47 42.27 -19.34 30.24
N THR B 48 42.40 -20.31 31.14
CA THR B 48 42.25 -21.71 30.79
C THR B 48 41.06 -22.28 31.55
N ILE B 49 40.14 -22.92 30.83
CA ILE B 49 38.94 -23.51 31.40
C ILE B 49 39.04 -25.02 31.21
N SER B 50 38.80 -25.78 32.28
CA SER B 50 38.88 -27.22 32.25
C SER B 50 37.47 -27.79 32.45
N VAL B 51 37.03 -28.62 31.49
CA VAL B 51 35.73 -29.25 31.54
C VAL B 51 35.92 -30.74 31.29
N GLU B 52 35.67 -31.56 32.33
CA GLU B 52 35.74 -33.01 32.23
C GLU B 52 37.10 -33.49 31.73
N GLY B 53 38.18 -32.84 32.15
CA GLY B 53 39.52 -33.24 31.82
C GLY B 53 40.06 -32.62 30.54
N ARG B 54 39.21 -32.06 29.71
CA ARG B 54 39.66 -31.38 28.49
C ARG B 54 40.01 -29.93 28.80
N GLU B 55 41.08 -29.45 28.20
CA GLU B 55 41.59 -28.11 28.46
C GLU B 55 41.18 -27.18 27.33
N PHE B 56 40.52 -26.09 27.69
CA PHE B 56 40.14 -25.04 26.75
C PHE B 56 40.97 -23.81 27.03
N GLN B 57 41.56 -23.25 25.97
CA GLN B 57 42.31 -22.00 26.06
C GLN B 57 41.44 -20.90 25.48
N LEU B 58 40.91 -20.04 26.35
CA LEU B 58 39.97 -19.00 25.94
C LEU B 58 40.49 -17.63 26.35
N HIS B 59 39.89 -16.62 25.74
CA HIS B 59 40.24 -15.23 25.99
C HIS B 59 39.19 -14.63 26.92
N ARG B 60 39.64 -14.08 28.04
CA ARG B 60 38.69 -13.60 29.05
C ARG B 60 37.91 -12.38 28.57
N LEU B 61 38.47 -11.64 27.61
CA LEU B 61 37.81 -10.41 27.15
C LEU B 61 36.51 -10.72 26.43
N VAL B 62 36.55 -11.61 25.44
CA VAL B 62 35.35 -11.91 24.66
C VAL B 62 34.32 -12.65 25.50
N LEU B 63 34.77 -13.58 26.35
CA LEU B 63 33.85 -14.27 27.24
C LEU B 63 33.16 -13.30 28.19
N SER B 64 33.92 -12.36 28.74
CA SER B 64 33.34 -11.39 29.67
C SER B 64 32.41 -10.42 28.95
N ALA B 65 32.70 -10.11 27.69
CA ALA B 65 31.83 -9.21 26.93
C ALA B 65 30.57 -9.92 26.43
N GLN B 66 30.59 -11.25 26.37
CA GLN B 66 29.46 -11.98 25.80
C GLN B 66 28.42 -12.34 26.85
N SER B 67 28.86 -12.72 28.05
CA SER B 67 27.97 -13.17 29.11
C SER B 67 28.30 -12.47 30.41
N CYS B 68 27.28 -12.26 31.25
CA CYS B 68 27.48 -11.59 32.52
C CYS B 68 28.12 -12.49 33.56
N PHE B 69 27.84 -13.80 33.51
CA PHE B 69 28.38 -14.72 34.51
C PHE B 69 29.90 -14.80 34.42
N PHE B 70 30.43 -14.91 33.21
CA PHE B 70 31.88 -14.97 33.05
C PHE B 70 32.54 -13.66 33.46
N ARG B 71 31.90 -12.53 33.17
CA ARG B 71 32.43 -11.24 33.64
C ARG B 71 32.47 -11.19 35.16
N SER B 72 31.39 -11.66 35.81
CA SER B 72 31.36 -11.66 37.27
C SER B 72 32.44 -12.56 37.85
N MET B 73 32.65 -13.74 37.25
CA MET B 73 33.66 -14.65 37.77
C MET B 73 35.06 -14.12 37.54
N PHE B 74 35.30 -13.47 36.40
CA PHE B 74 36.63 -12.98 36.08
C PHE B 74 37.00 -11.71 36.84
N THR B 75 36.01 -10.87 37.17
CA THR B 75 36.30 -9.63 37.88
C THR B 75 36.38 -9.81 39.40
N SER B 76 36.18 -11.02 39.90
CA SER B 76 36.21 -11.26 41.33
C SER B 76 37.65 -11.20 41.86
N ASN B 77 37.76 -11.05 43.17
CA ASN B 77 39.04 -10.95 43.85
C ASN B 77 39.60 -12.29 44.29
N LEU B 78 38.90 -13.39 44.00
CA LEU B 78 39.36 -14.70 44.43
C LEU B 78 40.63 -15.10 43.68
N LYS B 79 41.41 -15.99 44.32
CA LYS B 79 42.63 -16.48 43.69
C LYS B 79 42.32 -17.32 42.45
N GLU B 80 41.16 -17.98 42.42
CA GLU B 80 40.80 -18.78 41.26
C GLU B 80 40.65 -17.93 40.00
N ALA B 81 40.07 -16.73 40.13
CA ALA B 81 39.98 -15.83 38.98
C ALA B 81 41.36 -15.46 38.46
N HIS B 82 42.29 -15.19 39.37
CA HIS B 82 43.68 -14.95 39.00
C HIS B 82 44.42 -16.21 38.62
N ASN B 83 43.91 -17.39 38.97
CA ASN B 83 44.53 -18.64 38.56
C ASN B 83 44.38 -18.83 37.05
N ARG B 84 45.39 -19.44 36.44
CA ARG B 84 45.34 -19.68 35.00
C ARG B 84 44.28 -20.72 34.65
N VAL B 85 44.10 -21.74 35.49
CA VAL B 85 43.23 -22.87 35.21
C VAL B 85 41.99 -22.76 36.07
N ILE B 86 40.82 -22.88 35.44
CA ILE B 86 39.54 -22.89 36.12
C ILE B 86 38.78 -24.15 35.70
N VAL B 87 38.26 -24.89 36.68
CA VAL B 87 37.56 -26.14 36.42
C VAL B 87 36.06 -25.87 36.47
N LEU B 88 35.32 -26.58 35.62
CA LEU B 88 33.87 -26.52 35.58
C LEU B 88 33.31 -27.93 35.56
N GLN B 89 32.36 -28.21 36.45
CA GLN B 89 31.84 -29.57 36.61
C GLN B 89 30.36 -29.71 36.30
N ASP B 90 29.64 -28.62 36.09
CA ASP B 90 28.21 -28.67 35.84
C ASP B 90 27.87 -28.77 34.37
N VAL B 91 28.87 -28.88 33.50
CA VAL B 91 28.67 -28.97 32.06
C VAL B 91 29.43 -30.17 31.53
N SER B 92 29.05 -30.61 30.33
CA SER B 92 29.74 -31.69 29.66
C SER B 92 30.76 -31.13 28.67
N GLU B 93 31.54 -32.03 28.07
CA GLU B 93 32.54 -31.61 27.10
C GLU B 93 31.89 -31.11 25.81
N SER B 94 30.94 -31.87 25.27
CA SER B 94 30.32 -31.51 24.00
C SER B 94 29.52 -30.21 24.13
N VAL B 95 28.77 -30.06 25.23
CA VAL B 95 27.96 -28.88 25.42
C VAL B 95 28.83 -27.64 25.59
N PHE B 96 29.92 -27.75 26.35
CA PHE B 96 30.78 -26.59 26.53
C PHE B 96 31.53 -26.25 25.25
N GLN B 97 31.91 -27.27 24.47
CA GLN B 97 32.51 -26.99 23.16
C GLN B 97 31.52 -26.25 22.27
N LEU B 98 30.24 -26.66 22.30
CA LEU B 98 29.23 -26.00 21.49
C LEU B 98 29.02 -24.57 21.96
N LEU B 99 29.06 -24.36 23.27
CA LEU B 99 28.92 -23.01 23.82
C LEU B 99 30.06 -22.12 23.39
N VAL B 100 31.29 -22.63 23.44
CA VAL B 100 32.44 -21.84 23.02
C VAL B 100 32.36 -21.53 21.53
N ASP B 101 31.90 -22.50 20.73
CA ASP B 101 31.68 -22.27 19.32
C ASP B 101 30.67 -21.14 19.12
N TYR B 102 29.57 -21.15 19.87
CA TYR B 102 28.57 -20.09 19.73
C TYR B 102 29.14 -18.74 20.15
N ILE B 103 29.87 -18.70 21.26
CA ILE B 103 30.38 -17.43 21.78
C ILE B 103 31.36 -16.81 20.79
N TYR B 104 32.24 -17.63 20.21
CA TYR B 104 33.27 -17.11 19.33
C TYR B 104 32.81 -16.91 17.89
N HIS B 105 31.77 -17.61 17.45
CA HIS B 105 31.33 -17.54 16.05
C HIS B 105 29.93 -16.98 15.88
N GLY B 106 29.03 -17.23 16.81
CA GLY B 106 27.65 -16.88 16.61
C GLY B 106 26.84 -17.88 15.82
N THR B 107 27.47 -18.95 15.35
CA THR B 107 26.78 -20.03 14.64
C THR B 107 26.90 -21.29 15.48
N VAL B 108 25.76 -21.85 15.86
CA VAL B 108 25.68 -23.02 16.72
C VAL B 108 24.76 -24.04 16.08
N LYS B 109 25.17 -25.30 16.08
CA LYS B 109 24.36 -26.37 15.53
C LYS B 109 23.54 -27.01 16.65
N LEU B 110 22.23 -26.79 16.62
CA LEU B 110 21.34 -27.21 17.69
C LEU B 110 20.74 -28.58 17.35
N ARG B 111 20.89 -29.53 18.27
CA ARG B 111 20.37 -30.87 18.09
C ARG B 111 19.40 -31.20 19.22
N ALA B 112 18.39 -32.00 18.89
CA ALA B 112 17.31 -32.25 19.83
C ALA B 112 17.76 -33.14 20.99
N GLU B 113 18.84 -33.90 20.80
CA GLU B 113 19.26 -34.84 21.84
C GLU B 113 19.81 -34.10 23.06
N GLU B 114 20.47 -32.95 22.84
CA GLU B 114 21.09 -32.19 23.91
C GLU B 114 20.48 -30.81 24.09
N LEU B 115 19.26 -30.60 23.59
CA LEU B 115 18.60 -29.30 23.73
C LEU B 115 18.32 -28.95 25.17
N GLN B 116 17.89 -29.92 25.98
CA GLN B 116 17.63 -29.65 27.38
C GLN B 116 18.90 -29.20 28.09
N GLU B 117 20.02 -29.87 27.81
CA GLU B 117 21.27 -29.49 28.45
C GLU B 117 21.73 -28.11 28.01
N ILE B 118 21.62 -27.80 26.71
CA ILE B 118 22.01 -26.46 26.26
C ILE B 118 21.10 -25.41 26.87
N TYR B 119 19.80 -25.70 26.97
CA TYR B 119 18.85 -24.77 27.58
C TYR B 119 19.19 -24.48 29.04
N GLU B 120 19.55 -25.51 29.80
CA GLU B 120 19.92 -25.30 31.20
C GLU B 120 21.23 -24.53 31.32
N VAL B 121 22.24 -24.91 30.52
CA VAL B 121 23.56 -24.32 30.68
C VAL B 121 23.58 -22.87 30.21
N SER B 122 22.90 -22.55 29.11
CA SER B 122 22.85 -21.17 28.66
C SER B 122 22.12 -20.29 29.65
N ASP B 123 21.10 -20.83 30.32
CA ASP B 123 20.48 -20.11 31.42
C ASP B 123 21.47 -19.87 32.56
N MET B 124 22.29 -20.89 32.87
CA MET B 124 23.28 -20.74 33.93
C MET B 124 24.30 -19.65 33.60
N TYR B 125 24.74 -19.59 32.34
CA TYR B 125 25.78 -18.67 31.91
C TYR B 125 25.22 -17.37 31.33
N GLN B 126 23.90 -17.19 31.37
CA GLN B 126 23.24 -15.93 31.00
C GLN B 126 23.50 -15.53 29.55
N LEU B 127 23.58 -16.52 28.66
CA LEU B 127 23.60 -16.23 27.23
C LEU B 127 22.16 -16.05 26.77
N THR B 128 21.75 -14.80 26.59
CA THR B 128 20.33 -14.51 26.40
C THR B 128 19.82 -15.03 25.05
N SER B 129 20.53 -14.73 23.96
CA SER B 129 20.03 -15.09 22.63
C SER B 129 19.96 -16.60 22.46
N LEU B 130 20.99 -17.32 22.89
CA LEU B 130 20.96 -18.77 22.79
C LEU B 130 19.88 -19.36 23.67
N PHE B 131 19.66 -18.78 24.85
CA PHE B 131 18.58 -19.24 25.72
C PHE B 131 17.23 -19.05 25.04
N GLU B 132 17.02 -17.90 24.40
CA GLU B 132 15.75 -17.66 23.72
C GLU B 132 15.55 -18.63 22.56
N GLU B 133 16.60 -18.89 21.79
CA GLU B 133 16.48 -19.82 20.67
C GLU B 133 16.24 -21.25 21.14
N CYS B 134 16.91 -21.66 22.23
CA CYS B 134 16.65 -22.97 22.78
C CYS B 134 15.24 -23.08 23.34
N SER B 135 14.73 -21.98 23.91
CA SER B 135 13.34 -21.97 24.37
C SER B 135 12.37 -22.15 23.20
N ARG B 136 12.63 -21.46 22.08
CA ARG B 136 11.78 -21.62 20.91
C ARG B 136 11.85 -23.04 20.36
N PHE B 137 13.06 -23.61 20.28
CA PHE B 137 13.20 -24.97 19.79
C PHE B 137 12.49 -25.96 20.69
N LEU B 138 12.58 -25.75 22.00
CA LEU B 138 11.85 -26.60 22.95
C LEU B 138 10.35 -26.46 22.78
N ALA B 139 9.85 -25.23 22.57
CA ALA B 139 8.43 -25.03 22.38
C ALA B 139 7.93 -25.69 21.10
N ARG B 140 8.79 -25.74 20.07
CA ARG B 140 8.45 -26.51 18.88
C ARG B 140 8.40 -28.00 19.17
N THR B 141 9.37 -28.51 19.94
CA THR B 141 9.55 -29.95 20.04
C THR B 141 8.60 -30.59 21.05
N VAL B 142 7.88 -29.81 21.85
CA VAL B 142 7.03 -30.40 22.88
C VAL B 142 5.96 -31.27 22.26
N GLN B 143 5.75 -32.45 22.85
CA GLN B 143 4.71 -33.38 22.43
C GLN B 143 3.92 -33.83 23.65
N VAL B 144 3.09 -34.85 23.48
CA VAL B 144 2.33 -35.37 24.61
C VAL B 144 3.21 -36.21 25.51
N GLY B 145 4.35 -36.67 25.00
CA GLY B 145 5.21 -37.55 25.77
C GLY B 145 5.97 -36.86 26.89
N ASN B 146 6.42 -35.63 26.67
CA ASN B 146 7.22 -34.91 27.64
C ASN B 146 6.65 -33.52 27.92
N CYS B 147 5.33 -33.40 27.96
CA CYS B 147 4.71 -32.10 28.18
C CYS B 147 4.90 -31.64 29.62
N LEU B 148 4.74 -32.57 30.57
CA LEU B 148 4.87 -32.20 31.97
C LEU B 148 6.33 -31.97 32.37
N GLN B 149 7.26 -32.69 31.74
CA GLN B 149 8.67 -32.43 32.00
C GLN B 149 9.05 -31.03 31.54
N VAL B 150 8.54 -30.60 30.38
CA VAL B 150 8.78 -29.24 29.92
C VAL B 150 8.06 -28.23 30.81
N MET B 151 6.88 -28.57 31.31
CA MET B 151 6.25 -27.75 32.34
C MET B 151 7.19 -27.50 33.50
N TRP B 152 7.75 -28.59 34.04
CA TRP B 152 8.66 -28.49 35.18
C TRP B 152 9.88 -27.65 34.84
N LEU B 153 10.46 -27.86 33.65
CA LEU B 153 11.65 -27.12 33.25
C LEU B 153 11.37 -25.63 33.14
N ALA B 154 10.28 -25.27 32.45
CA ALA B 154 9.95 -23.86 32.29
C ALA B 154 9.62 -23.20 33.62
N ASP B 155 8.93 -23.91 34.51
CA ASP B 155 8.66 -23.36 35.83
C ASP B 155 9.94 -23.18 36.64
N ARG B 156 10.87 -24.12 36.52
CA ARG B 156 12.13 -24.00 37.23
C ARG B 156 12.94 -22.81 36.74
N HIS B 157 13.00 -22.61 35.42
CA HIS B 157 13.82 -21.57 34.84
C HIS B 157 13.08 -20.27 34.59
N SER B 158 11.82 -20.17 35.02
CA SER B 158 11.02 -18.95 34.93
C SER B 158 10.96 -18.45 33.48
N ASP B 159 10.52 -19.34 32.59
CA ASP B 159 10.35 -19.01 31.19
C ASP B 159 8.86 -18.94 30.88
N PRO B 160 8.29 -17.76 30.63
CA PRO B 160 6.83 -17.69 30.45
C PRO B 160 6.36 -18.25 29.12
N GLU B 161 7.08 -18.00 28.03
CA GLU B 161 6.62 -18.44 26.71
C GLU B 161 6.59 -19.96 26.62
N LEU B 162 7.70 -20.60 27.01
CA LEU B 162 7.75 -22.06 26.98
C LEU B 162 6.74 -22.68 27.95
N TYR B 163 6.58 -22.06 29.11
CA TYR B 163 5.58 -22.55 30.06
C TYR B 163 4.18 -22.48 29.48
N THR B 164 3.86 -21.38 28.80
CA THR B 164 2.54 -21.26 28.16
C THR B 164 2.36 -22.28 27.05
N ALA B 165 3.41 -22.52 26.25
CA ALA B 165 3.32 -23.52 25.18
C ALA B 165 3.10 -24.92 25.75
N ALA B 166 3.84 -25.26 26.81
CA ALA B 166 3.65 -26.57 27.45
C ALA B 166 2.26 -26.68 28.07
N LYS B 167 1.77 -25.59 28.66
CA LYS B 167 0.42 -25.60 29.22
C LYS B 167 -0.63 -25.82 28.15
N HIS B 168 -0.47 -25.15 27.00
CA HIS B 168 -1.41 -25.33 25.91
C HIS B 168 -1.37 -26.76 25.37
N CYS B 169 -0.18 -27.36 25.31
CA CYS B 169 -0.08 -28.71 24.77
C CYS B 169 -0.62 -29.75 25.75
N ALA B 170 -0.39 -29.55 27.06
CA ALA B 170 -0.87 -30.52 28.04
C ALA B 170 -2.36 -30.35 28.30
N LYS B 171 -2.87 -29.13 28.21
CA LYS B 171 -4.29 -28.89 28.45
C LYS B 171 -5.16 -29.57 27.40
N THR B 172 -4.75 -29.49 26.14
CA THR B 172 -5.58 -30.07 25.08
C THR B 172 -5.43 -31.59 24.96
N HIS B 173 -4.47 -32.20 25.65
CA HIS B 173 -4.36 -33.66 25.74
C HIS B 173 -4.50 -34.12 27.17
N LEU B 174 -5.41 -33.50 27.93
CA LEU B 174 -5.49 -33.78 29.37
C LEU B 174 -5.94 -35.20 29.64
N ALA B 175 -6.85 -35.73 28.81
CA ALA B 175 -7.35 -37.09 29.03
C ALA B 175 -6.25 -38.13 28.89
N GLN B 176 -5.34 -37.95 27.93
CA GLN B 176 -4.28 -38.93 27.73
C GLN B 176 -3.26 -38.87 28.86
N LEU B 177 -3.02 -37.70 29.43
CA LEU B 177 -2.08 -37.56 30.54
C LEU B 177 -2.61 -38.15 31.84
N GLN B 178 -3.87 -38.59 31.87
CA GLN B 178 -4.52 -39.07 33.09
C GLN B 178 -3.78 -40.21 33.77
N ASN B 179 -3.28 -41.19 33.01
CA ASN B 179 -2.73 -42.40 33.59
C ASN B 179 -1.20 -42.39 33.60
N THR B 180 -0.59 -41.24 33.87
CA THR B 180 0.85 -41.13 33.96
C THR B 180 1.26 -40.74 35.37
N GLU B 181 2.39 -41.27 35.83
CA GLU B 181 2.85 -41.01 37.19
C GLU B 181 3.20 -39.54 37.39
N GLU B 182 3.80 -38.91 36.38
CA GLU B 182 4.20 -37.52 36.53
C GLU B 182 2.99 -36.58 36.54
N PHE B 183 1.84 -37.03 36.03
CA PHE B 183 0.63 -36.23 36.20
C PHE B 183 0.10 -36.34 37.62
N LEU B 184 0.16 -37.53 38.22
CA LEU B 184 -0.32 -37.69 39.58
C LEU B 184 0.60 -37.00 40.58
N HIS B 185 1.90 -36.93 40.29
CA HIS B 185 2.89 -36.40 41.21
C HIS B 185 3.08 -34.89 41.11
N LEU B 186 2.53 -34.23 40.10
CA LEU B 186 2.82 -32.81 39.93
C LEU B 186 2.15 -32.00 41.04
N PRO B 187 2.76 -30.88 41.45
CA PRO B 187 2.21 -30.08 42.55
C PRO B 187 0.83 -29.52 42.21
N HIS B 188 0.21 -28.94 43.23
CA HIS B 188 -1.14 -28.40 43.08
C HIS B 188 -1.16 -27.16 42.20
N ARG B 189 -0.12 -26.34 42.24
CA ARG B 189 -0.11 -25.09 41.48
C ARG B 189 -0.08 -25.35 39.98
N LEU B 190 0.71 -26.33 39.53
CA LEU B 190 0.76 -26.64 38.11
C LEU B 190 -0.58 -27.13 37.59
N LEU B 191 -1.24 -28.02 38.34
CA LEU B 191 -2.55 -28.50 37.93
C LEU B 191 -3.56 -27.36 37.92
N THR B 192 -3.50 -26.48 38.91
CA THR B 192 -4.40 -25.33 38.92
C THR B 192 -4.18 -24.46 37.69
N ASP B 193 -2.92 -24.24 37.31
CA ASP B 193 -2.63 -23.40 36.15
C ASP B 193 -3.13 -24.04 34.86
N ILE B 194 -2.91 -25.34 34.69
CA ILE B 194 -3.32 -25.98 33.43
C ILE B 194 -4.84 -26.12 33.37
N ILE B 195 -5.51 -26.26 34.52
CA ILE B 195 -6.97 -26.41 34.50
C ILE B 195 -7.64 -25.06 34.30
N SER B 196 -7.20 -24.03 35.03
CA SER B 196 -7.84 -22.72 34.95
C SER B 196 -7.64 -22.06 33.59
N ASP B 197 -6.72 -22.56 32.77
CA ASP B 197 -6.55 -22.03 31.42
C ASP B 197 -7.74 -22.32 30.54
N GLY B 198 -8.53 -23.35 30.85
CA GLY B 198 -9.69 -23.71 30.06
C GLY B 198 -9.51 -24.97 29.27
N VAL B 199 -10.04 -26.08 29.79
CA VAL B 199 -9.91 -27.39 29.16
C VAL B 199 -11.08 -27.60 28.22
N PRO B 200 -10.87 -28.14 27.01
CA PRO B 200 -11.99 -28.45 26.13
C PRO B 200 -12.91 -29.50 26.74
N CYS B 201 -14.20 -29.42 26.40
CA CYS B 201 -15.21 -30.26 27.03
C CYS B 201 -14.97 -31.75 26.77
N SER B 202 -14.42 -32.11 25.62
CA SER B 202 -14.28 -33.52 25.27
C SER B 202 -13.18 -34.23 26.06
N GLN B 203 -12.35 -33.48 26.80
CA GLN B 203 -11.23 -34.07 27.51
C GLN B 203 -11.60 -34.55 28.91
N ASN B 204 -12.79 -34.20 29.40
CA ASN B 204 -13.27 -34.60 30.73
C ASN B 204 -12.30 -34.19 31.83
N PRO B 205 -12.18 -32.89 32.11
CA PRO B 205 -11.30 -32.48 33.23
C PRO B 205 -11.77 -32.96 34.59
N THR B 206 -13.06 -33.25 34.76
CA THR B 206 -13.55 -33.74 36.04
C THR B 206 -12.91 -35.07 36.40
N GLU B 207 -12.74 -35.96 35.42
CA GLU B 207 -12.04 -37.21 35.66
C GLU B 207 -10.61 -36.95 36.10
N ALA B 208 -9.93 -35.99 35.47
CA ALA B 208 -8.57 -35.65 35.85
C ALA B 208 -8.51 -35.17 37.29
N ILE B 209 -9.44 -34.29 37.67
CA ILE B 209 -9.46 -33.78 39.03
C ILE B 209 -9.70 -34.90 40.03
N GLU B 210 -10.68 -35.77 39.76
CA GLU B 210 -10.98 -36.83 40.71
C GLU B 210 -9.85 -37.83 40.82
N ALA B 211 -9.18 -38.14 39.70
CA ALA B 211 -8.05 -39.07 39.76
C ALA B 211 -6.88 -38.45 40.52
N TRP B 212 -6.57 -37.18 40.28
CA TRP B 212 -5.50 -36.53 41.00
C TRP B 212 -5.79 -36.51 42.50
N ILE B 213 -7.05 -36.25 42.87
CA ILE B 213 -7.43 -36.29 44.28
C ILE B 213 -7.27 -37.71 44.83
N ASN B 214 -7.72 -38.72 44.07
CA ASN B 214 -7.70 -40.09 44.56
C ASN B 214 -6.31 -40.69 44.60
N PHE B 215 -5.30 -40.04 44.01
CA PHE B 215 -3.94 -40.54 44.10
C PHE B 215 -3.50 -40.62 45.56
N ASN B 216 -3.67 -39.52 46.31
CA ASN B 216 -3.37 -39.48 47.74
C ASN B 216 -4.47 -38.66 48.42
N LYS B 217 -5.52 -39.35 48.89
CA LYS B 217 -6.68 -38.67 49.45
C LYS B 217 -6.32 -37.94 50.75
N GLU B 218 -5.45 -38.54 51.55
CA GLU B 218 -5.18 -38.01 52.88
C GLU B 218 -4.57 -36.60 52.83
N GLU B 219 -3.64 -36.38 51.91
CA GLU B 219 -2.87 -35.15 51.87
C GLU B 219 -3.33 -34.19 50.78
N ARG B 220 -4.47 -34.44 50.14
CA ARG B 220 -4.86 -33.67 48.96
C ARG B 220 -6.34 -33.31 48.94
N GLU B 221 -7.13 -33.72 49.93
CA GLU B 221 -8.56 -33.47 49.88
C GLU B 221 -8.88 -31.99 50.06
N ALA B 222 -8.04 -31.25 50.78
CA ALA B 222 -8.32 -29.84 51.07
C ALA B 222 -8.33 -28.97 49.82
N PHE B 223 -7.76 -29.44 48.71
CA PHE B 223 -7.66 -28.65 47.48
C PHE B 223 -8.82 -28.88 46.52
N ALA B 224 -9.82 -29.68 46.91
CA ALA B 224 -10.93 -29.95 46.00
C ALA B 224 -11.73 -28.69 45.69
N GLU B 225 -12.10 -27.93 46.73
CA GLU B 225 -12.92 -26.75 46.53
C GLU B 225 -12.18 -25.71 45.69
N SER B 226 -10.89 -25.51 45.97
CA SER B 226 -10.11 -24.55 45.20
C SER B 226 -10.00 -24.95 43.74
N LEU B 227 -9.76 -26.24 43.47
CA LEU B 227 -9.68 -26.71 42.09
C LEU B 227 -11.01 -26.53 41.37
N ARG B 228 -12.11 -26.86 42.03
CA ARG B 228 -13.41 -26.70 41.39
C ARG B 228 -13.75 -25.24 41.14
N THR B 229 -13.43 -24.35 42.09
CA THR B 229 -13.67 -22.94 41.91
C THR B 229 -12.82 -22.37 40.78
N SER B 230 -11.55 -22.79 40.69
CA SER B 230 -10.66 -22.32 39.64
C SER B 230 -10.85 -23.04 38.32
N LEU B 231 -11.69 -24.08 38.29
CA LEU B 231 -11.96 -24.78 37.04
C LEU B 231 -12.72 -23.87 36.08
N LYS B 232 -12.34 -23.94 34.80
CA LYS B 232 -13.06 -23.23 33.73
C LYS B 232 -13.05 -24.19 32.52
N GLU B 233 -14.15 -24.29 31.77
CA GLU B 233 -14.21 -25.26 30.65
C GLU B 233 -14.59 -24.55 29.35
N ILE B 234 -14.20 -25.11 28.19
CA ILE B 234 -14.44 -24.42 26.89
C ILE B 234 -14.83 -25.46 25.84
N GLY B 235 -15.28 -25.03 24.65
CA GLY B 235 -15.80 -25.98 23.63
C GLY B 235 -14.85 -26.21 22.47
N GLU B 236 -15.39 -26.65 21.32
CA GLU B 236 -14.61 -27.40 20.30
C GLU B 236 -14.30 -26.49 19.08
N ASN B 237 -13.02 -26.47 18.64
CA ASN B 237 -12.59 -25.60 17.52
C ASN B 237 -11.40 -26.19 16.75
N VAL B 238 -11.29 -27.52 16.58
CA VAL B 238 -10.23 -28.14 15.72
C VAL B 238 -10.81 -28.14 14.30
N HIS B 239 -11.65 -27.15 13.99
CA HIS B 239 -12.40 -27.17 12.71
C HIS B 239 -11.52 -26.80 11.53
N ILE B 240 -11.67 -27.52 10.44
CA ILE B 240 -11.04 -27.16 9.18
C ILE B 240 -12.16 -26.90 8.19
N TYR B 241 -12.30 -25.66 7.76
CA TYR B 241 -13.41 -25.26 6.90
C TYR B 241 -13.06 -25.51 5.44
N LEU B 242 -13.98 -26.11 4.71
CA LEU B 242 -13.80 -26.41 3.30
C LEU B 242 -14.87 -25.71 2.50
N ILE B 243 -14.46 -24.85 1.56
CA ILE B 243 -15.35 -24.18 0.64
C ILE B 243 -15.16 -24.79 -0.73
N GLY B 244 -16.25 -25.26 -1.34
CA GLY B 244 -16.15 -25.89 -2.63
C GLY B 244 -17.39 -25.68 -3.46
N LYS B 245 -17.29 -26.07 -4.72
CA LYS B 245 -18.39 -25.99 -5.68
C LYS B 245 -18.59 -27.36 -6.31
N GLU B 246 -19.83 -27.82 -6.33
CA GLU B 246 -20.12 -29.11 -6.92
C GLU B 246 -20.10 -29.02 -8.45
N SER B 247 -19.92 -30.18 -9.09
CA SER B 247 -19.86 -30.22 -10.55
C SER B 247 -21.20 -29.84 -11.17
N SER B 248 -22.30 -30.30 -10.58
CA SER B 248 -23.63 -30.10 -11.13
C SER B 248 -24.33 -28.85 -10.58
N ARG B 249 -23.68 -28.09 -9.72
CA ARG B 249 -24.28 -26.92 -9.11
C ARG B 249 -23.37 -25.71 -9.25
N THR B 250 -23.98 -24.54 -9.42
CA THR B 250 -23.24 -23.29 -9.56
C THR B 250 -23.16 -22.49 -8.27
N HIS B 251 -23.61 -23.06 -7.16
CA HIS B 251 -23.54 -22.40 -5.86
C HIS B 251 -22.37 -22.96 -5.06
N SER B 252 -22.13 -22.41 -3.88
CA SER B 252 -20.99 -22.77 -3.06
C SER B 252 -21.42 -23.60 -1.87
N LEU B 253 -20.60 -24.58 -1.51
CA LEU B 253 -20.84 -25.48 -0.39
C LEU B 253 -19.72 -25.31 0.63
N ALA B 254 -20.08 -25.04 1.87
CA ALA B 254 -19.11 -24.83 2.94
C ALA B 254 -19.20 -26.01 3.91
N VAL B 255 -18.18 -26.85 3.92
CA VAL B 255 -18.14 -28.06 4.73
C VAL B 255 -17.10 -27.85 5.83
N SER B 256 -17.49 -28.12 7.07
CA SER B 256 -16.60 -27.97 8.22
C SER B 256 -16.26 -29.35 8.76
N LEU B 257 -14.98 -29.68 8.80
CA LEU B 257 -14.52 -30.97 9.29
C LEU B 257 -14.01 -30.85 10.71
N HIS B 258 -14.24 -31.91 11.50
CA HIS B 258 -13.76 -31.99 12.86
C HIS B 258 -12.75 -33.12 12.96
N CYS B 259 -11.58 -32.83 13.55
CA CYS B 259 -10.48 -33.79 13.61
C CYS B 259 -10.54 -34.56 14.92
N ALA B 260 -10.40 -35.88 14.84
CA ALA B 260 -10.42 -36.74 16.01
C ALA B 260 -8.99 -37.07 16.47
N GLU B 261 -8.91 -37.67 17.67
CA GLU B 261 -7.61 -38.06 18.22
C GLU B 261 -7.05 -39.28 17.50
N ASP B 262 -7.92 -40.02 16.79
CA ASP B 262 -7.55 -41.25 16.08
C ASP B 262 -6.91 -40.92 14.73
N ASP B 263 -6.89 -39.63 14.39
CA ASP B 263 -6.49 -39.10 13.09
C ASP B 263 -7.50 -39.44 12.00
N SER B 264 -8.77 -39.56 12.35
CA SER B 264 -9.85 -39.64 11.37
C SER B 264 -10.57 -38.30 11.29
N ILE B 265 -10.86 -37.87 10.08
CA ILE B 265 -11.55 -36.60 9.84
C ILE B 265 -12.96 -36.92 9.39
N SER B 266 -13.95 -36.36 10.08
CA SER B 266 -15.35 -36.59 9.80
C SER B 266 -16.07 -35.26 9.64
N VAL B 267 -17.11 -35.24 8.80
CA VAL B 267 -17.87 -34.03 8.55
C VAL B 267 -18.79 -33.76 9.73
N SER B 268 -18.72 -32.55 10.29
CA SER B 268 -19.60 -32.15 11.37
C SER B 268 -20.79 -31.31 10.91
N GLY B 269 -20.68 -30.67 9.75
CA GLY B 269 -21.76 -29.85 9.23
C GLY B 269 -21.53 -29.55 7.77
N GLN B 270 -22.53 -28.89 7.17
CA GLN B 270 -22.45 -28.52 5.77
C GLN B 270 -23.46 -27.41 5.49
N ASN B 271 -22.99 -26.36 4.83
CA ASN B 271 -23.81 -25.19 4.54
C ASN B 271 -23.75 -24.89 3.05
N SER B 272 -24.80 -24.26 2.55
CA SER B 272 -24.90 -23.87 1.15
C SER B 272 -25.13 -22.37 1.06
N LEU B 273 -24.36 -21.70 0.21
CA LEU B 273 -24.48 -20.27 -0.02
C LEU B 273 -24.88 -20.02 -1.47
N CYS B 274 -25.77 -19.05 -1.65
CA CYS B 274 -26.37 -18.74 -2.95
C CYS B 274 -25.52 -17.77 -3.77
N HIS B 275 -24.30 -17.50 -3.35
CA HIS B 275 -23.45 -16.52 -4.01
C HIS B 275 -22.06 -17.11 -4.24
N GLN B 276 -21.40 -16.64 -5.29
CA GLN B 276 -20.01 -17.00 -5.52
C GLN B 276 -19.13 -16.36 -4.46
N ILE B 277 -17.95 -16.93 -4.25
CA ILE B 277 -17.03 -16.50 -3.20
C ILE B 277 -15.69 -16.16 -3.83
N THR B 278 -15.16 -14.98 -3.53
CA THR B 278 -13.87 -14.55 -4.04
C THR B 278 -12.73 -14.80 -3.05
N ALA B 279 -12.99 -14.68 -1.76
CA ALA B 279 -11.98 -14.96 -0.75
C ALA B 279 -12.68 -15.42 0.52
N ALA B 280 -11.93 -16.05 1.41
CA ALA B 280 -12.49 -16.55 2.64
C ALA B 280 -11.40 -16.67 3.70
N CYS B 281 -11.80 -16.51 4.96
CA CYS B 281 -10.90 -16.69 6.09
C CYS B 281 -11.69 -17.26 7.24
N LYS B 282 -10.98 -17.92 8.15
CA LYS B 282 -11.59 -18.52 9.34
C LYS B 282 -11.05 -17.79 10.56
N HIS B 283 -11.90 -17.02 11.22
CA HIS B 283 -11.53 -16.24 12.40
C HIS B 283 -12.12 -16.91 13.63
N GLY B 284 -11.24 -17.40 14.50
CA GLY B 284 -11.69 -18.13 15.67
C GLY B 284 -12.41 -19.41 15.30
N GLY B 285 -13.73 -19.43 15.51
CA GLY B 285 -14.54 -20.55 15.09
C GLY B 285 -15.50 -20.18 13.99
N ASP B 286 -15.47 -18.91 13.58
CA ASP B 286 -16.38 -18.36 12.58
C ASP B 286 -15.72 -18.34 11.21
N LEU B 287 -16.54 -18.51 10.19
CA LEU B 287 -16.09 -18.50 8.80
C LEU B 287 -16.61 -17.25 8.11
N TYR B 288 -15.73 -16.52 7.46
CA TYR B 288 -16.08 -15.30 6.74
C TYR B 288 -15.76 -15.48 5.28
N VAL B 289 -16.71 -15.16 4.41
CA VAL B 289 -16.53 -15.32 2.97
C VAL B 289 -16.88 -13.99 2.29
N VAL B 290 -16.22 -13.73 1.17
CA VAL B 290 -16.40 -12.50 0.40
C VAL B 290 -16.72 -12.89 -1.03
N GLY B 291 -17.79 -12.34 -1.58
CA GLY B 291 -18.19 -12.64 -2.94
C GLY B 291 -19.55 -12.08 -3.29
N GLY B 292 -19.68 -11.51 -4.47
CA GLY B 292 -20.90 -10.78 -4.78
C GLY B 292 -21.48 -10.91 -6.17
N SER B 293 -21.42 -12.09 -6.80
CA SER B 293 -21.87 -12.25 -8.19
C SER B 293 -21.07 -11.29 -9.08
N ILE B 294 -19.80 -11.64 -9.26
CA ILE B 294 -18.69 -10.70 -9.20
C ILE B 294 -18.23 -10.11 -10.53
N PRO B 295 -18.80 -8.99 -10.98
CA PRO B 295 -17.97 -7.79 -11.16
C PRO B 295 -18.11 -6.87 -9.95
N ARG B 296 -18.10 -7.44 -8.74
CA ARG B 296 -18.45 -6.65 -7.56
C ARG B 296 -18.07 -7.35 -6.25
N PRO B 297 -16.79 -7.57 -5.96
CA PRO B 297 -16.43 -8.28 -4.72
C PRO B 297 -16.60 -7.43 -3.48
N ARG B 298 -17.81 -7.28 -2.95
CA ARG B 298 -17.97 -6.41 -1.80
C ARG B 298 -18.66 -7.08 -0.62
N ARG B 299 -19.64 -7.92 -0.88
CA ARG B 299 -20.43 -8.49 0.20
C ARG B 299 -19.62 -9.47 1.03
N MET B 300 -19.95 -9.55 2.32
CA MET B 300 -19.35 -10.54 3.22
C MET B 300 -20.43 -11.20 4.06
N TRP B 301 -20.26 -12.49 4.33
CA TRP B 301 -21.17 -13.26 5.17
C TRP B 301 -20.38 -14.05 6.20
N LYS B 302 -20.90 -14.11 7.43
CA LYS B 302 -20.28 -14.82 8.53
C LYS B 302 -21.13 -16.04 8.89
N CYS B 303 -20.49 -17.21 9.01
CA CYS B 303 -21.19 -18.44 9.37
C CYS B 303 -20.68 -18.92 10.72
N ASN B 304 -21.62 -19.28 11.60
CA ASN B 304 -21.29 -19.87 12.88
C ASN B 304 -21.67 -21.35 12.85
N ASN B 305 -20.80 -22.19 13.44
CA ASN B 305 -21.01 -23.63 13.37
C ASN B 305 -22.31 -24.06 14.03
N ALA B 306 -22.62 -23.48 15.19
CA ALA B 306 -23.82 -23.87 15.92
C ALA B 306 -25.09 -23.44 15.17
N THR B 307 -25.12 -22.23 14.63
CA THR B 307 -26.34 -21.71 14.03
C THR B 307 -26.70 -22.44 12.74
N VAL B 308 -25.70 -22.85 11.96
CA VAL B 308 -25.89 -23.44 10.65
C VAL B 308 -26.69 -22.46 9.78
N ASP B 309 -26.22 -21.23 9.71
CA ASP B 309 -26.91 -20.18 8.96
C ASP B 309 -25.88 -19.18 8.47
N TRP B 310 -26.37 -18.04 7.96
CA TRP B 310 -25.54 -17.05 7.30
C TRP B 310 -25.94 -15.67 7.81
N GLU B 311 -24.94 -14.88 8.19
CA GLU B 311 -25.18 -13.52 8.66
C GLU B 311 -24.32 -12.57 7.85
N TRP B 312 -24.96 -11.52 7.35
CA TRP B 312 -24.29 -10.57 6.47
C TRP B 312 -23.55 -9.53 7.31
N CYS B 313 -22.33 -9.23 6.90
CA CYS B 313 -21.47 -8.27 7.57
C CYS B 313 -21.27 -7.04 6.70
N ALA B 314 -20.46 -6.11 7.19
CA ALA B 314 -20.26 -4.85 6.50
C ALA B 314 -19.57 -5.08 5.15
N PRO B 315 -20.01 -4.40 4.10
CA PRO B 315 -19.39 -4.60 2.78
C PRO B 315 -18.00 -4.01 2.72
N LEU B 316 -17.22 -4.51 1.77
CA LEU B 316 -15.84 -4.10 1.62
C LEU B 316 -15.76 -2.64 1.19
N PRO B 317 -14.79 -1.87 1.71
CA PRO B 317 -14.65 -0.47 1.28
C PRO B 317 -14.28 -0.33 -0.19
N ARG B 318 -13.78 -1.39 -0.82
CA ARG B 318 -13.47 -1.40 -2.24
C ARG B 318 -13.57 -2.83 -2.75
N ASP B 319 -13.92 -2.97 -4.01
CA ASP B 319 -14.14 -4.30 -4.61
C ASP B 319 -12.92 -4.72 -5.41
N ARG B 320 -12.25 -5.77 -4.93
CA ARG B 320 -11.01 -6.27 -5.50
C ARG B 320 -11.13 -7.76 -5.71
N LEU B 321 -10.45 -8.27 -6.73
CA LEU B 321 -10.44 -9.70 -7.01
C LEU B 321 -9.13 -10.32 -6.56
N GLN B 322 -9.22 -11.54 -6.04
CA GLN B 322 -8.05 -12.33 -5.64
C GLN B 322 -7.21 -11.62 -4.58
N HIS B 323 -7.88 -11.00 -3.61
CA HIS B 323 -7.15 -10.47 -2.46
C HIS B 323 -6.93 -11.58 -1.44
N THR B 324 -6.12 -11.27 -0.43
CA THR B 324 -5.79 -12.22 0.63
C THR B 324 -6.46 -11.78 1.93
N LEU B 325 -7.28 -12.66 2.49
CA LEU B 325 -7.92 -12.41 3.78
C LEU B 325 -7.15 -13.12 4.87
N VAL B 326 -6.63 -12.34 5.83
CA VAL B 326 -5.82 -12.86 6.92
C VAL B 326 -6.52 -12.54 8.23
N SER B 327 -6.68 -13.54 9.08
CA SER B 327 -7.32 -13.37 10.37
C SER B 327 -6.27 -13.11 11.43
N VAL B 328 -6.46 -12.06 12.22
CA VAL B 328 -5.51 -11.68 13.26
C VAL B 328 -6.22 -11.70 14.61
N PRO B 329 -6.22 -12.83 15.32
CA PRO B 329 -6.93 -12.88 16.61
C PRO B 329 -6.34 -11.97 17.66
N GLY B 330 -5.08 -11.54 17.51
CA GLY B 330 -4.48 -10.68 18.52
C GLY B 330 -5.18 -9.33 18.63
N LYS B 331 -5.45 -8.70 17.49
CA LYS B 331 -6.17 -7.44 17.46
C LYS B 331 -7.66 -7.60 17.17
N ASP B 332 -8.14 -8.84 17.05
CA ASP B 332 -9.53 -9.13 16.71
C ASP B 332 -9.94 -8.40 15.44
N ALA B 333 -9.19 -8.68 14.36
CA ALA B 333 -9.40 -8.01 13.09
C ALA B 333 -9.15 -8.99 11.95
N ILE B 334 -9.74 -8.68 10.81
CA ILE B 334 -9.56 -9.45 9.58
C ILE B 334 -8.99 -8.52 8.53
N TYR B 335 -7.85 -8.89 7.96
CA TYR B 335 -7.12 -8.02 7.05
C TYR B 335 -7.30 -8.49 5.61
N SER B 336 -7.56 -7.54 4.71
CA SER B 336 -7.60 -7.80 3.28
C SER B 336 -6.43 -7.08 2.62
N LEU B 337 -5.58 -7.82 1.93
CA LEU B 337 -4.30 -7.31 1.45
C LEU B 337 -4.17 -7.55 -0.05
N GLY B 338 -3.74 -6.52 -0.76
CA GLY B 338 -3.47 -6.64 -2.18
C GLY B 338 -4.71 -6.97 -2.98
N GLY B 339 -4.50 -7.61 -4.12
CA GLY B 339 -5.58 -8.08 -4.96
C GLY B 339 -5.69 -7.28 -6.24
N LYS B 340 -6.25 -7.93 -7.26
CA LYS B 340 -6.50 -7.30 -8.54
C LYS B 340 -7.72 -6.39 -8.48
N THR B 341 -7.86 -5.55 -9.49
CA THR B 341 -9.04 -4.74 -9.70
C THR B 341 -9.80 -5.27 -10.92
N LEU B 342 -11.04 -4.82 -11.07
CA LEU B 342 -11.83 -5.21 -12.22
C LEU B 342 -11.25 -4.70 -13.53
N GLN B 343 -10.37 -3.70 -13.48
CA GLN B 343 -9.68 -3.20 -14.66
C GLN B 343 -8.33 -3.88 -14.85
N ASP B 344 -8.08 -4.99 -14.14
CA ASP B 344 -6.86 -5.80 -14.31
C ASP B 344 -5.60 -5.04 -13.90
N THR B 345 -5.76 -4.06 -13.01
CA THR B 345 -4.63 -3.32 -12.46
C THR B 345 -4.46 -3.71 -11.00
N LEU B 346 -3.25 -4.12 -10.63
CA LEU B 346 -2.99 -4.57 -9.29
C LEU B 346 -3.17 -3.43 -8.29
N SER B 347 -3.67 -3.78 -7.11
CA SER B 347 -3.95 -2.81 -6.05
C SER B 347 -3.15 -3.17 -4.82
N ASN B 348 -2.62 -2.15 -4.14
CA ASN B 348 -1.82 -2.33 -2.94
C ASN B 348 -2.50 -1.77 -1.70
N ALA B 349 -3.83 -1.71 -1.69
CA ALA B 349 -4.55 -1.17 -0.55
C ALA B 349 -4.72 -2.23 0.53
N VAL B 350 -4.59 -1.80 1.78
CA VAL B 350 -4.73 -2.69 2.94
C VAL B 350 -5.84 -2.16 3.82
N ILE B 351 -6.81 -3.01 4.12
CA ILE B 351 -7.97 -2.65 4.93
C ILE B 351 -8.26 -3.77 5.93
N TYR B 352 -8.62 -3.38 7.15
CA TYR B 352 -8.84 -4.34 8.21
C TYR B 352 -10.22 -4.13 8.82
N TYR B 353 -10.85 -5.23 9.22
CA TYR B 353 -12.24 -5.24 9.65
C TYR B 353 -12.31 -5.63 11.12
N ARG B 354 -12.91 -4.78 11.93
CA ARG B 354 -13.02 -5.04 13.37
C ARG B 354 -14.24 -5.91 13.62
N VAL B 355 -14.01 -7.12 14.12
CA VAL B 355 -15.11 -8.06 14.33
C VAL B 355 -16.08 -7.54 15.37
N GLY B 356 -15.56 -6.90 16.43
CA GLY B 356 -16.44 -6.41 17.48
C GLY B 356 -17.36 -5.29 17.02
N ASP B 357 -16.81 -4.33 16.28
CA ASP B 357 -17.56 -3.13 15.91
C ASP B 357 -18.19 -3.20 14.53
N ASN B 358 -17.88 -4.23 13.74
CA ASN B 358 -18.44 -4.40 12.40
C ASN B 358 -18.16 -3.18 11.53
N VAL B 359 -16.93 -2.67 11.62
CA VAL B 359 -16.52 -1.45 10.92
C VAL B 359 -15.18 -1.70 10.24
N TRP B 360 -15.10 -1.31 8.97
CA TRP B 360 -13.85 -1.37 8.22
C TRP B 360 -13.04 -0.10 8.41
N THR B 361 -11.75 -0.21 8.11
CA THR B 361 -10.82 0.91 8.22
C THR B 361 -9.69 0.68 7.23
N GLU B 362 -9.01 1.76 6.86
CA GLU B 362 -7.90 1.69 5.92
C GLU B 362 -6.59 2.05 6.63
N THR B 363 -5.53 1.31 6.29
CA THR B 363 -4.22 1.52 6.88
C THR B 363 -3.22 1.76 5.76
N THR B 364 -1.94 1.77 6.12
CA THR B 364 -0.88 2.08 5.16
C THR B 364 -0.83 1.04 4.05
N GLN B 365 -0.61 1.52 2.83
CA GLN B 365 -0.60 0.65 1.66
C GLN B 365 0.64 -0.22 1.65
N LEU B 366 0.59 -1.27 0.82
CA LEU B 366 1.71 -2.18 0.68
C LEU B 366 2.84 -1.51 -0.10
N GLU B 367 4.06 -2.05 0.09
CA GLU B 367 5.20 -1.56 -0.67
C GLU B 367 5.10 -1.98 -2.14
N VAL B 368 4.78 -3.25 -2.39
CA VAL B 368 4.65 -3.78 -3.73
C VAL B 368 3.28 -4.42 -3.86
N ALA B 369 2.55 -4.05 -4.92
CA ALA B 369 1.21 -4.59 -5.12
C ALA B 369 1.29 -6.03 -5.61
N VAL B 370 0.57 -6.92 -4.95
CA VAL B 370 0.49 -8.32 -5.32
C VAL B 370 -0.96 -8.75 -5.36
N SER B 371 -1.23 -9.81 -6.12
CA SER B 371 -2.58 -10.36 -6.21
C SER B 371 -2.52 -11.87 -6.10
N GLY B 372 -3.44 -12.43 -5.33
CA GLY B 372 -3.44 -13.87 -5.13
C GLY B 372 -2.31 -14.37 -4.27
N ALA B 373 -1.78 -13.53 -3.38
CA ALA B 373 -0.68 -13.92 -2.52
C ALA B 373 -1.18 -14.91 -1.46
N ALA B 374 -0.24 -15.44 -0.69
CA ALA B 374 -0.55 -16.32 0.43
C ALA B 374 -0.24 -15.59 1.72
N GLY B 375 -1.27 -15.37 2.54
CA GLY B 375 -1.15 -14.59 3.75
C GLY B 375 -1.07 -15.49 4.98
N ALA B 376 -0.05 -15.25 5.80
CA ALA B 376 0.17 -16.02 7.02
C ALA B 376 0.36 -15.05 8.18
N ASN B 377 -0.38 -15.27 9.26
CA ASN B 377 -0.26 -14.47 10.48
C ASN B 377 0.71 -15.17 11.43
N LEU B 378 1.65 -14.40 11.98
CA LEU B 378 2.66 -14.94 12.87
C LEU B 378 2.92 -13.95 13.99
N ASN B 379 2.34 -14.22 15.17
CA ASN B 379 2.53 -13.38 16.36
C ASN B 379 2.16 -11.93 16.08
N GLY B 380 1.07 -11.72 15.35
CA GLY B 380 0.60 -10.40 15.03
C GLY B 380 1.24 -9.75 13.83
N ILE B 381 2.15 -10.45 13.14
CA ILE B 381 2.81 -9.93 11.95
C ILE B 381 2.31 -10.73 10.74
N ILE B 382 1.84 -10.02 9.73
CA ILE B 382 1.23 -10.64 8.56
C ILE B 382 2.27 -10.75 7.46
N TYR B 383 2.46 -11.95 6.94
CA TYR B 383 3.40 -12.22 5.86
C TYR B 383 2.62 -12.46 4.58
N LEU B 384 2.97 -11.73 3.51
CA LEU B 384 2.37 -11.93 2.20
C LEU B 384 3.39 -12.66 1.32
N LEU B 385 3.09 -13.90 0.98
CA LEU B 385 4.02 -14.78 0.31
C LEU B 385 3.60 -14.96 -1.15
N GLY B 386 4.55 -14.78 -2.06
CA GLY B 386 4.25 -15.02 -3.45
C GLY B 386 3.24 -14.05 -4.02
N GLY B 387 2.51 -14.52 -5.02
CA GLY B 387 1.49 -13.75 -5.69
C GLY B 387 1.87 -13.49 -7.14
N GLU B 388 1.51 -12.30 -7.62
CA GLU B 388 1.85 -11.86 -8.98
C GLU B 388 2.24 -10.39 -8.92
N GLU B 389 3.51 -10.10 -9.20
CA GLU B 389 3.96 -8.72 -9.24
C GLU B 389 3.38 -8.00 -10.45
N ASN B 390 3.57 -6.69 -10.49
CA ASN B 390 3.20 -5.87 -11.64
C ASN B 390 4.44 -5.72 -12.51
N ASP B 391 4.46 -6.46 -13.63
CA ASP B 391 5.57 -6.34 -14.56
C ASP B 391 5.60 -4.94 -15.18
N LEU B 392 6.81 -4.46 -15.46
CA LEU B 392 6.96 -3.10 -15.94
C LEU B 392 6.25 -2.87 -17.27
N ASP B 393 6.15 -3.91 -18.10
CA ASP B 393 5.51 -3.76 -19.40
C ASP B 393 4.02 -4.09 -19.33
N PHE B 394 3.32 -3.50 -18.37
CA PHE B 394 1.87 -3.48 -18.24
C PHE B 394 1.26 -4.86 -17.97
N PHE B 395 2.05 -5.93 -17.95
CA PHE B 395 1.53 -7.26 -17.65
C PHE B 395 1.89 -7.65 -16.22
N THR B 396 1.62 -8.90 -15.86
CA THR B 396 1.91 -9.45 -14.55
C THR B 396 2.77 -10.69 -14.69
N LYS B 397 3.67 -10.89 -13.73
CA LYS B 397 4.57 -12.02 -13.71
C LYS B 397 4.50 -12.71 -12.36
N PRO B 398 4.77 -14.01 -12.30
CA PRO B 398 4.83 -14.69 -11.01
C PRO B 398 5.89 -14.07 -10.12
N SER B 399 5.59 -13.95 -8.84
CA SER B 399 6.44 -13.26 -7.90
C SER B 399 6.95 -14.22 -6.83
N ARG B 400 8.05 -13.81 -6.18
CA ARG B 400 8.63 -14.60 -5.11
C ARG B 400 9.06 -13.75 -3.92
N LEU B 401 8.72 -12.47 -3.89
CA LEU B 401 9.18 -11.59 -2.83
C LEU B 401 8.39 -11.83 -1.56
N ILE B 402 8.95 -11.41 -0.43
CA ILE B 402 8.35 -11.56 0.89
C ILE B 402 8.03 -10.17 1.41
N GLN B 403 6.81 -9.99 1.89
CA GLN B 403 6.37 -8.73 2.47
C GLN B 403 5.96 -8.97 3.91
N CYS B 404 6.46 -8.13 4.81
CA CYS B 404 6.18 -8.24 6.24
C CYS B 404 5.35 -7.05 6.68
N PHE B 405 4.19 -7.33 7.26
CA PHE B 405 3.27 -6.28 7.72
C PHE B 405 3.14 -6.41 9.23
N ASP B 406 3.65 -5.41 9.96
CA ASP B 406 3.57 -5.40 11.41
C ASP B 406 2.29 -4.71 11.83
N THR B 407 1.32 -5.49 12.31
CA THR B 407 0.01 -4.93 12.65
C THR B 407 0.07 -4.00 13.85
N GLU B 408 0.96 -4.25 14.80
CA GLU B 408 1.06 -3.38 15.97
C GLU B 408 1.50 -1.98 15.59
N THR B 409 2.47 -1.87 14.67
CA THR B 409 2.99 -0.58 14.23
C THR B 409 2.33 -0.08 12.96
N ASP B 410 1.66 -0.95 12.21
CA ASP B 410 1.06 -0.62 10.91
C ASP B 410 2.13 -0.11 9.95
N LYS B 411 3.24 -0.85 9.89
CA LYS B 411 4.35 -0.54 9.00
C LYS B 411 4.72 -1.80 8.23
N CYS B 412 4.84 -1.66 6.92
CA CYS B 412 5.14 -2.78 6.04
C CYS B 412 6.50 -2.59 5.38
N HIS B 413 7.20 -3.69 5.14
CA HIS B 413 8.50 -3.66 4.49
C HIS B 413 8.74 -4.99 3.80
N VAL B 414 9.38 -4.93 2.65
CA VAL B 414 9.62 -6.12 1.83
C VAL B 414 10.96 -6.73 2.21
N LYS B 415 10.97 -8.04 2.44
CA LYS B 415 12.18 -8.74 2.84
C LYS B 415 13.14 -8.86 1.66
N PRO B 416 14.45 -8.65 1.91
CA PRO B 416 15.43 -8.78 0.81
C PRO B 416 15.54 -10.18 0.24
N TYR B 417 15.09 -11.19 0.97
CA TYR B 417 15.17 -12.58 0.55
C TYR B 417 14.06 -12.91 -0.45
N VAL B 418 14.18 -14.08 -1.08
CA VAL B 418 13.24 -14.50 -2.10
C VAL B 418 12.94 -15.99 -1.92
N LEU B 419 11.71 -16.37 -2.26
CA LEU B 419 11.28 -17.74 -2.14
C LEU B 419 11.98 -18.64 -3.16
N PRO B 420 12.13 -19.92 -2.86
CA PRO B 420 12.69 -20.84 -3.87
C PRO B 420 11.86 -20.93 -5.14
N PHE B 421 10.54 -20.81 -5.03
CA PHE B 421 9.65 -20.87 -6.19
C PHE B 421 8.78 -19.62 -6.23
N ALA B 422 7.90 -19.56 -7.23
CA ALA B 422 7.06 -18.40 -7.46
C ALA B 422 5.66 -18.87 -7.86
N GLY B 423 4.80 -17.90 -8.15
CA GLY B 423 3.45 -18.21 -8.57
C GLY B 423 2.49 -18.33 -7.40
N ARG B 424 1.36 -18.97 -7.68
CA ARG B 424 0.35 -19.19 -6.65
C ARG B 424 0.82 -20.23 -5.65
N MET B 425 0.52 -19.99 -4.38
CA MET B 425 0.98 -20.87 -3.30
C MET B 425 0.02 -20.74 -2.13
N HIS B 426 0.10 -21.71 -1.22
CA HIS B 426 -0.73 -21.74 -0.04
C HIS B 426 0.16 -21.83 1.19
N ALA B 427 -0.19 -21.05 2.21
CA ALA B 427 0.63 -20.94 3.40
C ALA B 427 -0.17 -21.39 4.62
N ALA B 428 0.45 -22.26 5.41
CA ALA B 428 -0.13 -22.72 6.67
C ALA B 428 0.87 -22.50 7.78
N VAL B 429 0.42 -21.87 8.86
CA VAL B 429 1.28 -21.57 10.00
C VAL B 429 1.23 -22.73 10.97
N HIS B 430 2.40 -23.25 11.34
CA HIS B 430 2.50 -24.35 12.29
C HIS B 430 3.53 -23.97 13.33
N LYS B 431 3.09 -23.87 14.59
CA LYS B 431 3.94 -23.51 15.71
C LYS B 431 4.58 -22.14 15.49
N ASP B 432 5.82 -22.11 15.01
CA ASP B 432 6.56 -20.88 14.79
C ASP B 432 7.12 -20.84 13.37
N LEU B 433 6.49 -21.56 12.45
CA LEU B 433 6.98 -21.66 11.08
C LEU B 433 5.83 -21.47 10.12
N VAL B 434 6.17 -21.11 8.88
CA VAL B 434 5.19 -20.98 7.81
C VAL B 434 5.50 -22.05 6.78
N PHE B 435 4.58 -22.99 6.61
CA PHE B 435 4.71 -24.03 5.60
C PHE B 435 4.00 -23.57 4.34
N ILE B 436 4.73 -23.48 3.24
CA ILE B 436 4.19 -22.98 1.98
C ILE B 436 4.28 -24.08 0.93
N VAL B 437 3.18 -24.35 0.24
CA VAL B 437 3.11 -25.37 -0.80
C VAL B 437 2.80 -24.68 -2.12
N ALA B 438 3.65 -24.89 -3.10
CA ALA B 438 3.52 -24.28 -4.41
C ALA B 438 3.25 -25.34 -5.48
N GLU B 439 3.21 -24.89 -6.73
CA GLU B 439 3.02 -25.80 -7.85
C GLU B 439 4.22 -26.70 -8.01
N GLY B 440 3.98 -27.90 -8.54
CA GLY B 440 5.06 -28.84 -8.78
C GLY B 440 5.43 -29.72 -7.60
N ASP B 441 4.52 -29.91 -6.65
CA ASP B 441 4.71 -30.82 -5.52
C ASP B 441 6.01 -30.51 -4.75
N SER B 442 6.07 -29.28 -4.24
CA SER B 442 7.18 -28.83 -3.43
C SER B 442 6.65 -28.22 -2.14
N LEU B 443 7.22 -28.63 -1.01
CA LEU B 443 6.84 -28.11 0.30
C LEU B 443 8.04 -27.44 0.94
N VAL B 444 7.85 -26.21 1.41
CA VAL B 444 8.92 -25.40 1.97
C VAL B 444 8.54 -24.99 3.38
N CYS B 445 9.43 -25.22 4.33
CA CYS B 445 9.22 -24.79 5.71
C CYS B 445 9.99 -23.50 5.96
N TYR B 446 9.27 -22.42 6.21
CA TYR B 446 9.85 -21.09 6.32
C TYR B 446 9.92 -20.66 7.77
N ASN B 447 11.13 -20.38 8.23
CA ASN B 447 11.35 -19.83 9.57
C ASN B 447 11.67 -18.36 9.44
N PRO B 448 10.80 -17.46 9.87
CA PRO B 448 11.03 -16.03 9.61
C PRO B 448 12.04 -15.40 10.56
N LEU B 449 12.22 -15.97 11.75
CA LEU B 449 13.17 -15.41 12.70
C LEU B 449 14.61 -15.54 12.18
N LEU B 450 14.99 -16.75 11.78
CA LEU B 450 16.30 -16.95 11.16
C LEU B 450 16.29 -16.67 9.67
N ASP B 451 15.10 -16.59 9.06
CA ASP B 451 14.94 -16.30 7.64
C ASP B 451 15.71 -17.31 6.78
N SER B 452 15.28 -18.57 6.89
CA SER B 452 15.88 -19.65 6.14
C SER B 452 14.79 -20.63 5.71
N PHE B 453 15.11 -21.41 4.67
CA PHE B 453 14.17 -22.34 4.07
C PHE B 453 14.67 -23.76 4.28
N THR B 454 13.74 -24.69 4.46
CA THR B 454 14.07 -26.11 4.56
C THR B 454 13.05 -26.90 3.78
N ARG B 455 13.40 -27.30 2.56
CA ARG B 455 12.50 -28.07 1.72
C ARG B 455 12.29 -29.46 2.32
N LEU B 456 11.04 -29.91 2.32
CA LEU B 456 10.66 -31.19 2.88
C LEU B 456 10.52 -32.22 1.76
N CYS B 457 11.11 -33.40 1.97
CA CYS B 457 11.00 -34.46 0.97
C CYS B 457 9.55 -34.90 0.83
N LEU B 458 9.20 -35.35 -0.37
CA LEU B 458 7.83 -35.66 -0.70
C LEU B 458 7.78 -36.97 -1.48
N PRO B 459 6.80 -37.82 -1.21
CA PRO B 459 6.73 -39.12 -1.89
C PRO B 459 6.44 -38.99 -3.37
N GLU B 460 6.89 -39.99 -4.12
CA GLU B 460 6.79 -39.96 -5.57
C GLU B 460 5.36 -40.11 -6.07
N ALA B 461 4.44 -40.55 -5.21
CA ALA B 461 3.05 -40.74 -5.63
C ALA B 461 2.38 -39.43 -6.01
N TRP B 462 2.93 -38.30 -5.56
CA TRP B 462 2.35 -37.00 -5.90
C TRP B 462 2.67 -36.59 -7.33
N SER B 463 3.57 -37.32 -8.00
CA SER B 463 4.01 -36.95 -9.35
C SER B 463 3.11 -37.48 -10.44
N SER B 464 2.05 -38.22 -10.10
CA SER B 464 1.15 -38.74 -11.13
C SER B 464 0.49 -37.60 -11.91
N ALA B 465 0.05 -36.55 -11.21
CA ALA B 465 -0.54 -35.39 -11.84
C ALA B 465 0.07 -34.13 -11.26
N PRO B 466 0.19 -33.05 -12.05
CA PRO B 466 0.71 -31.78 -11.55
C PRO B 466 -0.36 -30.88 -10.93
N SER B 467 -1.15 -31.44 -10.02
CA SER B 467 -2.23 -30.70 -9.40
C SER B 467 -1.72 -29.89 -8.21
N LEU B 468 -2.40 -28.79 -7.93
CA LEU B 468 -2.07 -27.97 -6.78
C LEU B 468 -2.51 -28.66 -5.48
N TRP B 469 -1.86 -28.30 -4.38
CA TRP B 469 -2.17 -28.88 -3.09
C TRP B 469 -2.49 -27.78 -2.09
N LYS B 470 -3.54 -27.99 -1.30
CA LYS B 470 -3.94 -27.08 -0.23
C LYS B 470 -3.46 -27.64 1.10
N ILE B 471 -2.90 -26.78 1.93
CA ILE B 471 -2.32 -27.18 3.21
C ILE B 471 -3.09 -26.50 4.34
N ALA B 472 -3.39 -27.28 5.38
CA ALA B 472 -4.06 -26.75 6.56
C ALA B 472 -3.46 -27.41 7.79
N SER B 473 -3.43 -26.65 8.88
CA SER B 473 -2.86 -27.10 10.15
C SER B 473 -3.96 -27.21 11.19
N CYS B 474 -3.97 -28.33 11.91
CA CYS B 474 -5.02 -28.61 12.87
C CYS B 474 -4.44 -29.34 14.08
N ASN B 475 -4.63 -28.75 15.26
CA ASN B 475 -4.21 -29.31 16.54
C ASN B 475 -2.82 -29.93 16.49
N GLY B 476 -1.86 -29.24 15.90
CA GLY B 476 -0.50 -29.71 15.84
C GLY B 476 -0.20 -30.70 14.74
N SER B 477 -1.11 -30.90 13.80
CA SER B 477 -0.89 -31.78 12.66
C SER B 477 -1.08 -30.99 11.38
N ILE B 478 -0.30 -31.33 10.36
CA ILE B 478 -0.34 -30.66 9.08
C ILE B 478 -1.05 -31.57 8.09
N TYR B 479 -2.11 -31.07 7.48
CA TYR B 479 -2.89 -31.83 6.51
C TYR B 479 -2.71 -31.21 5.13
N VAL B 480 -2.48 -32.05 4.13
CA VAL B 480 -2.30 -31.60 2.76
C VAL B 480 -3.42 -32.19 1.90
N PHE B 481 -4.17 -31.32 1.23
CA PHE B 481 -5.33 -31.71 0.45
C PHE B 481 -5.03 -31.57 -1.04
N ARG B 482 -5.81 -32.26 -1.86
CA ARG B 482 -5.70 -32.14 -3.32
C ARG B 482 -6.82 -31.26 -3.84
N ASP B 483 -6.47 -30.33 -4.73
CA ASP B 483 -7.46 -29.39 -5.25
C ASP B 483 -8.52 -30.09 -6.10
N ARG B 484 -8.09 -31.06 -6.92
CA ARG B 484 -9.00 -31.75 -7.82
C ARG B 484 -9.25 -33.16 -7.29
N TYR B 485 -10.52 -33.51 -7.12
CA TYR B 485 -10.92 -34.82 -6.61
C TYR B 485 -11.50 -35.64 -7.75
N LYS B 486 -11.00 -36.86 -7.92
CA LYS B 486 -11.60 -37.78 -8.88
C LYS B 486 -12.88 -38.37 -8.31
N LYS B 487 -13.73 -38.88 -9.20
CA LYS B 487 -14.98 -39.50 -8.79
C LYS B 487 -14.72 -40.72 -7.93
N GLY B 488 -15.03 -40.63 -6.64
CA GLY B 488 -14.75 -41.70 -5.70
C GLY B 488 -13.37 -41.68 -5.11
N ASP B 489 -12.51 -40.77 -5.54
CA ASP B 489 -11.13 -40.69 -5.07
C ASP B 489 -10.96 -39.37 -4.29
N ALA B 490 -11.03 -39.45 -2.97
CA ALA B 490 -10.82 -38.31 -2.09
C ALA B 490 -9.62 -38.63 -1.19
N ASN B 491 -8.47 -38.07 -1.53
CA ASN B 491 -7.23 -38.34 -0.81
C ASN B 491 -6.82 -37.11 -0.01
N THR B 492 -6.63 -37.30 1.29
CA THR B 492 -6.13 -36.27 2.18
C THR B 492 -4.92 -36.82 2.91
N TYR B 493 -3.79 -36.13 2.78
CA TYR B 493 -2.51 -36.62 3.28
C TYR B 493 -2.13 -35.86 4.53
N LYS B 494 -1.94 -36.59 5.64
CA LYS B 494 -1.38 -36.00 6.84
C LYS B 494 0.13 -36.07 6.82
N LEU B 495 0.78 -34.99 7.22
CA LEU B 495 2.23 -34.88 7.19
C LEU B 495 2.77 -34.75 8.61
N ASP B 496 3.81 -35.52 8.92
CA ASP B 496 4.48 -35.41 10.21
C ASP B 496 5.79 -34.65 9.98
N PRO B 497 5.90 -33.40 10.44
CA PRO B 497 7.09 -32.61 10.11
C PRO B 497 8.37 -33.08 10.79
N ALA B 498 8.28 -33.87 11.86
CA ALA B 498 9.49 -34.32 12.53
C ALA B 498 10.29 -35.29 11.67
N THR B 499 9.62 -36.25 11.05
CA THR B 499 10.27 -37.26 10.22
C THR B 499 9.89 -37.17 8.75
N SER B 500 9.11 -36.16 8.36
CA SER B 500 8.67 -35.98 6.98
C SER B 500 7.93 -37.21 6.46
N ALA B 501 7.12 -37.81 7.33
CA ALA B 501 6.32 -38.96 6.96
C ALA B 501 4.94 -38.52 6.47
N VAL B 502 4.35 -39.33 5.60
CA VAL B 502 3.04 -39.05 5.02
C VAL B 502 2.12 -40.23 5.29
N THR B 503 0.92 -39.94 5.79
CA THR B 503 -0.05 -40.97 6.14
C THR B 503 -1.39 -40.62 5.52
N VAL B 504 -1.99 -41.56 4.82
CA VAL B 504 -3.31 -41.34 4.24
C VAL B 504 -4.36 -41.41 5.35
N THR B 505 -5.34 -40.50 5.29
CA THR B 505 -6.37 -40.41 6.31
C THR B 505 -7.71 -40.88 5.74
N ARG B 506 -8.38 -41.76 6.48
CA ARG B 506 -9.66 -42.31 6.08
C ARG B 506 -10.81 -41.48 6.67
N GLY B 507 -12.02 -41.84 6.28
CA GLY B 507 -13.22 -41.24 6.84
C GLY B 507 -13.73 -40.02 6.11
N ILE B 508 -13.04 -39.57 5.07
CA ILE B 508 -13.45 -38.38 4.32
C ILE B 508 -14.14 -38.82 3.04
N LYS B 509 -15.41 -38.42 2.89
CA LYS B 509 -16.16 -38.69 1.66
C LYS B 509 -17.14 -37.54 1.45
N VAL B 510 -16.71 -36.54 0.70
CA VAL B 510 -17.53 -35.37 0.38
C VAL B 510 -17.53 -35.18 -1.13
N LEU B 511 -18.71 -34.97 -1.71
CA LEU B 511 -18.84 -34.81 -3.15
C LEU B 511 -18.46 -33.39 -3.58
N LEU B 512 -17.20 -33.04 -3.29
CA LEU B 512 -16.64 -31.74 -3.67
C LEU B 512 -15.65 -31.98 -4.79
N THR B 513 -16.10 -31.76 -6.03
CA THR B 513 -15.20 -31.91 -7.17
C THR B 513 -14.10 -30.87 -7.15
N ASN B 514 -14.43 -29.63 -6.79
CA ASN B 514 -13.49 -28.52 -6.80
C ASN B 514 -13.38 -27.95 -5.39
N LEU B 515 -12.20 -28.07 -4.78
CA LEU B 515 -11.93 -27.47 -3.48
C LEU B 515 -11.42 -26.05 -3.71
N GLN B 516 -12.31 -25.07 -3.60
CA GLN B 516 -11.90 -23.70 -3.83
C GLN B 516 -10.95 -23.21 -2.74
N PHE B 517 -11.33 -23.36 -1.48
CA PHE B 517 -10.52 -22.88 -0.37
C PHE B 517 -10.52 -23.91 0.75
N VAL B 518 -9.35 -24.09 1.37
CA VAL B 518 -9.21 -24.91 2.56
C VAL B 518 -8.65 -24.04 3.67
N LEU B 519 -9.40 -23.92 4.77
CA LEU B 519 -9.09 -22.98 5.83
C LEU B 519 -8.77 -23.73 7.11
N ALA B 520 -7.72 -23.30 7.80
CA ALA B 520 -7.25 -23.97 9.01
C ALA B 520 -7.97 -23.42 10.24
N ARG C 8 -50.70 26.40 -4.18
CA ARG C 8 -49.63 25.72 -3.44
C ARG C 8 -48.67 24.98 -4.35
N ARG C 9 -48.05 23.94 -3.82
CA ARG C 9 -47.08 23.12 -4.52
C ARG C 9 -47.73 21.80 -4.89
N LYS C 10 -47.73 21.47 -6.17
CA LYS C 10 -48.38 20.26 -6.67
C LYS C 10 -47.33 19.18 -6.90
N VAL C 11 -47.58 17.98 -6.40
CA VAL C 11 -46.67 16.85 -6.51
C VAL C 11 -47.43 15.70 -7.14
N CYS C 12 -46.87 15.11 -8.19
CA CYS C 12 -47.46 13.95 -8.86
C CYS C 12 -46.61 12.73 -8.56
N TYR C 13 -47.24 11.67 -8.09
CA TYR C 13 -46.54 10.47 -7.66
C TYR C 13 -46.95 9.32 -8.56
N TYR C 14 -45.96 8.65 -9.16
CA TYR C 14 -46.20 7.58 -10.12
C TYR C 14 -45.90 6.23 -9.48
N TYR C 15 -46.94 5.44 -9.27
CA TYR C 15 -46.79 4.10 -8.72
C TYR C 15 -47.58 3.11 -9.56
N ASP C 16 -47.04 1.89 -9.64
CA ASP C 16 -47.72 0.77 -10.29
C ASP C 16 -47.68 -0.43 -9.36
N GLY C 17 -48.83 -1.09 -9.24
CA GLY C 17 -48.91 -2.23 -8.34
C GLY C 17 -48.31 -3.51 -8.87
N ASP C 18 -47.82 -3.49 -10.11
CA ASP C 18 -47.23 -4.66 -10.74
C ASP C 18 -45.71 -4.66 -10.70
N VAL C 19 -45.09 -3.50 -10.51
CA VAL C 19 -43.63 -3.42 -10.49
C VAL C 19 -43.02 -4.10 -9.27
N GLY C 20 -43.84 -4.42 -8.26
CA GLY C 20 -43.36 -5.11 -7.08
C GLY C 20 -43.35 -6.61 -7.17
N ASN C 21 -43.68 -7.19 -8.33
CA ASN C 21 -43.75 -8.64 -8.48
C ASN C 21 -42.64 -9.19 -9.38
N TYR C 22 -41.55 -8.46 -9.55
CA TYR C 22 -40.45 -8.91 -10.40
C TYR C 22 -39.28 -9.34 -9.52
N TYR C 23 -38.76 -10.54 -9.81
CA TYR C 23 -37.68 -11.14 -9.03
C TYR C 23 -36.43 -11.21 -9.87
N TYR C 24 -35.34 -10.61 -9.38
CA TYR C 24 -34.08 -10.64 -10.11
C TYR C 24 -33.46 -12.03 -10.08
N GLY C 25 -33.52 -12.71 -8.95
CA GLY C 25 -32.95 -14.03 -8.84
C GLY C 25 -32.70 -14.37 -7.38
N GLN C 26 -31.98 -15.46 -7.18
CA GLN C 26 -31.66 -15.92 -5.84
C GLN C 26 -30.48 -15.13 -5.28
N GLY C 27 -30.72 -14.41 -4.19
CA GLY C 27 -29.67 -13.65 -3.55
C GLY C 27 -29.15 -12.47 -4.35
N HIS C 28 -29.91 -11.99 -5.32
CA HIS C 28 -29.51 -10.83 -6.09
C HIS C 28 -29.72 -9.56 -5.27
N PRO C 29 -28.74 -8.63 -5.25
CA PRO C 29 -28.86 -7.47 -4.35
C PRO C 29 -30.06 -6.60 -4.63
N MET C 30 -30.45 -6.43 -5.89
CA MET C 30 -31.51 -5.50 -6.27
C MET C 30 -32.85 -6.23 -6.26
N LYS C 31 -33.66 -5.98 -5.24
CA LYS C 31 -35.01 -6.53 -5.19
C LYS C 31 -36.00 -5.41 -5.45
N PRO C 32 -36.68 -5.40 -6.60
CA PRO C 32 -37.63 -4.32 -6.89
C PRO C 32 -38.83 -4.30 -5.96
N HIS C 33 -38.97 -5.29 -5.07
CA HIS C 33 -40.08 -5.30 -4.14
C HIS C 33 -39.94 -4.19 -3.09
N ARG C 34 -38.76 -3.58 -2.99
CA ARG C 34 -38.57 -2.48 -2.04
C ARG C 34 -39.48 -1.29 -2.35
N ILE C 35 -39.94 -1.19 -3.60
CA ILE C 35 -40.85 -0.09 -3.97
C ILE C 35 -42.21 -0.29 -3.31
N ARG C 36 -42.65 -1.55 -3.18
CA ARG C 36 -44.01 -1.81 -2.70
C ARG C 36 -44.20 -1.33 -1.27
N MET C 37 -43.25 -1.63 -0.37
CA MET C 37 -43.42 -1.14 1.00
C MET C 37 -43.04 0.33 1.12
N THR C 38 -42.31 0.86 0.14
CA THR C 38 -42.13 2.31 0.08
C THR C 38 -43.46 2.99 -0.17
N HIS C 39 -44.27 2.43 -1.07
CA HIS C 39 -45.63 2.93 -1.25
C HIS C 39 -46.49 2.65 -0.03
N ASN C 40 -46.29 1.50 0.61
CA ASN C 40 -47.15 1.11 1.73
C ASN C 40 -46.94 2.03 2.92
N LEU C 41 -45.71 2.50 3.13
CA LEU C 41 -45.48 3.53 4.14
C LEU C 41 -46.18 4.83 3.75
N LEU C 42 -46.18 5.16 2.46
CA LEU C 42 -46.86 6.36 1.99
C LEU C 42 -48.36 6.30 2.24
N LEU C 43 -48.99 5.15 2.05
CA LEU C 43 -50.43 5.03 2.25
C LEU C 43 -50.82 5.13 3.71
N ASN C 44 -49.90 4.88 4.65
CA ASN C 44 -50.22 4.85 6.06
C ASN C 44 -49.83 6.12 6.80
N TYR C 45 -48.83 6.86 6.32
CA TYR C 45 -48.49 8.12 6.94
C TYR C 45 -49.51 9.21 6.63
N GLY C 46 -50.40 8.97 5.67
CA GLY C 46 -51.32 10.00 5.25
C GLY C 46 -50.73 11.03 4.32
N LEU C 47 -49.59 10.71 3.68
CA LEU C 47 -48.99 11.65 2.73
C LEU C 47 -49.76 11.67 1.42
N TYR C 48 -50.42 10.56 1.07
CA TYR C 48 -51.15 10.49 -0.18
C TYR C 48 -52.34 11.43 -0.23
N ARG C 49 -52.76 11.99 0.92
CA ARG C 49 -53.85 12.95 0.93
C ARG C 49 -53.49 14.20 0.13
N LYS C 50 -52.23 14.62 0.21
CA LYS C 50 -51.76 15.84 -0.43
C LYS C 50 -51.00 15.58 -1.72
N MET C 51 -51.10 14.37 -2.26
CA MET C 51 -50.32 13.97 -3.43
C MET C 51 -51.23 13.42 -4.51
N GLU C 52 -50.95 13.80 -5.76
CA GLU C 52 -51.64 13.22 -6.90
C GLU C 52 -50.96 11.93 -7.31
N ILE C 53 -51.72 10.84 -7.33
CA ILE C 53 -51.18 9.52 -7.63
C ILE C 53 -51.62 9.13 -9.03
N TYR C 54 -50.67 8.74 -9.87
CA TYR C 54 -50.92 8.34 -11.24
C TYR C 54 -50.38 6.93 -11.47
N ARG C 55 -50.96 6.25 -12.46
CA ARG C 55 -50.48 4.93 -12.85
C ARG C 55 -49.75 5.05 -14.17
N PRO C 56 -48.46 4.72 -14.24
CA PRO C 56 -47.69 4.98 -15.45
C PRO C 56 -48.01 3.97 -16.56
N HIS C 57 -48.14 4.49 -17.77
CA HIS C 57 -48.39 3.64 -18.93
C HIS C 57 -47.13 2.87 -19.31
N LYS C 58 -47.32 1.83 -20.12
CA LYS C 58 -46.22 0.99 -20.58
C LYS C 58 -45.64 1.62 -21.85
N ALA C 59 -44.44 2.17 -21.74
CA ALA C 59 -43.80 2.80 -22.88
C ALA C 59 -43.39 1.75 -23.92
N ASN C 60 -43.80 1.98 -25.16
CA ASN C 60 -43.51 1.04 -26.24
C ASN C 60 -42.06 1.21 -26.69
N ALA C 61 -41.61 0.29 -27.55
CA ALA C 61 -40.21 0.26 -27.95
C ALA C 61 -39.82 1.49 -28.76
N GLU C 62 -40.80 2.16 -29.40
CA GLU C 62 -40.50 3.38 -30.14
C GLU C 62 -40.03 4.48 -29.20
N GLU C 63 -40.63 4.57 -28.01
CA GLU C 63 -40.22 5.59 -27.05
C GLU C 63 -38.82 5.32 -26.52
N MET C 64 -38.42 4.06 -26.46
CA MET C 64 -37.12 3.69 -25.90
C MET C 64 -35.99 3.77 -26.92
N THR C 65 -36.31 3.86 -28.21
CA THR C 65 -35.27 3.93 -29.23
C THR C 65 -34.69 5.32 -29.39
N LYS C 66 -35.21 6.31 -28.68
CA LYS C 66 -34.68 7.67 -28.80
C LYS C 66 -33.22 7.73 -28.37
N TYR C 67 -32.81 6.84 -27.46
CA TYR C 67 -31.44 6.78 -27.00
C TYR C 67 -30.78 5.43 -27.27
N HIS C 68 -31.46 4.33 -26.98
CA HIS C 68 -30.88 3.01 -27.15
C HIS C 68 -30.98 2.56 -28.61
N SER C 69 -30.04 1.71 -29.00
CA SER C 69 -30.05 1.16 -30.35
C SER C 69 -31.19 0.17 -30.51
N ASP C 70 -31.72 0.09 -31.74
CA ASP C 70 -32.93 -0.69 -31.98
C ASP C 70 -32.69 -2.18 -31.76
N ASP C 71 -31.53 -2.69 -32.16
CA ASP C 71 -31.25 -4.11 -32.01
C ASP C 71 -31.20 -4.52 -30.53
N TYR C 72 -30.65 -3.64 -29.69
CA TYR C 72 -30.57 -3.94 -28.26
C TYR C 72 -31.96 -4.06 -27.64
N ILE C 73 -32.87 -3.14 -27.98
CA ILE C 73 -34.22 -3.20 -27.44
C ILE C 73 -34.97 -4.39 -28.03
N LYS C 74 -34.71 -4.73 -29.29
CA LYS C 74 -35.31 -5.93 -29.87
C LYS C 74 -34.87 -7.17 -29.11
N PHE C 75 -33.58 -7.25 -28.76
CA PHE C 75 -33.10 -8.34 -27.93
C PHE C 75 -33.80 -8.36 -26.58
N LEU C 76 -33.93 -7.19 -25.94
CA LEU C 76 -34.53 -7.15 -24.62
C LEU C 76 -35.98 -7.60 -24.65
N ARG C 77 -36.73 -7.20 -25.67
CA ARG C 77 -38.12 -7.61 -25.77
C ARG C 77 -38.26 -9.05 -26.24
N SER C 78 -37.22 -9.61 -26.85
CA SER C 78 -37.29 -10.97 -27.35
C SER C 78 -36.67 -12.00 -26.40
N ILE C 79 -35.83 -11.58 -25.46
CA ILE C 79 -35.13 -12.51 -24.59
C ILE C 79 -36.07 -13.00 -23.49
N ARG C 80 -36.09 -14.31 -23.28
CA ARG C 80 -36.86 -14.94 -22.22
C ARG C 80 -36.00 -16.02 -21.59
N PRO C 81 -36.23 -16.35 -20.32
CA PRO C 81 -35.44 -17.41 -19.68
C PRO C 81 -35.63 -18.78 -20.31
N ASP C 82 -36.77 -19.04 -20.96
CA ASP C 82 -37.03 -20.37 -21.51
C ASP C 82 -36.27 -20.63 -22.81
N ASN C 83 -35.79 -19.59 -23.49
CA ASN C 83 -34.93 -19.76 -24.65
C ASN C 83 -33.61 -19.03 -24.43
N MET C 84 -33.05 -19.22 -23.23
CA MET C 84 -31.82 -18.52 -22.86
C MET C 84 -30.65 -18.94 -23.73
N SER C 85 -30.55 -20.24 -24.05
CA SER C 85 -29.39 -20.76 -24.74
C SER C 85 -29.36 -20.37 -26.21
N GLU C 86 -30.44 -19.82 -26.75
CA GLU C 86 -30.49 -19.47 -28.16
C GLU C 86 -29.89 -18.11 -28.47
N TYR C 87 -29.47 -17.35 -27.46
CA TYR C 87 -28.93 -16.01 -27.67
C TYR C 87 -27.60 -15.80 -26.96
N SER C 88 -26.71 -16.80 -27.02
CA SER C 88 -25.43 -16.68 -26.32
C SER C 88 -24.60 -15.52 -26.86
N LYS C 89 -24.56 -15.38 -28.19
CA LYS C 89 -23.82 -14.27 -28.79
C LYS C 89 -24.43 -12.93 -28.40
N GLN C 90 -25.76 -12.85 -28.34
CA GLN C 90 -26.40 -11.61 -27.90
C GLN C 90 -26.04 -11.27 -26.47
N MET C 91 -26.08 -12.25 -25.57
CA MET C 91 -25.72 -11.98 -24.17
C MET C 91 -24.27 -11.54 -24.04
N GLN C 92 -23.38 -12.17 -24.81
CA GLN C 92 -22.00 -11.70 -24.81
C GLN C 92 -21.89 -10.27 -25.34
N ARG C 93 -22.66 -9.94 -26.38
CA ARG C 93 -22.56 -8.61 -26.99
C ARG C 93 -23.24 -7.55 -26.12
N PHE C 94 -24.38 -7.88 -25.53
CA PHE C 94 -25.21 -6.89 -24.84
C PHE C 94 -25.03 -6.93 -23.32
N ASN C 95 -24.06 -7.68 -22.82
CA ASN C 95 -23.69 -7.68 -21.40
C ASN C 95 -24.89 -7.99 -20.51
N VAL C 96 -25.73 -8.93 -20.94
CA VAL C 96 -26.84 -9.42 -20.14
C VAL C 96 -26.49 -10.81 -19.65
N GLY C 97 -26.62 -11.03 -18.34
CA GLY C 97 -26.06 -12.23 -17.73
C GLY C 97 -25.84 -12.09 -16.24
N GLU C 98 -24.62 -12.34 -15.78
CA GLU C 98 -24.34 -12.34 -14.35
C GLU C 98 -24.62 -10.98 -13.71
N ASP C 99 -24.22 -9.90 -14.39
CA ASP C 99 -24.56 -8.56 -13.90
C ASP C 99 -26.07 -8.36 -13.85
N CYS C 100 -26.76 -8.62 -14.95
CA CYS C 100 -28.18 -8.33 -15.10
C CYS C 100 -28.90 -9.61 -15.51
N PRO C 101 -29.35 -10.41 -14.55
CA PRO C 101 -29.91 -11.73 -14.91
C PRO C 101 -31.19 -11.61 -15.71
N VAL C 102 -31.42 -12.62 -16.55
CA VAL C 102 -32.66 -12.70 -17.31
C VAL C 102 -33.74 -13.28 -16.41
N PHE C 103 -34.85 -12.56 -16.27
CA PHE C 103 -35.98 -13.00 -15.48
C PHE C 103 -37.26 -12.73 -16.25
N ASP C 104 -38.31 -13.48 -15.90
CA ASP C 104 -39.60 -13.26 -16.54
C ASP C 104 -40.12 -11.86 -16.23
N GLY C 105 -40.65 -11.20 -17.25
CA GLY C 105 -41.09 -9.83 -17.09
C GLY C 105 -39.99 -8.81 -17.11
N LEU C 106 -38.85 -9.12 -17.74
CA LEU C 106 -37.77 -8.14 -17.85
C LEU C 106 -38.23 -6.92 -18.62
N PHE C 107 -38.79 -7.14 -19.81
CA PHE C 107 -39.22 -6.01 -20.63
C PHE C 107 -40.40 -5.27 -20.02
N GLU C 108 -41.28 -6.00 -19.30
CA GLU C 108 -42.35 -5.31 -18.61
C GLU C 108 -41.82 -4.39 -17.51
N PHE C 109 -40.80 -4.85 -16.78
CA PHE C 109 -40.19 -4.00 -15.76
C PHE C 109 -39.53 -2.77 -16.38
N CYS C 110 -38.79 -2.98 -17.48
CA CYS C 110 -38.18 -1.84 -18.17
C CYS C 110 -39.23 -0.87 -18.68
N GLN C 111 -40.32 -1.40 -19.25
CA GLN C 111 -41.39 -0.54 -19.73
C GLN C 111 -42.00 0.26 -18.60
N LEU C 112 -42.24 -0.36 -17.45
CA LEU C 112 -42.80 0.36 -16.32
C LEU C 112 -41.88 1.49 -15.87
N SER C 113 -40.58 1.21 -15.73
CA SER C 113 -39.66 2.23 -15.28
C SER C 113 -39.58 3.40 -16.26
N THR C 114 -39.35 3.10 -17.54
CA THR C 114 -39.19 4.19 -18.50
C THR C 114 -40.51 4.92 -18.74
N GLY C 115 -41.64 4.22 -18.65
CA GLY C 115 -42.92 4.90 -18.76
C GLY C 115 -43.18 5.84 -17.61
N GLY C 116 -42.83 5.42 -16.40
CA GLY C 116 -42.95 6.33 -15.27
C GLY C 116 -42.10 7.57 -15.46
N SER C 117 -40.83 7.39 -15.86
CA SER C 117 -39.95 8.55 -16.01
C SER C 117 -40.43 9.48 -17.13
N VAL C 118 -40.81 8.92 -18.28
CA VAL C 118 -41.21 9.74 -19.41
C VAL C 118 -42.53 10.45 -19.12
N ALA C 119 -43.47 9.75 -18.47
CA ALA C 119 -44.74 10.38 -18.12
C ALA C 119 -44.53 11.50 -17.11
N SER C 120 -43.64 11.29 -16.13
CA SER C 120 -43.34 12.36 -15.20
C SER C 120 -42.72 13.55 -15.91
N ALA C 121 -41.82 13.29 -16.85
CA ALA C 121 -41.20 14.38 -17.61
C ALA C 121 -42.22 15.14 -18.44
N VAL C 122 -43.19 14.44 -19.02
CA VAL C 122 -44.22 15.10 -19.82
C VAL C 122 -45.15 15.93 -18.94
N LYS C 123 -45.62 15.35 -17.84
CA LYS C 123 -46.50 16.08 -16.94
C LYS C 123 -45.81 17.31 -16.36
N LEU C 124 -44.55 17.15 -15.94
CA LEU C 124 -43.75 18.26 -15.47
C LEU C 124 -43.48 19.25 -16.59
N ASN C 125 -43.50 18.80 -17.84
CA ASN C 125 -43.13 19.65 -18.97
C ASN C 125 -44.29 20.53 -19.42
N LYS C 126 -45.51 20.25 -18.95
CA LYS C 126 -46.67 21.05 -19.29
C LYS C 126 -46.98 22.11 -18.25
N GLN C 127 -46.13 22.26 -17.24
CA GLN C 127 -46.33 23.17 -16.11
C GLN C 127 -47.59 22.83 -15.32
N GLN C 128 -48.06 21.58 -15.39
CA GLN C 128 -49.17 21.17 -14.54
C GLN C 128 -48.72 20.99 -13.10
N THR C 129 -47.56 20.36 -12.89
CA THR C 129 -47.03 20.09 -11.57
C THR C 129 -45.61 20.63 -11.46
N ASP C 130 -45.14 20.75 -10.22
CA ASP C 130 -43.80 21.28 -9.98
C ASP C 130 -42.79 20.21 -9.60
N ILE C 131 -43.18 19.24 -8.77
CA ILE C 131 -42.32 18.13 -8.40
C ILE C 131 -42.99 16.84 -8.85
N ALA C 132 -42.25 15.99 -9.56
CA ALA C 132 -42.72 14.68 -9.97
C ALA C 132 -41.86 13.63 -9.31
N VAL C 133 -42.49 12.64 -8.66
CA VAL C 133 -41.80 11.62 -7.89
C VAL C 133 -42.02 10.27 -8.56
N ASN C 134 -40.93 9.61 -8.93
CA ASN C 134 -41.01 8.29 -9.56
C ASN C 134 -39.90 7.42 -8.96
N TRP C 135 -40.22 6.72 -7.87
CA TRP C 135 -39.23 5.87 -7.23
C TRP C 135 -38.93 4.61 -8.04
N ALA C 136 -39.84 4.20 -8.91
CA ALA C 136 -39.64 2.96 -9.65
C ALA C 136 -38.46 3.06 -10.61
N GLY C 137 -38.34 4.18 -11.31
CA GLY C 137 -37.29 4.35 -12.28
C GLY C 137 -35.96 4.72 -11.66
N GLY C 138 -35.21 5.61 -12.30
CA GLY C 138 -33.94 6.07 -11.78
C GLY C 138 -32.74 5.23 -12.16
N LEU C 139 -32.93 4.17 -12.93
CA LEU C 139 -31.80 3.36 -13.38
C LEU C 139 -30.87 4.19 -14.24
N HIS C 140 -29.61 4.31 -13.82
CA HIS C 140 -28.72 5.26 -14.47
C HIS C 140 -27.39 4.64 -14.90
N HIS C 141 -27.25 3.32 -14.90
CA HIS C 141 -26.00 2.69 -15.30
C HIS C 141 -26.04 2.12 -16.70
N ALA C 142 -27.23 1.88 -17.27
CA ALA C 142 -27.34 1.24 -18.57
C ALA C 142 -26.78 2.14 -19.65
N LYS C 143 -25.92 1.58 -20.50
CA LYS C 143 -25.30 2.34 -21.58
C LYS C 143 -26.22 2.34 -22.79
N LYS C 144 -25.73 2.88 -23.91
CA LYS C 144 -26.55 2.98 -25.11
C LYS C 144 -26.91 1.61 -25.67
N SER C 145 -25.96 0.68 -25.70
CA SER C 145 -26.21 -0.62 -26.32
C SER C 145 -25.71 -1.76 -25.46
N GLU C 146 -25.70 -1.59 -24.14
CA GLU C 146 -25.33 -2.68 -23.24
C GLU C 146 -25.82 -2.33 -21.83
N ALA C 147 -26.30 -3.36 -21.14
CA ALA C 147 -26.79 -3.21 -19.78
C ALA C 147 -25.63 -3.38 -18.80
N SER C 148 -25.72 -2.69 -17.67
CA SER C 148 -24.68 -2.78 -16.65
C SER C 148 -25.24 -2.30 -15.33
N GLY C 149 -24.72 -2.87 -14.24
CA GLY C 149 -25.06 -2.42 -12.91
C GLY C 149 -26.53 -2.52 -12.55
N PHE C 150 -27.15 -3.66 -12.85
CA PHE C 150 -28.55 -3.95 -12.58
C PHE C 150 -29.51 -3.04 -13.34
N CYS C 151 -28.99 -2.21 -14.24
CA CYS C 151 -29.81 -1.26 -15.00
C CYS C 151 -29.91 -1.75 -16.44
N TYR C 152 -31.12 -1.97 -16.91
CA TYR C 152 -31.35 -2.48 -18.25
C TYR C 152 -31.55 -1.36 -19.26
N VAL C 153 -32.55 -0.52 -19.04
CA VAL C 153 -32.87 0.60 -19.92
C VAL C 153 -32.62 1.87 -19.14
N ASN C 154 -31.77 2.73 -19.67
CA ASN C 154 -31.40 3.98 -19.00
C ASN C 154 -32.57 4.94 -19.13
N ASP C 155 -33.32 5.13 -18.04
CA ASP C 155 -34.51 5.96 -18.07
C ASP C 155 -34.25 7.39 -17.61
N ILE C 156 -33.16 7.63 -16.88
CA ILE C 156 -32.81 9.00 -16.52
C ILE C 156 -32.49 9.81 -17.77
N VAL C 157 -31.79 9.20 -18.73
CA VAL C 157 -31.44 9.92 -19.96
C VAL C 157 -32.68 10.13 -20.82
N LEU C 158 -33.60 9.16 -20.85
CA LEU C 158 -34.83 9.34 -21.60
C LEU C 158 -35.68 10.47 -21.00
N ALA C 159 -35.76 10.50 -19.67
CA ALA C 159 -36.48 11.59 -19.01
C ALA C 159 -35.84 12.94 -19.31
N ILE C 160 -34.52 12.99 -19.30
CA ILE C 160 -33.83 14.26 -19.60
C ILE C 160 -34.07 14.66 -21.05
N LEU C 161 -34.00 13.71 -21.98
CA LEU C 161 -34.25 14.01 -23.38
C LEU C 161 -35.68 14.50 -23.59
N GLU C 162 -36.62 14.03 -22.78
CA GLU C 162 -37.98 14.54 -22.86
C GLU C 162 -38.07 15.97 -22.32
N LEU C 163 -37.22 16.30 -21.34
CA LEU C 163 -37.24 17.65 -20.78
C LEU C 163 -36.58 18.66 -21.73
N LEU C 164 -35.61 18.21 -22.53
CA LEU C 164 -34.88 19.12 -23.41
C LEU C 164 -35.75 19.69 -24.52
N LYS C 165 -36.93 19.14 -24.77
CA LYS C 165 -37.81 19.68 -25.80
C LYS C 165 -38.41 21.02 -25.41
N TYR C 166 -38.36 21.40 -24.14
CA TYR C 166 -38.86 22.70 -23.69
C TYR C 166 -37.91 23.48 -22.81
N HIS C 167 -36.96 22.84 -22.14
CA HIS C 167 -36.05 23.52 -21.23
C HIS C 167 -34.69 23.66 -21.87
N GLN C 168 -34.18 24.90 -21.90
CA GLN C 168 -32.91 25.16 -22.55
C GLN C 168 -31.77 24.42 -21.86
N ARG C 169 -31.77 24.40 -20.53
CA ARG C 169 -30.72 23.75 -19.77
C ARG C 169 -31.36 22.93 -18.65
N VAL C 170 -30.94 21.67 -18.55
CA VAL C 170 -31.42 20.76 -17.52
C VAL C 170 -30.24 20.27 -16.70
N LEU C 171 -30.32 20.42 -15.39
CA LEU C 171 -29.24 20.04 -14.49
C LEU C 171 -29.59 18.71 -13.83
N TYR C 172 -28.70 17.74 -13.95
CA TYR C 172 -28.89 16.42 -13.35
C TYR C 172 -28.00 16.29 -12.12
N ILE C 173 -28.61 15.94 -10.99
CA ILE C 173 -27.92 15.88 -9.71
C ILE C 173 -27.97 14.45 -9.21
N ASP C 174 -26.81 13.89 -8.91
CA ASP C 174 -26.68 12.52 -8.43
C ASP C 174 -26.18 12.54 -6.99
N ILE C 175 -26.74 11.67 -6.15
CA ILE C 175 -26.28 11.49 -4.78
C ILE C 175 -26.11 10.01 -4.44
N ASP C 176 -26.29 9.12 -5.41
CA ASP C 176 -25.98 7.71 -5.21
C ASP C 176 -24.48 7.52 -5.04
N ILE C 177 -24.10 6.47 -4.29
CA ILE C 177 -22.69 6.28 -3.96
C ILE C 177 -21.86 5.99 -5.21
N HIS C 178 -22.46 5.37 -6.21
CA HIS C 178 -21.74 5.04 -7.44
C HIS C 178 -21.83 6.18 -8.44
N HIS C 179 -20.90 6.18 -9.38
CA HIS C 179 -20.86 7.22 -10.40
C HIS C 179 -21.95 6.98 -11.44
N GLY C 180 -22.69 8.03 -11.78
CA GLY C 180 -23.73 7.93 -12.78
C GLY C 180 -23.15 7.87 -14.18
N ASP C 181 -22.49 6.75 -14.51
CA ASP C 181 -21.71 6.70 -15.74
C ASP C 181 -22.59 6.68 -16.98
N GLY C 182 -23.78 6.08 -16.89
CA GLY C 182 -24.63 6.00 -18.06
C GLY C 182 -25.10 7.36 -18.55
N VAL C 183 -25.66 8.17 -17.64
CA VAL C 183 -26.18 9.47 -18.02
C VAL C 183 -25.03 10.44 -18.33
N GLU C 184 -23.94 10.36 -17.58
CA GLU C 184 -22.79 11.23 -17.87
C GLU C 184 -22.20 10.92 -19.25
N GLU C 185 -22.10 9.63 -19.59
CA GLU C 185 -21.68 9.25 -20.93
C GLU C 185 -22.68 9.74 -21.98
N ALA C 186 -23.97 9.67 -21.67
CA ALA C 186 -24.99 10.06 -22.65
C ALA C 186 -24.88 11.53 -23.01
N PHE C 187 -24.53 12.38 -22.05
CA PHE C 187 -24.46 13.81 -22.25
C PHE C 187 -23.05 14.33 -21.99
N TYR C 188 -22.05 13.63 -22.51
CA TYR C 188 -20.65 14.02 -22.33
C TYR C 188 -20.20 15.11 -23.29
N THR C 189 -20.93 15.31 -24.39
CA THR C 189 -20.58 16.30 -25.40
C THR C 189 -21.77 17.22 -25.68
N THR C 190 -22.39 17.72 -24.61
CA THR C 190 -23.54 18.60 -24.74
C THR C 190 -23.46 19.67 -23.66
N ASP C 191 -23.72 20.91 -24.05
CA ASP C 191 -23.76 22.03 -23.12
C ASP C 191 -25.16 22.31 -22.60
N ARG C 192 -26.16 21.52 -23.02
CA ARG C 192 -27.52 21.71 -22.57
C ARG C 192 -27.83 20.96 -21.28
N VAL C 193 -27.01 19.98 -20.90
CA VAL C 193 -27.23 19.18 -19.70
C VAL C 193 -25.93 19.16 -18.90
N MET C 194 -26.02 19.59 -17.65
CA MET C 194 -24.89 19.56 -16.71
C MET C 194 -25.17 18.45 -15.70
N THR C 195 -24.27 17.48 -15.63
CA THR C 195 -24.44 16.33 -14.75
C THR C 195 -23.46 16.44 -13.59
N VAL C 196 -23.99 16.61 -12.39
CA VAL C 196 -23.18 16.70 -11.17
C VAL C 196 -23.40 15.44 -10.37
N SER C 197 -22.31 14.75 -10.03
CA SER C 197 -22.38 13.47 -9.35
C SER C 197 -21.43 13.46 -8.15
N PHE C 198 -21.95 13.04 -7.00
CA PHE C 198 -21.16 12.82 -5.80
C PHE C 198 -21.05 11.31 -5.60
N HIS C 199 -19.82 10.80 -5.59
CA HIS C 199 -19.60 9.37 -5.58
C HIS C 199 -18.30 9.06 -4.88
N LYS C 200 -18.06 7.77 -4.66
CA LYS C 200 -16.80 7.33 -4.08
C LYS C 200 -15.88 6.84 -5.19
N TYR C 201 -14.64 7.31 -5.17
CA TYR C 201 -13.63 6.95 -6.16
C TYR C 201 -12.66 5.94 -5.56
N GLY C 202 -11.93 5.27 -6.44
CA GLY C 202 -11.00 4.24 -6.03
C GLY C 202 -11.17 2.98 -6.85
N GLU C 203 -11.53 1.88 -6.19
CA GLU C 203 -11.82 0.63 -6.87
C GLU C 203 -13.30 0.44 -7.18
N TYR C 204 -14.17 1.34 -6.72
CA TYR C 204 -15.61 1.14 -6.82
C TYR C 204 -16.09 1.06 -8.26
N PHE C 205 -17.18 0.33 -8.44
CA PHE C 205 -17.88 0.24 -9.70
C PHE C 205 -18.38 1.62 -10.11
N PRO C 206 -18.19 2.05 -11.35
CA PRO C 206 -17.48 1.39 -12.46
C PRO C 206 -16.05 1.86 -12.65
N GLY C 207 -15.46 2.50 -11.65
CA GLY C 207 -14.10 3.01 -11.79
C GLY C 207 -13.98 4.15 -12.78
N THR C 208 -14.98 5.01 -12.83
CA THR C 208 -14.98 6.21 -13.66
C THR C 208 -15.27 7.42 -12.78
N GLY C 209 -15.52 8.55 -13.43
CA GLY C 209 -15.80 9.77 -12.69
C GLY C 209 -14.61 10.35 -11.94
N ASP C 210 -13.44 10.36 -12.58
CA ASP C 210 -12.29 11.01 -11.99
C ASP C 210 -12.51 12.51 -11.91
N LEU C 211 -11.69 13.18 -11.09
CA LEU C 211 -11.81 14.62 -10.95
C LEU C 211 -11.51 15.34 -12.26
N ARG C 212 -10.71 14.74 -13.14
CA ARG C 212 -10.34 15.37 -14.39
C ARG C 212 -11.33 15.11 -15.52
N ASP C 213 -12.43 14.41 -15.25
CA ASP C 213 -13.45 14.12 -16.27
C ASP C 213 -14.42 15.29 -16.31
N ILE C 214 -14.17 16.23 -17.21
CA ILE C 214 -15.00 17.44 -17.32
C ILE C 214 -15.57 17.57 -18.72
N GLY C 215 -15.81 16.44 -19.38
CA GLY C 215 -16.44 16.45 -20.68
C GLY C 215 -15.45 16.73 -21.81
N ALA C 216 -16.00 16.75 -23.02
CA ALA C 216 -15.19 16.98 -24.21
C ALA C 216 -16.05 17.67 -25.27
N GLY C 217 -15.38 18.32 -26.20
CA GLY C 217 -16.11 19.04 -27.25
C GLY C 217 -16.84 20.24 -26.68
N LYS C 218 -18.09 20.40 -27.08
CA LYS C 218 -18.90 21.51 -26.57
C LYS C 218 -19.18 21.36 -25.09
N GLY C 219 -19.19 20.12 -24.58
CA GLY C 219 -19.51 19.82 -23.21
C GLY C 219 -18.39 19.98 -22.21
N LYS C 220 -17.30 20.64 -22.60
CA LYS C 220 -16.21 20.86 -21.66
C LYS C 220 -16.65 21.75 -20.51
N TYR C 221 -16.25 21.38 -19.30
CA TYR C 221 -16.64 22.05 -18.06
C TYR C 221 -18.14 21.94 -17.79
N TYR C 222 -18.86 21.17 -18.59
CA TYR C 222 -20.29 20.95 -18.40
C TYR C 222 -20.61 19.60 -17.77
N ALA C 223 -19.59 18.90 -17.27
CA ALA C 223 -19.78 17.68 -16.50
C ALA C 223 -18.92 17.77 -15.24
N VAL C 224 -19.56 17.61 -14.08
CA VAL C 224 -18.90 17.83 -12.79
C VAL C 224 -18.88 16.51 -12.04
N ASN C 225 -17.71 16.12 -11.54
CA ASN C 225 -17.54 14.93 -10.73
C ASN C 225 -16.88 15.30 -9.42
N TYR C 226 -17.43 14.78 -8.32
CA TYR C 226 -16.86 14.99 -6.99
C TYR C 226 -16.47 13.65 -6.40
N PRO C 227 -15.23 13.21 -6.54
CA PRO C 227 -14.81 11.93 -5.97
C PRO C 227 -14.62 12.02 -4.47
N LEU C 228 -15.25 11.10 -3.76
CA LEU C 228 -15.24 11.09 -2.30
C LEU C 228 -14.54 9.84 -1.79
N ARG C 229 -14.54 9.68 -0.47
CA ARG C 229 -13.87 8.57 0.18
C ARG C 229 -14.81 7.81 1.11
N ASP C 230 -14.26 6.90 1.90
CA ASP C 230 -15.08 5.99 2.68
C ASP C 230 -15.62 6.70 3.93
N GLY C 231 -16.87 6.40 4.26
CA GLY C 231 -17.46 6.82 5.52
C GLY C 231 -17.66 8.31 5.71
N ILE C 232 -18.19 8.99 4.69
CA ILE C 232 -18.50 10.42 4.84
C ILE C 232 -19.77 10.57 5.68
N ASP C 233 -19.76 11.55 6.58
CA ASP C 233 -20.82 11.74 7.55
C ASP C 233 -21.82 12.78 7.04
N ASP C 234 -22.83 13.06 7.87
CA ASP C 234 -23.85 14.03 7.49
C ASP C 234 -23.27 15.43 7.34
N GLU C 235 -22.47 15.87 8.31
CA GLU C 235 -21.97 17.24 8.30
C GLU C 235 -21.08 17.49 7.10
N SER C 236 -20.16 16.57 6.81
CA SER C 236 -19.28 16.74 5.66
C SER C 236 -20.07 16.73 4.36
N TYR C 237 -21.04 15.83 4.24
CA TYR C 237 -21.82 15.76 3.01
C TYR C 237 -22.61 17.04 2.78
N GLU C 238 -23.22 17.58 3.84
CA GLU C 238 -23.93 18.85 3.69
C GLU C 238 -22.97 19.99 3.34
N ALA C 239 -21.82 20.03 4.01
CA ALA C 239 -20.86 21.12 3.80
C ALA C 239 -20.21 21.07 2.43
N ILE C 240 -20.20 19.91 1.77
CA ILE C 240 -19.72 19.85 0.40
C ILE C 240 -20.84 19.91 -0.63
N PHE C 241 -22.09 19.63 -0.25
CA PHE C 241 -23.20 19.68 -1.19
C PHE C 241 -23.72 21.10 -1.36
N LYS C 242 -23.90 21.82 -0.25
CA LYS C 242 -24.53 23.14 -0.33
C LYS C 242 -23.73 24.14 -1.16
N PRO C 243 -22.42 24.37 -0.92
CA PRO C 243 -21.72 25.38 -1.71
C PRO C 243 -21.54 25.01 -3.17
N VAL C 244 -21.23 23.74 -3.45
CA VAL C 244 -21.05 23.31 -4.83
C VAL C 244 -22.36 23.45 -5.61
N MET C 245 -23.47 23.05 -4.99
CA MET C 245 -24.77 23.22 -5.64
C MET C 245 -25.10 24.70 -5.85
N SER C 246 -24.79 25.55 -4.87
CA SER C 246 -25.04 26.97 -5.04
C SER C 246 -24.26 27.53 -6.21
N LYS C 247 -22.98 27.16 -6.32
CA LYS C 247 -22.18 27.63 -7.45
C LYS C 247 -22.69 27.09 -8.77
N VAL C 248 -23.10 25.82 -8.81
CA VAL C 248 -23.59 25.24 -10.05
C VAL C 248 -24.86 25.94 -10.51
N MET C 249 -25.79 26.19 -9.58
CA MET C 249 -27.02 26.87 -9.95
C MET C 249 -26.78 28.33 -10.31
N GLU C 250 -25.77 28.96 -9.71
CA GLU C 250 -25.50 30.35 -10.05
C GLU C 250 -24.85 30.48 -11.42
N MET C 251 -23.93 29.56 -11.76
CA MET C 251 -23.21 29.65 -13.02
C MET C 251 -24.03 29.08 -14.18
N PHE C 252 -24.46 27.84 -14.05
CA PHE C 252 -25.23 27.15 -15.08
C PHE C 252 -26.59 27.80 -15.33
N GLN C 253 -27.28 28.21 -14.27
CA GLN C 253 -28.62 28.78 -14.33
C GLN C 253 -29.56 27.85 -15.10
N PRO C 254 -29.94 26.72 -14.53
CA PRO C 254 -30.80 25.78 -15.22
C PRO C 254 -32.26 26.22 -15.18
N SER C 255 -33.09 25.49 -15.92
CA SER C 255 -34.53 25.70 -15.89
C SER C 255 -35.30 24.49 -15.39
N ALA C 256 -34.67 23.32 -15.28
CA ALA C 256 -35.27 22.14 -14.67
C ALA C 256 -34.19 21.37 -13.95
N VAL C 257 -34.59 20.61 -12.93
CA VAL C 257 -33.66 19.79 -12.14
C VAL C 257 -34.16 18.36 -12.14
N VAL C 258 -33.27 17.42 -12.41
CA VAL C 258 -33.56 16.00 -12.32
C VAL C 258 -32.64 15.43 -11.24
N LEU C 259 -33.23 15.01 -10.13
CA LEU C 259 -32.48 14.58 -8.96
C LEU C 259 -32.60 13.06 -8.82
N GLN C 260 -31.45 12.40 -8.72
CA GLN C 260 -31.40 10.94 -8.58
C GLN C 260 -31.11 10.64 -7.11
N CYS C 261 -32.17 10.46 -6.33
CA CYS C 261 -32.06 10.31 -4.88
C CYS C 261 -31.72 8.86 -4.53
N GLY C 262 -30.51 8.47 -4.91
CA GLY C 262 -30.04 7.13 -4.60
C GLY C 262 -29.95 6.91 -3.10
N SER C 263 -30.55 5.82 -2.63
CA SER C 263 -30.62 5.52 -1.21
C SER C 263 -29.58 4.49 -0.78
N ASP C 264 -28.62 4.17 -1.63
CA ASP C 264 -27.54 3.26 -1.26
C ASP C 264 -26.33 3.97 -0.66
N SER C 265 -26.44 5.27 -0.41
CA SER C 265 -25.41 6.01 0.31
C SER C 265 -25.66 6.06 1.80
N LEU C 266 -26.70 5.38 2.28
CA LEU C 266 -27.05 5.45 3.69
C LEU C 266 -26.10 4.61 4.53
N SER C 267 -26.25 4.74 5.85
CA SER C 267 -25.41 4.03 6.80
C SER C 267 -26.01 2.64 7.05
N GLY C 268 -25.31 1.60 6.60
CA GLY C 268 -25.74 0.24 6.84
C GLY C 268 -26.28 -0.50 5.63
N ASP C 269 -25.88 -0.13 4.42
CA ASP C 269 -26.36 -0.85 3.25
C ASP C 269 -25.59 -2.14 3.05
N ARG C 270 -26.10 -2.98 2.16
CA ARG C 270 -25.43 -4.23 1.82
C ARG C 270 -24.20 -3.98 0.93
N LEU C 271 -24.25 -2.91 0.13
CA LEU C 271 -23.18 -2.61 -0.82
C LEU C 271 -22.48 -1.29 -0.52
N GLY C 272 -23.22 -0.24 -0.18
CA GLY C 272 -22.62 1.06 0.04
C GLY C 272 -21.78 1.11 1.29
N CYS C 273 -20.76 1.98 1.25
CA CYS C 273 -19.83 2.14 2.37
C CYS C 273 -19.79 3.56 2.90
N PHE C 274 -20.82 4.36 2.64
CA PHE C 274 -20.91 5.70 3.22
C PHE C 274 -21.44 5.61 4.65
N ASN C 275 -21.68 6.78 5.25
CA ASN C 275 -22.15 6.86 6.62
C ASN C 275 -23.31 7.83 6.79
N LEU C 276 -23.94 8.23 5.69
CA LEU C 276 -25.03 9.19 5.76
C LEU C 276 -26.23 8.62 6.51
N THR C 277 -26.88 9.46 7.29
CA THR C 277 -28.15 9.10 7.91
C THR C 277 -29.30 9.63 7.06
N ILE C 278 -30.52 9.36 7.52
CA ILE C 278 -31.69 9.76 6.75
C ILE C 278 -31.86 11.27 6.72
N LYS C 279 -31.55 11.95 7.84
CA LYS C 279 -31.62 13.42 7.86
C LYS C 279 -30.59 14.03 6.92
N GLY C 280 -29.36 13.50 6.93
CA GLY C 280 -28.34 14.03 6.05
C GLY C 280 -28.67 13.80 4.58
N HIS C 281 -29.39 12.72 4.30
CA HIS C 281 -29.80 12.45 2.92
C HIS C 281 -30.95 13.37 2.51
N ALA C 282 -31.91 13.59 3.41
CA ALA C 282 -33.05 14.42 3.06
C ALA C 282 -32.70 15.90 3.03
N LYS C 283 -31.60 16.29 3.68
CA LYS C 283 -31.19 17.69 3.64
C LYS C 283 -30.81 18.10 2.23
N CYS C 284 -30.22 17.18 1.45
CA CYS C 284 -29.89 17.48 0.07
C CYS C 284 -31.14 17.76 -0.75
N VAL C 285 -32.16 16.91 -0.62
CA VAL C 285 -33.40 17.10 -1.37
C VAL C 285 -34.10 18.39 -0.92
N GLU C 286 -34.09 18.67 0.38
CA GLU C 286 -34.71 19.89 0.88
C GLU C 286 -33.98 21.12 0.34
N PHE C 287 -32.66 21.06 0.26
CA PHE C 287 -31.90 22.19 -0.29
C PHE C 287 -32.20 22.39 -1.76
N VAL C 288 -32.27 21.30 -2.53
CA VAL C 288 -32.56 21.42 -3.95
C VAL C 288 -33.99 21.91 -4.18
N LYS C 289 -34.93 21.44 -3.35
CA LYS C 289 -36.34 21.80 -3.53
C LYS C 289 -36.58 23.29 -3.26
N SER C 290 -35.68 23.93 -2.50
CA SER C 290 -35.90 25.32 -2.11
C SER C 290 -35.60 26.30 -3.23
N PHE C 291 -35.00 25.84 -4.34
CA PHE C 291 -34.62 26.75 -5.42
C PHE C 291 -35.77 27.09 -6.35
N ASN C 292 -36.95 26.48 -6.15
CA ASN C 292 -38.16 26.80 -6.92
C ASN C 292 -37.94 26.61 -8.42
N LEU C 293 -37.57 25.39 -8.78
CA LEU C 293 -37.42 25.00 -10.18
C LEU C 293 -38.24 23.76 -10.45
N PRO C 294 -38.73 23.59 -11.68
CA PRO C 294 -39.41 22.35 -12.05
C PRO C 294 -38.50 21.14 -11.81
N MET C 295 -38.85 20.32 -10.83
CA MET C 295 -37.94 19.33 -10.28
C MET C 295 -38.52 17.93 -10.43
N LEU C 296 -37.65 16.96 -10.67
CA LEU C 296 -38.04 15.56 -10.86
C LEU C 296 -37.18 14.70 -9.94
N MET C 297 -37.82 13.84 -9.14
CA MET C 297 -37.10 12.93 -8.27
C MET C 297 -37.34 11.49 -8.71
N LEU C 298 -36.26 10.75 -8.89
CA LEU C 298 -36.31 9.31 -9.14
C LEU C 298 -35.44 8.58 -8.12
N GLY C 299 -35.72 7.30 -7.95
CA GLY C 299 -35.00 6.50 -7.00
C GLY C 299 -33.76 5.88 -7.59
N GLY C 300 -33.68 4.57 -7.55
CA GLY C 300 -32.47 3.92 -8.06
C GLY C 300 -31.44 3.71 -6.99
N GLY C 301 -30.87 2.52 -6.96
CA GLY C 301 -29.98 2.17 -5.89
C GLY C 301 -30.73 1.83 -4.62
N GLY C 302 -29.96 1.50 -3.59
CA GLY C 302 -30.51 1.11 -2.31
C GLY C 302 -30.74 -0.39 -2.22
N TYR C 303 -30.07 -1.05 -1.27
CA TYR C 303 -30.12 -2.51 -1.24
C TYR C 303 -30.39 -3.09 0.15
N THR C 304 -30.46 -2.28 1.19
CA THR C 304 -31.03 -2.71 2.47
C THR C 304 -32.47 -2.19 2.47
N ILE C 305 -33.42 -3.12 2.30
CA ILE C 305 -34.76 -2.75 1.85
C ILE C 305 -35.45 -1.86 2.88
N ARG C 306 -35.34 -2.19 4.17
CA ARG C 306 -36.02 -1.38 5.18
C ARG C 306 -35.47 0.04 5.23
N ASN C 307 -34.15 0.20 5.14
CA ASN C 307 -33.56 1.53 5.10
C ASN C 307 -34.02 2.29 3.87
N VAL C 308 -34.14 1.60 2.73
CA VAL C 308 -34.61 2.25 1.51
C VAL C 308 -36.03 2.74 1.69
N ALA C 309 -36.89 1.90 2.26
CA ALA C 309 -38.29 2.31 2.47
C ALA C 309 -38.37 3.52 3.39
N ARG C 310 -37.61 3.51 4.49
CA ARG C 310 -37.61 4.65 5.40
C ARG C 310 -37.13 5.91 4.69
N CYS C 311 -36.01 5.81 3.96
CA CYS C 311 -35.43 6.98 3.30
C CYS C 311 -36.36 7.55 2.27
N TRP C 312 -36.99 6.71 1.46
CA TRP C 312 -37.86 7.23 0.41
C TRP C 312 -39.17 7.74 0.96
N THR C 313 -39.68 7.16 2.04
CA THR C 313 -40.86 7.74 2.69
C THR C 313 -40.54 9.13 3.22
N TYR C 314 -39.36 9.30 3.82
CA TYR C 314 -38.96 10.63 4.28
C TYR C 314 -38.78 11.59 3.11
N GLU C 315 -38.21 11.10 2.00
CA GLU C 315 -37.99 11.96 0.84
C GLU C 315 -39.31 12.46 0.27
N THR C 316 -40.31 11.56 0.19
CA THR C 316 -41.62 11.99 -0.26
C THR C 316 -42.30 12.88 0.76
N ALA C 317 -41.96 12.73 2.04
CA ALA C 317 -42.53 13.59 3.07
C ALA C 317 -41.94 14.99 3.02
N VAL C 318 -40.64 15.10 2.71
CA VAL C 318 -40.01 16.41 2.63
C VAL C 318 -40.34 17.11 1.32
N ALA C 319 -40.80 16.37 0.31
CA ALA C 319 -41.25 17.00 -0.92
C ALA C 319 -42.55 17.77 -0.71
N LEU C 320 -43.43 17.27 0.16
CA LEU C 320 -44.71 17.89 0.44
C LEU C 320 -44.62 18.93 1.55
N ASP C 321 -43.43 19.15 2.11
CA ASP C 321 -43.26 20.03 3.26
C ASP C 321 -44.16 19.63 4.42
N THR C 322 -44.31 18.32 4.62
CA THR C 322 -45.18 17.77 5.65
C THR C 322 -44.33 17.07 6.70
N GLU C 323 -44.49 17.49 7.96
CA GLU C 323 -43.83 16.80 9.06
C GLU C 323 -44.52 15.46 9.33
N ILE C 324 -43.71 14.46 9.67
CA ILE C 324 -44.24 13.11 9.88
C ILE C 324 -43.77 12.57 11.21
N PRO C 325 -44.56 11.73 11.87
CA PRO C 325 -44.13 11.17 13.16
C PRO C 325 -42.95 10.23 13.01
N ASN C 326 -42.14 10.16 14.06
CA ASN C 326 -41.00 9.25 14.05
C ASN C 326 -41.41 7.80 14.22
N GLU C 327 -42.49 7.55 14.95
CA GLU C 327 -42.97 6.18 15.14
C GLU C 327 -43.61 5.67 13.86
N LEU C 328 -43.50 4.37 13.63
CA LEU C 328 -44.07 3.76 12.43
C LEU C 328 -45.46 3.24 12.71
N PRO C 329 -46.49 3.71 12.02
CA PRO C 329 -47.84 3.17 12.22
C PRO C 329 -47.97 1.77 11.63
N TYR C 330 -48.96 1.05 12.14
CA TYR C 330 -49.18 -0.32 11.70
C TYR C 330 -49.53 -0.37 10.22
N ASN C 331 -48.87 -1.27 9.50
CA ASN C 331 -49.08 -1.45 8.07
C ASN C 331 -48.90 -2.93 7.75
N ASP C 332 -48.90 -3.26 6.46
CA ASP C 332 -48.78 -4.65 6.06
C ASP C 332 -47.39 -5.21 6.34
N TYR C 333 -46.37 -4.37 6.30
CA TYR C 333 -44.98 -4.78 6.48
C TYR C 333 -44.42 -4.30 7.82
N PHE C 334 -45.24 -4.32 8.86
CA PHE C 334 -44.82 -3.84 10.17
C PHE C 334 -43.70 -4.69 10.75
N GLU C 335 -43.78 -6.01 10.57
CA GLU C 335 -42.79 -6.91 11.14
C GLU C 335 -41.42 -6.73 10.51
N TYR C 336 -41.36 -6.17 9.30
CA TYR C 336 -40.07 -6.03 8.61
C TYR C 336 -39.18 -4.97 9.24
N PHE C 337 -39.76 -4.01 9.97
CA PHE C 337 -39.03 -2.86 10.47
C PHE C 337 -38.58 -3.02 11.91
N GLY C 338 -38.79 -4.19 12.50
CA GLY C 338 -38.44 -4.41 13.89
C GLY C 338 -36.94 -4.52 14.10
N PRO C 339 -36.51 -4.57 15.37
CA PRO C 339 -37.31 -4.49 16.59
C PRO C 339 -37.44 -3.08 17.15
N ASP C 340 -36.74 -2.10 16.57
CA ASP C 340 -36.80 -0.74 17.08
C ASP C 340 -38.13 -0.07 16.72
N PHE C 341 -38.64 -0.33 15.52
CA PHE C 341 -39.93 0.21 15.06
C PHE C 341 -39.90 1.74 15.03
N LYS C 342 -38.87 2.29 14.39
CA LYS C 342 -38.71 3.73 14.26
C LYS C 342 -38.35 4.09 12.82
N LEU C 343 -38.74 5.30 12.42
CA LEU C 343 -38.50 5.73 11.04
C LEU C 343 -37.05 6.07 10.80
N HIS C 344 -36.39 6.73 11.74
CA HIS C 344 -35.03 7.20 11.54
C HIS C 344 -34.02 6.15 11.94
N ILE C 345 -32.86 6.17 11.29
CA ILE C 345 -31.81 5.19 11.48
C ILE C 345 -30.57 5.89 12.01
N SER C 346 -29.89 5.24 12.96
CA SER C 346 -28.71 5.80 13.58
C SER C 346 -27.46 5.55 12.74
N PRO C 347 -26.48 6.45 12.79
CA PRO C 347 -25.24 6.24 12.04
C PRO C 347 -24.36 5.18 12.69
N SER C 348 -23.43 4.66 11.89
CA SER C 348 -22.51 3.63 12.34
C SER C 348 -21.30 4.29 13.02
N ASN C 349 -20.35 3.46 13.46
CA ASN C 349 -19.12 3.93 14.08
C ASN C 349 -17.98 4.04 13.06
N MET C 350 -18.31 4.14 11.78
CA MET C 350 -17.30 4.14 10.73
C MET C 350 -16.45 5.39 10.79
N THR C 351 -15.14 5.22 10.60
CA THR C 351 -14.23 6.35 10.65
C THR C 351 -14.31 7.16 9.35
N ASN C 352 -14.46 8.47 9.49
CA ASN C 352 -14.55 9.35 8.32
C ASN C 352 -13.17 9.51 7.70
N GLN C 353 -13.01 9.03 6.47
CA GLN C 353 -11.76 9.15 5.73
C GLN C 353 -11.70 10.42 4.89
N ASN C 354 -12.74 11.24 4.92
CA ASN C 354 -12.80 12.49 4.17
C ASN C 354 -12.27 13.61 5.07
N THR C 355 -10.96 13.79 5.06
CA THR C 355 -10.34 14.85 5.84
C THR C 355 -10.75 16.22 5.32
N ASN C 356 -10.64 17.22 6.20
CA ASN C 356 -11.04 18.58 5.82
C ASN C 356 -10.22 19.09 4.66
N GLU C 357 -8.91 18.83 4.67
CA GLU C 357 -8.05 19.33 3.60
C GLU C 357 -8.42 18.71 2.26
N TYR C 358 -8.75 17.42 2.25
CA TYR C 358 -9.15 16.76 1.01
C TYR C 358 -10.39 17.40 0.41
N LEU C 359 -11.43 17.57 1.23
CA LEU C 359 -12.66 18.17 0.73
C LEU C 359 -12.43 19.61 0.29
N GLU C 360 -11.63 20.37 1.04
CA GLU C 360 -11.35 21.75 0.67
C GLU C 360 -10.64 21.82 -0.67
N LYS C 361 -9.63 20.96 -0.88
CA LYS C 361 -8.91 20.98 -2.15
C LYS C 361 -9.81 20.57 -3.31
N ILE C 362 -10.63 19.54 -3.13
CA ILE C 362 -11.53 19.11 -4.20
C ILE C 362 -12.53 20.22 -4.53
N LYS C 363 -13.09 20.85 -3.51
CA LYS C 363 -14.08 21.90 -3.74
C LYS C 363 -13.46 23.10 -4.43
N GLN C 364 -12.24 23.47 -4.03
CA GLN C 364 -11.56 24.59 -4.69
C GLN C 364 -11.25 24.27 -6.14
N ARG C 365 -10.84 23.03 -6.42
CA ARG C 365 -10.60 22.64 -7.81
C ARG C 365 -11.89 22.71 -8.63
N LEU C 366 -13.01 22.24 -8.06
CA LEU C 366 -14.27 22.32 -8.77
C LEU C 366 -14.70 23.76 -9.00
N PHE C 367 -14.47 24.63 -8.02
CA PHE C 367 -14.78 26.05 -8.21
C PHE C 367 -13.93 26.65 -9.31
N GLU C 368 -12.65 26.30 -9.37
CA GLU C 368 -11.80 26.80 -10.44
C GLU C 368 -12.27 26.28 -11.80
N ASN C 369 -12.77 25.04 -11.85
CA ASN C 369 -13.33 24.53 -13.10
C ASN C 369 -14.60 25.27 -13.49
N LEU C 370 -15.44 25.61 -12.50
CA LEU C 370 -16.74 26.20 -12.81
C LEU C 370 -16.63 27.64 -13.25
N ARG C 371 -15.56 28.33 -12.86
CA ARG C 371 -15.38 29.72 -13.28
C ARG C 371 -15.23 29.83 -14.80
N MET C 372 -14.69 28.81 -15.43
CA MET C 372 -14.47 28.81 -16.88
C MET C 372 -15.74 28.52 -17.66
N LEU C 373 -16.83 28.21 -17.00
CA LEU C 373 -18.09 27.95 -17.68
C LEU C 373 -18.62 29.27 -18.24
N PRO C 374 -18.93 29.33 -19.54
CA PRO C 374 -19.36 30.60 -20.13
C PRO C 374 -20.67 31.09 -19.55
N HIS C 375 -20.81 32.42 -19.50
CA HIS C 375 -22.02 33.03 -18.97
C HIS C 375 -23.20 32.76 -19.89
N ALA C 376 -24.35 32.47 -19.29
CA ALA C 376 -25.57 32.21 -20.05
C ALA C 376 -26.12 33.49 -20.65
N MET D 21 -14.11 7.39 -20.24
CA MET D 21 -15.21 8.10 -20.86
C MET D 21 -15.14 8.01 -22.38
N ARG D 22 -16.13 7.35 -22.98
CA ARG D 22 -16.15 7.17 -24.42
C ARG D 22 -16.92 8.30 -25.10
N VAL D 23 -16.39 8.75 -26.25
CA VAL D 23 -17.00 9.82 -27.03
C VAL D 23 -17.20 9.31 -28.45
N GLY D 24 -18.42 9.46 -28.97
CA GLY D 24 -18.75 9.01 -30.30
C GLY D 24 -20.25 9.01 -30.54
N PRO D 25 -20.65 9.02 -31.81
CA PRO D 25 -22.09 8.99 -32.11
C PRO D 25 -22.80 7.73 -31.64
N GLN D 26 -22.07 6.64 -31.41
CA GLN D 26 -22.68 5.41 -30.94
C GLN D 26 -22.75 5.32 -29.42
N TYR D 27 -22.35 6.38 -28.71
CA TYR D 27 -22.41 6.43 -27.25
C TYR D 27 -23.28 7.55 -26.71
N GLN D 28 -23.17 8.75 -27.27
CA GLN D 28 -23.89 9.91 -26.77
C GLN D 28 -25.32 9.93 -27.30
N ALA D 29 -26.13 10.82 -26.72
CA ALA D 29 -27.52 10.98 -27.11
C ALA D 29 -27.67 12.10 -28.13
N VAL D 30 -28.75 12.03 -28.89
CA VAL D 30 -29.06 13.03 -29.92
C VAL D 30 -29.93 14.10 -29.26
N VAL D 31 -29.31 15.20 -28.85
CA VAL D 31 -30.02 16.28 -28.18
C VAL D 31 -30.78 17.11 -29.20
N PRO D 32 -32.10 17.28 -29.04
CA PRO D 32 -32.86 18.08 -30.00
C PRO D 32 -32.55 19.57 -29.85
N ASP D 33 -32.77 20.30 -30.94
CA ASP D 33 -32.60 21.74 -30.93
C ASP D 33 -33.80 22.42 -30.27
N PHE D 34 -33.54 23.59 -29.69
CA PHE D 34 -34.56 24.36 -28.97
C PHE D 34 -35.09 25.46 -29.87
N ASP D 35 -36.38 25.41 -30.17
CA ASP D 35 -37.05 26.42 -30.99
C ASP D 35 -38.05 27.18 -30.12
N PRO D 36 -37.75 28.43 -29.75
CA PRO D 36 -38.66 29.15 -28.85
C PRO D 36 -40.06 29.31 -29.40
N ALA D 37 -40.21 29.44 -30.73
CA ALA D 37 -41.53 29.65 -31.31
C ALA D 37 -42.39 28.38 -31.30
N LYS D 38 -41.79 27.22 -31.07
CA LYS D 38 -42.50 25.95 -31.10
C LYS D 38 -42.94 25.46 -29.73
N LEU D 39 -42.75 26.28 -28.68
CA LEU D 39 -43.06 25.84 -27.32
C LEU D 39 -44.55 25.65 -27.10
N ALA D 40 -45.38 26.54 -27.66
CA ALA D 40 -46.79 26.58 -27.28
C ALA D 40 -47.65 25.57 -28.05
N ARG D 41 -47.06 24.79 -28.95
CA ARG D 41 -47.84 23.89 -29.80
C ARG D 41 -47.68 22.42 -29.46
N ARG D 42 -46.46 21.92 -29.27
CA ARG D 42 -46.25 20.48 -29.09
C ARG D 42 -46.91 19.98 -27.81
N SER D 43 -46.77 20.73 -26.71
CA SER D 43 -47.31 20.28 -25.43
C SER D 43 -48.83 20.17 -25.47
N GLN D 44 -49.51 21.17 -26.02
CA GLN D 44 -50.96 21.13 -26.11
C GLN D 44 -51.45 20.07 -27.09
N GLU D 45 -50.57 19.48 -27.90
CA GLU D 45 -50.94 18.42 -28.82
C GLU D 45 -50.59 17.03 -28.30
N ARG D 46 -49.86 16.92 -27.21
CA ARG D 46 -49.48 15.63 -26.64
C ARG D 46 -50.39 15.29 -25.46
N ASP D 47 -50.94 14.08 -25.48
CA ASP D 47 -51.82 13.64 -24.41
C ASP D 47 -51.02 13.24 -23.18
N ASN D 48 -51.65 13.34 -22.02
CA ASN D 48 -51.01 12.92 -20.77
C ASN D 48 -50.85 11.41 -20.78
N LEU D 49 -49.61 10.94 -20.74
CA LEU D 49 -49.30 9.51 -20.82
C LEU D 49 -49.39 8.85 -19.45
N GLY D 50 -50.51 9.02 -18.77
CA GLY D 50 -50.72 8.41 -17.48
C GLY D 50 -52.18 8.48 -17.10
N MET D 51 -52.60 7.50 -16.30
CA MET D 51 -53.99 7.37 -15.86
C MET D 51 -54.09 7.84 -14.42
N LEU D 52 -54.98 8.79 -14.17
CA LEU D 52 -55.16 9.34 -12.83
C LEU D 52 -56.03 8.40 -12.01
N VAL D 53 -55.55 8.05 -10.82
CA VAL D 53 -56.32 7.19 -9.91
C VAL D 53 -56.73 7.90 -8.63
N TRP D 54 -56.11 9.02 -8.27
CA TRP D 54 -56.53 9.78 -7.11
C TRP D 54 -56.07 11.23 -7.24
N SER D 55 -56.91 12.15 -6.80
CA SER D 55 -56.62 13.57 -6.75
C SER D 55 -57.12 14.12 -5.43
N PRO D 56 -56.39 15.06 -4.82
CA PRO D 56 -56.81 15.60 -3.53
C PRO D 56 -58.10 16.39 -3.62
N ASN D 57 -58.87 16.34 -2.54
CA ASN D 57 -60.11 17.11 -2.41
C ASN D 57 -60.04 17.91 -1.13
N GLN D 58 -60.18 19.23 -1.24
CA GLN D 58 -60.05 20.11 -0.10
C GLN D 58 -61.34 20.28 0.69
N ASN D 59 -62.47 19.81 0.16
CA ASN D 59 -63.75 19.93 0.85
C ASN D 59 -64.09 18.74 1.72
N LEU D 60 -63.20 17.76 1.82
CA LEU D 60 -63.44 16.54 2.58
C LEU D 60 -62.65 16.55 3.87
N SER D 61 -63.33 16.31 4.99
CA SER D 61 -62.66 16.26 6.28
C SER D 61 -61.84 14.99 6.42
N GLU D 62 -60.73 15.08 7.14
CA GLU D 62 -59.86 13.92 7.33
C GLU D 62 -60.52 12.85 8.19
N ALA D 63 -61.30 13.26 9.19
CA ALA D 63 -61.94 12.29 10.07
C ALA D 63 -62.94 11.42 9.32
N LYS D 64 -63.71 12.02 8.42
CA LYS D 64 -64.66 11.24 7.63
C LYS D 64 -63.95 10.24 6.74
N LEU D 65 -62.84 10.66 6.12
CA LEU D 65 -62.06 9.74 5.29
C LEU D 65 -61.48 8.61 6.14
N ASP D 66 -60.99 8.92 7.33
CA ASP D 66 -60.47 7.87 8.21
C ASP D 66 -61.55 6.89 8.60
N GLU D 67 -62.75 7.38 8.93
CA GLU D 67 -63.86 6.50 9.28
C GLU D 67 -64.24 5.62 8.10
N TYR D 68 -64.30 6.20 6.89
CA TYR D 68 -64.63 5.42 5.71
C TYR D 68 -63.59 4.34 5.44
N ILE D 69 -62.31 4.69 5.60
CA ILE D 69 -61.23 3.72 5.40
C ILE D 69 -61.34 2.59 6.40
N ALA D 70 -61.60 2.92 7.67
CA ALA D 70 -61.73 1.90 8.69
C ALA D 70 -62.91 0.97 8.40
N ILE D 71 -64.05 1.55 7.99
CA ILE D 71 -65.22 0.75 7.67
C ILE D 71 -64.93 -0.17 6.50
N ALA D 72 -64.28 0.35 5.46
CA ALA D 72 -63.96 -0.47 4.29
C ALA D 72 -63.01 -1.60 4.65
N LYS D 73 -62.01 -1.31 5.49
CA LYS D 73 -61.02 -2.32 5.83
C LYS D 73 -61.60 -3.40 6.74
N GLU D 74 -62.51 -3.01 7.65
CA GLU D 74 -63.02 -3.97 8.62
C GLU D 74 -64.26 -4.70 8.11
N LYS D 75 -65.32 -3.95 7.78
CA LYS D 75 -66.59 -4.56 7.44
C LYS D 75 -66.57 -5.28 6.10
N HIS D 76 -65.85 -4.75 5.11
CA HIS D 76 -65.89 -5.29 3.75
C HIS D 76 -64.59 -5.94 3.32
N GLY D 77 -63.50 -5.80 4.08
CA GLY D 77 -62.26 -6.44 3.71
C GLY D 77 -61.45 -5.75 2.65
N TYR D 78 -61.88 -4.58 2.19
CA TYR D 78 -61.10 -3.82 1.21
C TYR D 78 -59.77 -3.39 1.80
N ASN D 79 -58.74 -3.40 0.96
CA ASN D 79 -57.43 -2.95 1.39
C ASN D 79 -57.33 -1.43 1.30
N MET D 80 -56.14 -0.91 1.61
CA MET D 80 -55.95 0.54 1.66
C MET D 80 -56.11 1.18 0.29
N GLU D 81 -55.52 0.57 -0.75
CA GLU D 81 -55.52 1.20 -2.07
C GLU D 81 -56.88 1.10 -2.76
N GLN D 82 -57.53 -0.07 -2.67
CA GLN D 82 -58.76 -0.30 -3.42
C GLN D 82 -59.89 0.60 -2.92
N ALA D 83 -59.99 0.79 -1.61
CA ALA D 83 -61.06 1.62 -1.08
C ALA D 83 -60.96 3.05 -1.57
N LEU D 84 -59.74 3.60 -1.60
CA LEU D 84 -59.57 4.98 -2.07
C LEU D 84 -59.71 5.07 -3.58
N GLY D 85 -59.30 4.03 -4.30
CA GLY D 85 -59.56 4.02 -5.74
C GLY D 85 -61.03 3.98 -6.07
N MET D 86 -61.81 3.27 -5.25
CA MET D 86 -63.26 3.23 -5.44
C MET D 86 -63.89 4.56 -5.04
N LEU D 87 -63.37 5.19 -3.98
CA LEU D 87 -63.90 6.46 -3.53
C LEU D 87 -63.75 7.54 -4.60
N PHE D 88 -62.62 7.54 -5.31
CA PHE D 88 -62.41 8.51 -6.38
C PHE D 88 -63.37 8.27 -7.54
N TRP D 89 -63.86 7.03 -7.69
CA TRP D 89 -64.77 6.72 -8.80
C TRP D 89 -66.09 7.47 -8.66
N HIS D 90 -66.53 7.74 -7.42
CA HIS D 90 -67.75 8.49 -7.18
C HIS D 90 -67.50 9.97 -6.95
N LYS D 91 -66.32 10.47 -7.33
CA LYS D 91 -65.94 11.87 -7.15
C LYS D 91 -66.00 12.27 -5.67
N HIS D 92 -65.30 11.50 -4.84
CA HIS D 92 -65.18 11.76 -3.41
C HIS D 92 -66.54 11.79 -2.71
N ASN D 93 -67.43 10.88 -3.09
CA ASN D 93 -68.74 10.76 -2.45
C ASN D 93 -68.68 9.59 -1.47
N ILE D 94 -68.63 9.91 -0.17
CA ILE D 94 -68.48 8.87 0.85
C ILE D 94 -69.73 8.01 0.94
N GLU D 95 -70.91 8.64 0.91
CA GLU D 95 -72.16 7.88 1.07
C GLU D 95 -72.36 6.92 -0.09
N LYS D 96 -72.15 7.38 -1.33
CA LYS D 96 -72.31 6.51 -2.49
C LYS D 96 -71.29 5.38 -2.47
N SER D 97 -70.04 5.67 -2.10
CA SER D 97 -69.01 4.64 -2.03
C SER D 97 -69.37 3.59 -0.99
N LEU D 98 -69.84 4.02 0.19
CA LEU D 98 -70.23 3.07 1.22
C LEU D 98 -71.42 2.24 0.78
N ALA D 99 -72.38 2.86 0.09
CA ALA D 99 -73.54 2.10 -0.39
C ALA D 99 -73.14 1.08 -1.43
N ASP D 100 -72.21 1.42 -2.31
CA ASP D 100 -71.80 0.52 -3.38
C ASP D 100 -70.62 -0.36 -3.03
N LEU D 101 -70.08 -0.24 -1.81
CA LEU D 101 -68.97 -1.10 -1.41
C LEU D 101 -69.35 -2.58 -1.37
N PRO D 102 -70.44 -3.02 -0.74
CA PRO D 102 -70.75 -4.45 -0.75
C PRO D 102 -71.11 -5.00 -2.12
N ASN D 103 -71.49 -4.13 -3.07
CA ASN D 103 -71.88 -4.61 -4.39
C ASN D 103 -70.71 -5.15 -5.20
N PHE D 104 -69.48 -4.73 -4.87
CA PHE D 104 -68.29 -5.17 -5.58
C PHE D 104 -67.36 -5.90 -4.62
N THR D 105 -66.93 -7.09 -5.01
CA THR D 105 -65.96 -7.83 -4.21
C THR D 105 -64.54 -7.47 -4.63
N PRO D 106 -63.65 -7.15 -3.69
CA PRO D 106 -62.26 -6.82 -4.05
C PRO D 106 -61.45 -8.08 -4.37
N PHE D 107 -61.58 -8.54 -5.62
CA PHE D 107 -61.03 -9.79 -6.12
C PHE D 107 -59.55 -9.95 -5.78
N PRO D 108 -59.20 -10.87 -4.89
CA PRO D 108 -57.81 -11.15 -4.60
C PRO D 108 -57.29 -12.33 -5.42
N ASP D 109 -55.98 -12.56 -5.29
CA ASP D 109 -55.41 -13.80 -5.82
C ASP D 109 -55.92 -14.97 -4.99
N GLU D 110 -56.78 -15.79 -5.57
CA GLU D 110 -57.51 -16.81 -4.82
C GLU D 110 -56.56 -17.95 -4.44
N TRP D 111 -55.79 -17.71 -3.38
CA TRP D 111 -54.87 -18.70 -2.84
C TRP D 111 -55.60 -19.48 -1.75
N THR D 112 -55.95 -20.72 -2.04
CA THR D 112 -56.64 -21.56 -1.06
C THR D 112 -55.64 -22.11 -0.04
N VAL D 113 -56.17 -22.86 0.93
CA VAL D 113 -55.33 -23.50 1.93
C VAL D 113 -54.40 -24.52 1.27
N GLU D 114 -54.94 -25.30 0.33
CA GLU D 114 -54.11 -26.24 -0.41
C GLU D 114 -53.03 -25.53 -1.19
N ASP D 115 -53.37 -24.38 -1.80
CA ASP D 115 -52.38 -23.61 -2.53
C ASP D 115 -51.28 -23.10 -1.60
N LYS D 116 -51.66 -22.65 -0.40
CA LYS D 116 -50.67 -22.17 0.56
C LYS D 116 -49.75 -23.30 1.00
N VAL D 117 -50.31 -24.50 1.25
CA VAL D 117 -49.49 -25.63 1.65
C VAL D 117 -48.54 -26.03 0.53
N LEU D 118 -49.03 -26.06 -0.70
CA LEU D 118 -48.19 -26.41 -1.84
C LEU D 118 -47.07 -25.39 -2.03
N PHE D 119 -47.38 -24.11 -1.87
CA PHE D 119 -46.34 -23.08 -2.00
C PHE D 119 -45.32 -23.19 -0.87
N GLU D 120 -45.77 -23.52 0.34
CA GLU D 120 -44.83 -23.74 1.44
C GLU D 120 -43.89 -24.89 1.14
N GLN D 121 -44.43 -25.99 0.60
CA GLN D 121 -43.57 -27.12 0.22
C GLN D 121 -42.61 -26.72 -0.89
N ALA D 122 -43.08 -25.94 -1.86
CA ALA D 122 -42.22 -25.51 -2.96
C ALA D 122 -41.09 -24.62 -2.45
N PHE D 123 -41.39 -23.70 -1.53
CA PHE D 123 -40.35 -22.87 -0.96
C PHE D 123 -39.37 -23.68 -0.13
N SER D 124 -39.87 -24.68 0.62
CA SER D 124 -38.98 -25.52 1.40
C SER D 124 -38.05 -26.32 0.51
N PHE D 125 -38.54 -26.79 -0.64
CA PHE D 125 -37.72 -27.61 -1.52
C PHE D 125 -36.79 -26.78 -2.39
N HIS D 126 -37.35 -25.94 -3.27
CA HIS D 126 -36.58 -25.23 -4.27
C HIS D 126 -36.17 -23.83 -3.85
N GLY D 127 -36.54 -23.39 -2.65
CA GLY D 127 -36.15 -22.06 -2.22
C GLY D 127 -36.90 -20.98 -2.97
N LYS D 128 -36.22 -19.85 -3.19
CA LYS D 128 -36.81 -18.70 -3.88
C LYS D 128 -36.73 -18.81 -5.39
N THR D 129 -36.47 -20.01 -5.92
CA THR D 129 -36.48 -20.23 -7.36
C THR D 129 -37.92 -20.39 -7.81
N PHE D 130 -38.53 -19.28 -8.23
CA PHE D 130 -39.95 -19.27 -8.56
C PHE D 130 -40.26 -19.97 -9.87
N HIS D 131 -39.28 -20.11 -10.77
CA HIS D 131 -39.51 -20.85 -12.00
C HIS D 131 -39.77 -22.32 -11.71
N ARG D 132 -39.01 -22.91 -10.77
CA ARG D 132 -39.27 -24.29 -10.36
C ARG D 132 -40.56 -24.40 -9.57
N ILE D 133 -40.92 -23.36 -8.81
CA ILE D 133 -42.19 -23.37 -8.09
C ILE D 133 -43.36 -23.39 -9.06
N GLN D 134 -43.24 -22.64 -10.17
CA GLN D 134 -44.30 -22.60 -11.17
C GLN D 134 -44.55 -23.97 -11.80
N GLN D 135 -43.57 -24.86 -11.78
CA GLN D 135 -43.77 -26.21 -12.32
C GLN D 135 -44.85 -26.95 -11.54
N MET D 136 -44.81 -26.84 -10.21
CA MET D 136 -45.80 -27.52 -9.37
C MET D 136 -47.07 -26.70 -9.18
N LEU D 137 -47.05 -25.42 -9.53
CA LEU D 137 -48.23 -24.55 -9.52
C LEU D 137 -48.38 -23.90 -10.87
N PRO D 138 -48.81 -24.65 -11.89
CA PRO D 138 -48.93 -24.07 -13.24
C PRO D 138 -50.00 -23.01 -13.37
N ASP D 139 -51.03 -23.03 -12.52
CA ASP D 139 -52.10 -22.04 -12.62
C ASP D 139 -51.71 -20.68 -12.06
N LYS D 140 -50.60 -20.58 -11.34
CA LYS D 140 -50.15 -19.33 -10.75
C LYS D 140 -48.98 -18.79 -11.55
N SER D 141 -49.08 -17.53 -11.98
CA SER D 141 -48.01 -16.90 -12.73
C SER D 141 -46.84 -16.58 -11.81
N ILE D 142 -45.68 -16.30 -12.43
CA ILE D 142 -44.48 -15.98 -11.67
C ILE D 142 -44.70 -14.72 -10.84
N ALA D 143 -45.35 -13.71 -11.42
CA ALA D 143 -45.64 -12.49 -10.68
C ALA D 143 -46.53 -12.76 -9.48
N SER D 144 -47.55 -13.60 -9.65
CA SER D 144 -48.41 -13.96 -8.54
C SER D 144 -47.64 -14.69 -7.45
N LEU D 145 -46.77 -15.62 -7.83
CA LEU D 145 -45.97 -16.34 -6.84
C LEU D 145 -45.06 -15.40 -6.08
N VAL D 146 -44.42 -14.45 -6.77
CA VAL D 146 -43.54 -13.50 -6.11
C VAL D 146 -44.33 -12.61 -5.16
N LYS D 147 -45.51 -12.16 -5.59
CA LYS D 147 -46.35 -11.34 -4.72
C LYS D 147 -46.78 -12.10 -3.48
N PHE D 148 -47.13 -13.37 -3.64
CA PHE D 148 -47.55 -14.16 -2.49
C PHE D 148 -46.39 -14.46 -1.54
N TYR D 149 -45.19 -14.67 -2.10
CA TYR D 149 -44.05 -15.03 -1.27
C TYR D 149 -43.71 -13.93 -0.27
N TYR D 150 -43.72 -12.68 -0.71
CA TYR D 150 -43.35 -11.58 0.18
C TYR D 150 -44.41 -11.35 1.25
N SER D 151 -45.68 -11.59 0.93
CA SER D 151 -46.71 -11.52 1.95
C SER D 151 -46.68 -12.72 2.88
N TRP D 152 -46.27 -13.88 2.38
CA TRP D 152 -46.21 -15.08 3.22
C TRP D 152 -45.05 -15.02 4.21
N LYS D 153 -43.94 -14.37 3.83
CA LYS D 153 -42.76 -14.35 4.67
C LYS D 153 -42.91 -13.47 5.90
N LYS D 154 -43.98 -12.67 5.99
CA LYS D 154 -44.19 -11.80 7.14
C LYS D 154 -44.34 -12.63 8.41
N THR D 155 -45.10 -13.72 8.36
CA THR D 155 -45.33 -14.57 9.52
C THR D 155 -44.05 -15.31 9.91
ZN ZN E . -25.88 2.89 -6.71
C1 IHP F . -33.20 -11.78 3.46
C2 IHP F . -33.92 -12.64 2.45
C3 IHP F . -33.24 -12.57 1.09
C4 IHP F . -31.77 -12.93 1.20
C5 IHP F . -31.07 -12.07 2.24
C6 IHP F . -31.75 -12.23 3.58
O11 IHP F . -33.83 -11.95 4.75
P1 IHP F . -34.17 -10.81 5.85
O21 IHP F . -33.02 -10.80 6.81
O31 IHP F . -34.31 -9.51 5.07
O41 IHP F . -35.49 -11.23 6.49
O12 IHP F . -33.90 -14.01 2.90
P2 IHP F . -34.93 -14.82 3.87
O22 IHP F . -34.35 -14.71 5.27
O32 IHP F . -36.26 -14.13 3.74
O42 IHP F . -34.95 -16.25 3.36
O13 IHP F . -33.87 -13.52 0.21
P3 IHP F . -35.13 -13.34 -0.81
O23 IHP F . -36.26 -12.81 0.04
O33 IHP F . -35.38 -14.72 -1.37
O43 IHP F . -34.66 -12.36 -1.86
O14 IHP F . -31.14 -12.74 -0.09
P4 IHP F . -30.72 -13.86 -1.19
O24 IHP F . -30.13 -13.13 -2.37
O34 IHP F . -29.72 -14.75 -0.49
O44 IHP F . -32.00 -14.59 -1.54
O15 IHP F . -29.70 -12.53 2.36
P5 IHP F . -28.35 -11.88 1.74
O25 IHP F . -28.45 -10.39 1.96
O35 IHP F . -28.35 -12.27 0.27
O45 IHP F . -27.21 -12.51 2.50
O16 IHP F . -31.08 -11.41 4.55
P6 IHP F . -30.02 -11.86 5.70
O26 IHP F . -30.50 -13.20 6.20
O36 IHP F . -30.08 -10.77 6.76
O46 IHP F . -28.67 -11.92 5.02
#